data_6WET
#
_entry.id   6WET
#
_cell.length_a   83.111
_cell.length_b   158.885
_cell.length_c   209.832
_cell.angle_alpha   90.000
_cell.angle_beta   90.000
_cell.angle_gamma   90.000
#
_symmetry.space_group_name_H-M   'P 21 21 21'
#
loop_
_entity.id
_entity.type
_entity.pdbx_description
1 polymer 'Ectonucleotide pyrophosphatase/phosphodiesterase family member 1'
2 branched beta-D-mannopyranose-(1-4)-2-acetamido-2-deoxy-beta-D-glucopyranose-(1-4)-2-acetamido-2-deoxy-beta-D-glucopyranose
3 branched alpha-D-mannopyranose-(1-4)-2-acetamido-2-deoxy-beta-D-glucopyranose-(1-4)-2-acetamido-2-deoxy-beta-D-glucopyranose
4 branched 2-acetamido-2-deoxy-beta-D-glucopyranose-(1-4)-2-acetamido-2-deoxy-beta-D-glucopyranose
5 non-polymer 'ZINC ION'
6 non-polymer 2-acetamido-2-deoxy-beta-D-glucopyranose
7 non-polymer 1,2-ETHANEDIOL
8 water water
#
_entity_poly.entity_id   1
_entity_poly.type   'polypeptide(L)'
_entity_poly.pdbx_seq_one_letter_code
;MERDGCAGGGSRGGEGGRAPREGPAGNGRDRGRSHAAEAPGDPQAAASLLAPMDVGEEPLEKAARARTAKDPNTYKVLSL
VLSVCVLTTILGCIFGLKPSCAKEVKSCKGRCFERTFGNCRCDAACVELGNCCLDYQETCIEPEHIWTCNKFRCGEKRLT
RSLCACSDDCKDKGDCCINYSSVCQGEKSWVEEPCESINEPQCPAGFETPPTLLFSLDGFRAEYLHTWGGLLPVISKLKK
CGTYTKNMRPVYPTK(TPO)FPNHYSIVTGLYPESHGIIDNKMYDPKMNASFSLKSKEKFNPEWYKGEPIWVTAKYQGLK
SGTFFWPGSDVEINGIFPDIYKMYNGSVPFEERILAVLQWLQLPKDERPHFYTLYLEEPDSSGHSYGPVSSEVIKALQRV
DGMVGMLMDGLKELNLHRCLNLILISDHGMEQGSCKKYIYLNKYLGDVKNIKVIYGPAARLRPSDVPDKYYSFNYEGIAR
NLSCREPNQHFKPYLKHFLPKRLHFAKSDRIEPLTFYLDPQWQLALNPSERKYCGSGFHGSDNVFSNMQALFVGYGPGFK
HGIEADTFENIEVYNLMCDLLNLTPAPNNGTHGSLNHLLKNPVYTPKHPKEVHPLVQCPFTRNPRDNLGCSCNPSILPIE
DFQTQFNLTVAEEKIIKHETLPYGRPRVLQKENTICLLSQHQFMSGYSQDILMPLWTSYTVDRNDSFSTEDFSNCLYQDF
RIPLSPVHKCSFYKNNTKVSYGFLSPPQLNKNSSGIYSEALLTTNIVPMYQSFQVIWRYFHDTLLRKYAEERNGVNVVSG
PVFDFDYDGRCDSLENLRQKRRVIRNQEILIPTHFFIVLTSCKDTSQTPLHCENLDTLAFILPHRTDNSESCVHGKHDSS
WVEELLMLHRARITDVEHITGLSFYQQRKEPVSDILKLKTHLPTFSQED
;
_entity_poly.pdbx_strand_id   AaA,BaB
#
# COMPACT_ATOMS: atom_id res chain seq x y z
N VAL A 105 -18.70 -54.67 -4.01
CA VAL A 105 -18.27 -53.44 -3.26
C VAL A 105 -17.95 -52.33 -4.28
N LYS A 106 -18.14 -51.06 -3.90
CA LYS A 106 -17.99 -49.89 -4.78
C LYS A 106 -16.68 -49.13 -4.48
N SER A 107 -15.63 -49.82 -3.98
CA SER A 107 -14.33 -49.24 -3.56
C SER A 107 -13.17 -50.03 -4.17
N CYS A 108 -12.04 -49.37 -4.41
CA CYS A 108 -10.83 -49.97 -5.02
C CYS A 108 -9.87 -50.47 -3.93
N LYS A 109 -10.18 -50.28 -2.64
CA LYS A 109 -9.28 -50.73 -1.55
C LYS A 109 -9.07 -52.25 -1.68
N GLY A 110 -7.80 -52.67 -1.72
CA GLY A 110 -7.41 -54.08 -1.82
C GLY A 110 -7.29 -54.57 -3.25
N ARG A 111 -7.90 -53.89 -4.23
CA ARG A 111 -8.00 -54.45 -5.61
C ARG A 111 -7.42 -53.53 -6.69
N CYS A 112 -6.52 -52.60 -6.35
CA CYS A 112 -5.89 -51.73 -7.37
C CYS A 112 -5.30 -52.62 -8.47
N PHE A 113 -5.70 -52.35 -9.72
CA PHE A 113 -5.11 -52.89 -10.97
C PHE A 113 -5.52 -54.35 -11.20
N GLU A 114 -6.44 -54.90 -10.41
CA GLU A 114 -6.99 -56.25 -10.62
C GLU A 114 -8.27 -56.11 -11.46
N ARG A 115 -8.40 -56.90 -12.54
CA ARG A 115 -9.67 -57.02 -13.30
C ARG A 115 -10.73 -57.57 -12.32
N THR A 116 -11.96 -57.04 -12.37
CA THR A 116 -13.03 -57.38 -11.39
C THR A 116 -14.30 -57.81 -12.13
N PHE A 117 -15.26 -58.40 -11.40
CA PHE A 117 -16.58 -58.84 -11.92
C PHE A 117 -17.69 -57.85 -11.52
N GLY A 118 -17.45 -56.96 -10.55
CA GLY A 118 -18.49 -56.32 -9.73
C GLY A 118 -18.79 -54.88 -10.12
N ASN A 119 -18.86 -54.57 -11.42
CA ASN A 119 -19.53 -53.37 -12.00
C ASN A 119 -18.84 -52.05 -11.64
N CYS A 120 -17.58 -52.09 -11.19
CA CYS A 120 -16.81 -50.93 -10.63
C CYS A 120 -15.33 -51.23 -10.84
N ARG A 121 -14.64 -50.50 -11.73
CA ARG A 121 -13.28 -50.92 -12.20
C ARG A 121 -12.19 -50.13 -11.46
N CYS A 122 -11.00 -50.71 -11.41
CA CYS A 122 -9.80 -50.21 -10.70
C CYS A 122 -8.54 -50.41 -11.56
N ASP A 123 -8.70 -50.38 -12.88
CA ASP A 123 -7.59 -50.48 -13.87
C ASP A 123 -7.60 -49.21 -14.72
N ALA A 124 -6.48 -48.91 -15.40
CA ALA A 124 -6.22 -47.61 -16.07
C ALA A 124 -7.27 -47.34 -17.16
N ALA A 125 -7.84 -48.40 -17.76
CA ALA A 125 -8.82 -48.33 -18.87
C ALA A 125 -10.14 -47.72 -18.38
N CYS A 126 -10.52 -47.95 -17.13
CA CYS A 126 -11.81 -47.49 -16.53
C CYS A 126 -12.02 -46.00 -16.82
N VAL A 127 -10.95 -45.21 -16.84
CA VAL A 127 -11.01 -43.72 -16.89
C VAL A 127 -11.75 -43.31 -18.18
N GLU A 128 -11.29 -43.82 -19.33
CA GLU A 128 -11.88 -43.58 -20.67
C GLU A 128 -13.37 -43.99 -20.67
N LEU A 129 -13.71 -45.09 -20.00
CA LEU A 129 -15.08 -45.68 -19.98
C LEU A 129 -15.95 -45.00 -18.90
N GLY A 130 -15.34 -44.19 -18.04
CA GLY A 130 -16.01 -43.52 -16.91
C GLY A 130 -16.72 -44.49 -15.98
N ASN A 131 -16.14 -45.67 -15.75
CA ASN A 131 -16.72 -46.73 -14.87
C ASN A 131 -15.73 -47.07 -13.75
N CYS A 132 -14.81 -46.16 -13.43
CA CYS A 132 -13.91 -46.28 -12.25
C CYS A 132 -14.76 -46.18 -10.99
N CYS A 133 -14.36 -46.88 -9.93
CA CYS A 133 -14.89 -46.66 -8.56
C CYS A 133 -14.63 -45.21 -8.19
N LEU A 134 -15.47 -44.64 -7.32
CA LEU A 134 -15.38 -43.21 -6.95
C LEU A 134 -14.01 -42.91 -6.33
N ASP A 135 -13.32 -43.88 -5.72
CA ASP A 135 -12.06 -43.66 -4.96
C ASP A 135 -10.85 -44.20 -5.74
N TYR A 136 -11.00 -44.49 -7.02
CA TYR A 136 -9.92 -45.07 -7.87
C TYR A 136 -8.68 -44.18 -7.83
N GLN A 137 -8.80 -42.88 -8.13
CA GLN A 137 -7.65 -41.94 -8.21
C GLN A 137 -6.92 -41.86 -6.86
N GLU A 138 -7.67 -41.64 -5.77
CA GLU A 138 -7.13 -41.44 -4.41
C GLU A 138 -6.40 -42.69 -3.93
N THR A 139 -6.96 -43.88 -4.22
CA THR A 139 -6.50 -45.19 -3.71
C THR A 139 -5.33 -45.74 -4.54
N CYS A 140 -5.34 -45.56 -5.87
CA CYS A 140 -4.47 -46.32 -6.81
C CYS A 140 -3.43 -45.44 -7.52
N ILE A 141 -3.70 -44.16 -7.73
CA ILE A 141 -2.83 -43.27 -8.58
C ILE A 141 -2.13 -42.24 -7.70
N GLU A 142 -2.90 -41.43 -6.96
CA GLU A 142 -2.39 -40.32 -6.10
C GLU A 142 -1.14 -40.76 -5.34
N PRO A 143 -1.09 -41.95 -4.68
CA PRO A 143 0.10 -42.40 -3.95
C PRO A 143 1.43 -42.41 -4.71
N GLU A 144 1.40 -42.37 -6.05
CA GLU A 144 2.63 -42.27 -6.87
C GLU A 144 3.18 -40.83 -6.83
N HIS A 145 2.37 -39.85 -6.42
CA HIS A 145 2.62 -38.40 -6.64
C HIS A 145 2.53 -37.58 -5.33
N ILE A 146 2.25 -38.20 -4.18
CA ILE A 146 2.08 -37.47 -2.89
C ILE A 146 2.90 -38.12 -1.79
N TRP A 147 3.18 -37.33 -0.74
CA TRP A 147 4.00 -37.73 0.42
C TRP A 147 3.14 -37.80 1.69
N THR A 148 1.82 -37.92 1.54
CA THR A 148 0.86 -37.84 2.66
C THR A 148 -0.03 -39.07 2.72
N CYS A 149 -0.36 -39.54 3.92
CA CYS A 149 -1.51 -40.44 4.15
C CYS A 149 -2.78 -39.61 4.24
N ASN A 150 -3.94 -40.25 4.02
CA ASN A 150 -5.30 -39.66 4.08
C ASN A 150 -6.27 -40.82 4.34
N LYS A 151 -7.53 -40.55 4.66
CA LYS A 151 -8.51 -41.59 5.08
C LYS A 151 -8.65 -42.68 4.00
N PHE A 152 -8.38 -42.42 2.72
CA PHE A 152 -8.47 -43.44 1.63
C PHE A 152 -7.31 -44.44 1.69
N ARG A 153 -6.18 -44.01 2.24
CA ARG A 153 -4.91 -44.74 2.17
C ARG A 153 -4.65 -45.56 3.43
N CYS A 154 -5.26 -45.19 4.57
CA CYS A 154 -5.02 -45.87 5.87
C CYS A 154 -5.37 -47.34 5.72
N GLY A 155 -4.39 -48.23 5.92
CA GLY A 155 -4.55 -49.69 5.79
C GLY A 155 -4.60 -50.10 4.33
N GLU A 156 -3.99 -49.33 3.44
CA GLU A 156 -3.90 -49.67 2.00
C GLU A 156 -3.13 -50.99 1.86
N LYS A 157 -3.50 -51.79 0.86
CA LYS A 157 -2.62 -52.86 0.32
C LYS A 157 -1.42 -52.15 -0.30
N ARG A 158 -0.21 -52.44 0.19
CA ARG A 158 1.04 -51.78 -0.26
C ARG A 158 1.08 -51.77 -1.80
N LEU A 159 1.29 -50.59 -2.38
CA LEU A 159 1.52 -50.37 -3.84
C LEU A 159 3.03 -50.22 -4.06
N THR A 160 3.54 -50.77 -5.16
CA THR A 160 5.00 -50.86 -5.45
C THR A 160 5.56 -49.48 -5.78
N ARG A 161 4.76 -48.60 -6.40
CA ARG A 161 5.24 -47.34 -7.01
C ARG A 161 4.85 -46.14 -6.14
N SER A 162 4.32 -46.38 -4.93
CA SER A 162 3.99 -45.30 -3.97
C SER A 162 5.31 -44.72 -3.41
N LEU A 163 5.34 -43.41 -3.13
CA LEU A 163 6.53 -42.68 -2.63
C LEU A 163 6.78 -43.03 -1.16
N CYS A 164 5.70 -43.17 -0.40
CA CYS A 164 5.72 -43.63 1.01
C CYS A 164 4.48 -44.49 1.23
N ALA A 165 4.39 -45.19 2.36
CA ALA A 165 3.37 -46.22 2.62
C ALA A 165 2.43 -45.78 3.76
N CYS A 166 1.18 -46.24 3.69
CA CYS A 166 0.16 -46.13 4.77
C CYS A 166 -0.42 -47.53 5.05
N SER A 167 0.27 -48.57 4.57
CA SER A 167 -0.06 -50.00 4.83
C SER A 167 0.20 -50.32 6.30
N ASP A 168 -0.48 -51.33 6.84
CA ASP A 168 -0.41 -51.72 8.28
C ASP A 168 1.03 -52.11 8.65
N ASP A 169 1.80 -52.58 7.67
CA ASP A 169 3.20 -53.05 7.87
C ASP A 169 4.21 -51.90 7.74
N CYS A 170 3.78 -50.64 7.59
CA CYS A 170 4.68 -49.51 7.20
C CYS A 170 5.67 -49.20 8.34
N LYS A 171 5.24 -49.29 9.60
CA LYS A 171 6.11 -48.95 10.77
C LYS A 171 7.19 -50.03 10.88
N ASP A 172 6.84 -51.29 10.68
CA ASP A 172 7.78 -52.45 10.64
C ASP A 172 8.83 -52.21 9.55
N LYS A 173 8.42 -51.99 8.29
CA LYS A 173 9.36 -51.79 7.14
C LYS A 173 9.98 -50.38 7.19
N GLY A 174 9.53 -49.52 8.11
CA GLY A 174 10.10 -48.18 8.39
C GLY A 174 10.01 -47.23 7.20
N ASP A 175 8.86 -47.14 6.53
CA ASP A 175 8.66 -46.23 5.37
C ASP A 175 7.24 -45.64 5.36
N CYS A 176 6.64 -45.46 6.54
CA CYS A 176 5.38 -44.68 6.72
C CYS A 176 5.60 -43.25 6.23
N CYS A 177 4.62 -42.66 5.55
CA CYS A 177 4.53 -41.20 5.32
C CYS A 177 4.62 -40.50 6.69
N ILE A 178 5.24 -39.33 6.73
CA ILE A 178 5.51 -38.60 8.00
C ILE A 178 4.20 -38.39 8.77
N ASN A 179 3.08 -38.16 8.08
CA ASN A 179 1.79 -37.83 8.74
C ASN A 179 1.00 -39.11 9.08
N TYR A 180 1.61 -40.30 8.94
CA TYR A 180 0.92 -41.60 9.13
C TYR A 180 0.26 -41.70 10.51
N SER A 181 1.00 -41.39 11.58
CA SER A 181 0.52 -41.54 12.98
C SER A 181 -0.59 -40.54 13.30
N SER A 182 -0.54 -39.34 12.72
CA SER A 182 -1.56 -38.29 12.93
C SER A 182 -2.87 -38.70 12.26
N VAL A 183 -2.79 -39.18 11.01
CA VAL A 183 -3.98 -39.41 10.15
C VAL A 183 -4.55 -40.81 10.41
N CYS A 184 -3.70 -41.82 10.52
CA CYS A 184 -4.11 -43.25 10.51
C CYS A 184 -4.16 -43.87 11.91
N GLN A 185 -3.61 -43.23 12.94
CA GLN A 185 -3.67 -43.76 14.33
C GLN A 185 -4.24 -42.70 15.28
N GLY A 186 -4.69 -41.55 14.76
CA GLY A 186 -5.36 -40.49 15.54
C GLY A 186 -4.48 -39.83 16.60
N GLU A 187 -3.15 -39.99 16.54
CA GLU A 187 -2.19 -39.22 17.37
C GLU A 187 -2.17 -37.75 16.93
N LYS A 188 -1.66 -36.85 17.75
CA LYS A 188 -1.56 -35.40 17.43
C LYS A 188 -0.28 -35.16 16.62
N SER A 189 -0.36 -34.31 15.60
CA SER A 189 0.80 -33.75 14.87
C SER A 189 1.52 -32.75 15.77
N TRP A 190 2.76 -32.40 15.44
CA TRP A 190 3.56 -31.44 16.24
C TRP A 190 2.75 -30.14 16.41
N VAL A 191 2.15 -29.61 15.35
CA VAL A 191 1.45 -28.29 15.40
C VAL A 191 0.23 -28.41 16.33
N GLU A 192 -0.37 -29.59 16.45
CA GLU A 192 -1.60 -29.79 17.25
C GLU A 192 -1.27 -29.84 18.74
N GLU A 193 -0.05 -30.25 19.12
CA GLU A 193 0.37 -30.30 20.55
C GLU A 193 0.51 -28.87 21.06
N PRO A 194 0.11 -28.59 22.32
CA PRO A 194 0.37 -27.28 22.92
C PRO A 194 1.86 -27.07 23.20
N CYS A 195 2.31 -25.81 23.30
CA CYS A 195 3.73 -25.49 23.63
C CYS A 195 4.09 -26.25 24.90
N GLU A 196 5.27 -26.86 24.97
CA GLU A 196 5.89 -27.22 26.27
C GLU A 196 7.35 -26.84 26.23
N SER A 197 7.85 -26.34 27.35
CA SER A 197 9.23 -25.84 27.49
C SER A 197 10.22 -27.00 27.43
N ILE A 198 11.40 -26.75 26.85
CA ILE A 198 12.51 -27.72 26.66
C ILE A 198 13.68 -27.25 27.52
N ASN A 199 13.64 -27.54 28.81
CA ASN A 199 14.61 -27.00 29.80
C ASN A 199 15.89 -27.83 29.73
N GLU A 200 15.79 -29.16 29.68
CA GLU A 200 16.90 -30.09 29.36
C GLU A 200 16.64 -30.63 27.96
N PRO A 201 17.65 -30.68 27.07
CA PRO A 201 17.50 -31.38 25.79
C PRO A 201 17.30 -32.89 25.99
N GLN A 202 16.59 -33.57 25.08
CA GLN A 202 16.44 -35.05 25.07
C GLN A 202 17.02 -35.55 23.76
N CYS A 203 18.31 -35.88 23.76
CA CYS A 203 19.10 -36.17 22.54
C CYS A 203 19.70 -37.57 22.61
N PRO A 204 19.95 -38.24 21.47
CA PRO A 204 20.65 -39.52 21.47
C PRO A 204 22.16 -39.30 21.69
N ALA A 205 22.89 -40.36 22.01
CA ALA A 205 24.36 -40.33 22.12
C ALA A 205 24.91 -39.79 20.80
N GLY A 206 25.85 -38.84 20.90
CA GLY A 206 26.43 -38.10 19.76
C GLY A 206 26.00 -36.64 19.81
N PHE A 207 24.87 -36.35 20.45
CA PHE A 207 24.24 -35.01 20.48
C PHE A 207 24.28 -34.47 21.92
N GLU A 208 25.36 -34.74 22.62
CA GLU A 208 25.70 -34.09 23.92
C GLU A 208 25.66 -32.58 23.68
N THR A 209 26.20 -32.15 22.54
CA THR A 209 25.89 -30.85 21.90
C THR A 209 24.77 -31.09 20.87
N PRO A 210 23.59 -30.48 21.06
CA PRO A 210 22.46 -30.73 20.18
C PRO A 210 22.75 -30.15 18.79
N PRO A 211 22.11 -30.68 17.73
CA PRO A 211 22.35 -30.17 16.39
C PRO A 211 21.60 -28.86 16.18
N THR A 212 22.07 -28.05 15.24
CA THR A 212 21.42 -26.80 14.78
C THR A 212 21.07 -26.95 13.29
N LEU A 213 19.82 -26.62 12.93
CA LEU A 213 19.36 -26.60 11.51
C LEU A 213 18.99 -25.18 11.13
N LEU A 214 19.64 -24.64 10.10
CA LEU A 214 19.38 -23.31 9.52
C LEU A 214 18.48 -23.49 8.31
N PHE A 215 17.20 -23.12 8.45
CA PHE A 215 16.11 -23.35 7.48
C PHE A 215 15.72 -22.00 6.86
N SER A 216 16.00 -21.81 5.57
CA SER A 216 15.78 -20.53 4.86
C SER A 216 14.60 -20.65 3.89
N LEU A 217 13.66 -19.72 4.03
CA LEU A 217 12.55 -19.48 3.09
C LEU A 217 12.90 -18.20 2.33
N ASP A 218 13.47 -18.34 1.14
CA ASP A 218 13.91 -17.21 0.28
C ASP A 218 12.77 -16.21 0.12
N GLY A 219 13.02 -14.93 0.38
CA GLY A 219 12.10 -13.83 0.07
C GLY A 219 10.87 -13.78 0.96
N PHE A 220 10.93 -14.43 2.12
CA PHE A 220 9.87 -14.37 3.16
C PHE A 220 10.05 -13.05 3.90
N ARG A 221 9.36 -12.01 3.45
CA ARG A 221 9.38 -10.70 4.16
C ARG A 221 8.65 -10.84 5.50
N ALA A 222 9.16 -10.18 6.53
CA ALA A 222 8.66 -10.25 7.91
C ALA A 222 7.16 -9.95 7.92
N GLU A 223 6.72 -9.03 7.06
CA GLU A 223 5.31 -8.56 7.00
C GLU A 223 4.36 -9.75 6.70
N TYR A 224 4.80 -10.75 5.93
CA TYR A 224 3.99 -11.94 5.59
C TYR A 224 3.45 -12.60 6.88
N LEU A 225 4.26 -12.69 7.93
CA LEU A 225 3.80 -13.33 9.21
C LEU A 225 2.95 -12.33 10.00
N HIS A 226 3.28 -11.04 9.99
CA HIS A 226 2.45 -9.99 10.63
C HIS A 226 1.00 -10.10 10.15
N THR A 227 0.78 -10.32 8.87
CA THR A 227 -0.55 -10.15 8.20
C THR A 227 -1.24 -11.50 8.00
N TRP A 228 -0.52 -12.51 7.51
CA TRP A 228 -1.10 -13.81 7.11
C TRP A 228 -0.86 -14.90 8.18
N GLY A 229 -0.43 -14.53 9.38
CA GLY A 229 -0.19 -15.48 10.49
C GLY A 229 -1.33 -16.47 10.66
N GLY A 230 -2.58 -16.03 10.57
CA GLY A 230 -3.78 -16.86 10.70
C GLY A 230 -3.90 -17.93 9.62
N LEU A 231 -3.17 -17.80 8.51
CA LEU A 231 -3.12 -18.80 7.42
C LEU A 231 -1.88 -19.71 7.55
N LEU A 232 -1.02 -19.47 8.54
CA LEU A 232 0.30 -20.16 8.67
C LEU A 232 0.44 -20.77 10.07
N PRO A 233 -0.34 -21.82 10.40
CA PRO A 233 -0.40 -22.33 11.77
C PRO A 233 0.94 -22.83 12.31
N VAL A 234 1.79 -23.46 11.48
CA VAL A 234 3.07 -24.08 11.93
C VAL A 234 4.07 -22.97 12.29
N ILE A 235 4.31 -22.02 11.40
CA ILE A 235 5.27 -20.92 11.68
C ILE A 235 4.71 -20.09 12.84
N SER A 236 3.40 -19.90 12.91
CA SER A 236 2.72 -19.19 14.02
C SER A 236 3.00 -19.89 15.35
N LYS A 237 2.94 -21.23 15.39
N LYS A 237 2.94 -21.23 15.39
CA LYS A 237 3.23 -22.02 16.62
CA LYS A 237 3.23 -22.02 16.61
C LYS A 237 4.72 -21.88 16.98
C LYS A 237 4.71 -21.88 16.98
N LEU A 238 5.62 -22.00 16.00
CA LEU A 238 7.08 -21.83 16.24
C LEU A 238 7.31 -20.48 16.91
N LYS A 239 6.66 -19.43 16.39
CA LYS A 239 6.72 -18.07 16.99
C LYS A 239 6.23 -18.13 18.44
N LYS A 240 5.05 -18.71 18.68
CA LYS A 240 4.40 -18.75 20.01
C LYS A 240 5.27 -19.53 21.00
N CYS A 241 5.85 -20.65 20.59
CA CYS A 241 6.56 -21.59 21.50
C CYS A 241 8.05 -21.24 21.60
N GLY A 242 8.53 -20.33 20.74
CA GLY A 242 9.98 -20.12 20.53
C GLY A 242 10.41 -18.70 20.80
N THR A 243 11.52 -18.32 20.17
CA THR A 243 12.17 -17.00 20.22
C THR A 243 11.97 -16.35 18.85
N TYR A 244 11.31 -15.20 18.82
CA TYR A 244 10.85 -14.50 17.60
C TYR A 244 11.25 -13.02 17.70
N THR A 245 11.56 -12.41 16.57
CA THR A 245 11.59 -10.94 16.40
C THR A 245 10.64 -10.58 15.25
N LYS A 246 9.94 -9.46 15.36
CA LYS A 246 9.01 -8.98 14.31
C LYS A 246 9.81 -8.64 13.05
N ASN A 247 11.09 -8.30 13.18
CA ASN A 247 11.94 -7.87 12.05
C ASN A 247 13.40 -8.26 12.30
N MET A 248 13.98 -9.09 11.44
CA MET A 248 15.45 -9.29 11.32
C MET A 248 15.94 -8.40 10.17
N ARG A 249 16.91 -7.51 10.45
CA ARG A 249 17.48 -6.59 9.45
C ARG A 249 18.45 -7.38 8.59
N PRO A 250 18.22 -7.43 7.25
CA PRO A 250 19.20 -8.03 6.35
C PRO A 250 20.40 -7.09 6.11
N VAL A 251 21.40 -7.57 5.38
CA VAL A 251 22.56 -6.76 4.90
C VAL A 251 22.16 -6.11 3.57
N TYR A 252 22.80 -4.97 3.25
CA TYR A 252 22.68 -4.24 1.97
C TYR A 252 23.77 -4.77 1.03
N PRO A 253 23.49 -4.98 -0.28
CA PRO A 253 22.15 -4.87 -0.85
C PRO A 253 21.30 -6.09 -0.45
N THR A 254 19.98 -5.88 -0.31
CA THR A 254 19.03 -6.89 0.22
C THR A 254 18.76 -7.92 -0.88
N LYS A 255 19.77 -8.72 -1.17
CA LYS A 255 19.73 -9.75 -2.23
C LYS A 255 20.09 -11.09 -1.61
N PHE A 257 22.31 -13.95 -2.65
CA PHE A 257 23.63 -14.57 -2.33
C PHE A 257 24.27 -13.81 -1.17
N PRO A 258 24.31 -12.46 -1.20
CA PRO A 258 24.94 -11.68 -0.14
C PRO A 258 24.40 -11.97 1.27
N ASN A 259 23.08 -12.11 1.42
CA ASN A 259 22.43 -12.26 2.74
C ASN A 259 22.63 -13.70 3.26
N HIS A 260 22.52 -14.71 2.41
CA HIS A 260 22.74 -16.12 2.80
C HIS A 260 24.19 -16.27 3.25
N TYR A 261 25.13 -15.70 2.50
CA TYR A 261 26.59 -15.84 2.80
C TYR A 261 26.90 -15.04 4.06
N SER A 262 26.26 -13.87 4.23
CA SER A 262 26.35 -13.06 5.46
C SER A 262 25.88 -13.89 6.66
N ILE A 263 24.78 -14.64 6.53
CA ILE A 263 24.17 -15.31 7.71
C ILE A 263 25.17 -16.34 8.26
N VAL A 264 25.87 -17.05 7.38
CA VAL A 264 26.76 -18.18 7.78
C VAL A 264 28.20 -17.70 8.02
N THR A 265 28.51 -16.41 7.83
CA THR A 265 29.88 -15.87 8.09
C THR A 265 29.89 -14.78 9.16
N GLY A 266 28.76 -14.13 9.41
CA GLY A 266 28.70 -12.97 10.32
C GLY A 266 29.40 -11.75 9.77
N LEU A 267 29.64 -11.70 8.46
CA LEU A 267 30.37 -10.63 7.75
C LEU A 267 29.41 -9.81 6.88
N TYR A 268 29.61 -8.50 6.84
CA TYR A 268 29.01 -7.62 5.80
C TYR A 268 29.50 -8.11 4.45
N PRO A 269 28.70 -7.96 3.37
CA PRO A 269 29.17 -8.32 2.04
C PRO A 269 30.49 -7.65 1.62
N GLU A 270 30.71 -6.40 2.03
CA GLU A 270 31.94 -5.63 1.71
C GLU A 270 33.19 -6.39 2.22
N SER A 271 33.03 -7.29 3.20
CA SER A 271 34.15 -8.07 3.79
C SER A 271 34.13 -9.52 3.31
N HIS A 272 32.97 -10.11 2.96
CA HIS A 272 32.90 -11.55 2.59
C HIS A 272 32.99 -11.71 1.06
N GLY A 273 32.86 -10.61 0.32
CA GLY A 273 33.20 -10.57 -1.11
C GLY A 273 32.04 -10.86 -2.05
N ILE A 274 30.94 -11.44 -1.56
CA ILE A 274 29.74 -11.75 -2.40
C ILE A 274 28.77 -10.57 -2.27
N ILE A 275 29.00 -9.51 -3.06
CA ILE A 275 28.19 -8.25 -2.96
C ILE A 275 26.94 -8.36 -3.82
N ASP A 276 26.92 -9.30 -4.78
CA ASP A 276 25.75 -9.57 -5.68
C ASP A 276 26.01 -10.87 -6.45
N ASN A 277 24.99 -11.40 -7.13
CA ASN A 277 25.06 -12.66 -7.92
C ASN A 277 25.82 -12.41 -9.23
N LYS A 278 25.94 -11.13 -9.63
CA LYS A 278 26.72 -10.64 -10.79
C LYS A 278 27.72 -9.60 -10.29
N MET A 279 29.02 -9.87 -10.40
CA MET A 279 30.09 -8.95 -9.96
C MET A 279 31.23 -8.96 -10.97
N TYR A 280 32.02 -7.88 -10.97
CA TYR A 280 33.33 -7.78 -11.66
C TYR A 280 34.39 -7.39 -10.63
N ASP A 281 35.43 -8.21 -10.49
CA ASP A 281 36.64 -7.86 -9.69
C ASP A 281 37.70 -7.37 -10.67
N PRO A 282 38.20 -6.12 -10.51
CA PRO A 282 39.23 -5.59 -11.39
C PRO A 282 40.62 -6.21 -11.16
N LYS A 283 41.01 -6.44 -9.90
CA LYS A 283 42.33 -7.04 -9.54
C LYS A 283 42.40 -8.49 -10.03
N MET A 284 41.27 -9.17 -10.22
CA MET A 284 41.23 -10.54 -10.79
C MET A 284 40.95 -10.47 -12.30
N ASN A 285 40.42 -9.34 -12.77
CA ASN A 285 39.92 -9.18 -14.17
C ASN A 285 39.04 -10.39 -14.52
N ALA A 286 38.05 -10.68 -13.68
CA ALA A 286 37.08 -11.78 -13.86
C ALA A 286 35.68 -11.30 -13.49
N SER A 287 34.67 -11.99 -14.00
CA SER A 287 33.24 -11.71 -13.70
C SER A 287 32.61 -12.94 -13.03
N PHE A 288 31.81 -12.69 -11.98
CA PHE A 288 31.09 -13.71 -11.19
C PHE A 288 29.66 -13.81 -11.71
N SER A 289 29.25 -15.01 -12.12
CA SER A 289 27.87 -15.35 -12.51
C SER A 289 27.52 -16.75 -11.99
N LEU A 290 26.26 -16.95 -11.59
CA LEU A 290 25.76 -18.26 -11.07
C LEU A 290 25.69 -19.27 -12.21
N LYS A 291 25.58 -18.81 -13.46
CA LYS A 291 25.50 -19.65 -14.68
C LYS A 291 26.91 -20.05 -15.14
N SER A 292 27.95 -19.41 -14.61
CA SER A 292 29.37 -19.61 -15.00
C SER A 292 30.06 -20.61 -14.07
N LYS A 293 31.25 -21.07 -14.44
CA LYS A 293 32.14 -21.94 -13.62
C LYS A 293 32.85 -21.08 -12.56
N GLU A 294 32.72 -19.75 -12.62
CA GLU A 294 33.34 -18.81 -11.64
C GLU A 294 32.61 -18.92 -10.30
N LYS A 295 31.34 -19.34 -10.31
CA LYS A 295 30.53 -19.63 -9.09
C LYS A 295 31.31 -20.55 -8.15
N PHE A 296 32.12 -21.47 -8.69
CA PHE A 296 32.83 -22.52 -7.91
C PHE A 296 34.25 -22.06 -7.57
N ASN A 297 34.67 -20.88 -8.03
CA ASN A 297 36.05 -20.34 -7.82
C ASN A 297 36.14 -19.78 -6.40
N PRO A 298 36.89 -20.43 -5.49
CA PRO A 298 37.02 -19.95 -4.12
C PRO A 298 37.57 -18.53 -3.93
N GLU A 299 38.21 -17.95 -4.94
CA GLU A 299 38.76 -16.56 -4.89
C GLU A 299 37.65 -15.58 -4.47
N TRP A 300 36.40 -15.88 -4.84
CA TRP A 300 35.21 -15.00 -4.61
C TRP A 300 34.76 -15.01 -3.14
N TYR A 301 34.87 -16.14 -2.45
CA TYR A 301 34.24 -16.36 -1.12
C TYR A 301 35.27 -16.12 -0.02
N LYS A 302 35.22 -14.95 0.61
CA LYS A 302 36.10 -14.57 1.75
C LYS A 302 35.42 -14.98 3.07
N GLY A 303 36.13 -14.82 4.18
CA GLY A 303 35.62 -15.17 5.52
C GLY A 303 35.55 -16.67 5.71
N GLU A 304 34.86 -17.10 6.76
CA GLU A 304 34.76 -18.54 7.16
C GLU A 304 33.30 -18.88 7.44
N PRO A 305 32.62 -19.63 6.53
CA PRO A 305 31.28 -20.13 6.79
C PRO A 305 31.28 -21.05 8.03
N ILE A 306 30.16 -21.06 8.77
CA ILE A 306 30.05 -21.84 10.04
C ILE A 306 30.38 -23.31 9.79
N TRP A 307 30.14 -23.88 8.60
CA TRP A 307 30.43 -25.32 8.40
C TRP A 307 31.94 -25.55 8.43
N VAL A 308 32.72 -24.54 8.03
CA VAL A 308 34.21 -24.58 8.07
C VAL A 308 34.65 -24.46 9.54
N THR A 309 34.20 -23.43 10.24
CA THR A 309 34.42 -23.23 11.69
C THR A 309 34.20 -24.56 12.42
N ALA A 310 33.07 -25.21 12.14
CA ALA A 310 32.63 -26.47 12.78
C ALA A 310 33.65 -27.57 12.48
N LYS A 311 34.10 -27.71 11.24
CA LYS A 311 34.97 -28.83 10.80
C LYS A 311 36.30 -28.73 11.55
N TYR A 312 36.88 -27.52 11.62
CA TYR A 312 38.14 -27.23 12.36
C TYR A 312 37.98 -27.62 13.84
N GLN A 313 36.77 -27.57 14.40
CA GLN A 313 36.54 -27.80 15.85
C GLN A 313 35.80 -29.14 16.05
N GLY A 314 35.79 -30.03 15.06
CA GLY A 314 35.40 -31.44 15.25
C GLY A 314 34.00 -31.79 14.74
N LEU A 315 33.14 -30.82 14.44
CA LEU A 315 31.72 -31.11 14.05
C LEU A 315 31.57 -31.21 12.53
N LYS A 316 30.85 -32.22 12.07
CA LYS A 316 30.47 -32.44 10.65
C LYS A 316 29.22 -31.62 10.29
N SER A 317 28.96 -31.45 8.99
CA SER A 317 27.88 -30.56 8.47
C SER A 317 27.14 -31.22 7.31
N GLY A 318 25.84 -30.94 7.20
CA GLY A 318 24.98 -31.39 6.10
C GLY A 318 24.16 -30.24 5.56
N THR A 319 24.51 -29.74 4.38
CA THR A 319 23.84 -28.61 3.73
C THR A 319 23.02 -29.17 2.57
N PHE A 320 21.70 -28.99 2.59
CA PHE A 320 20.82 -29.24 1.43
C PHE A 320 20.54 -27.90 0.76
N PHE A 321 21.54 -27.46 -0.02
CA PHE A 321 21.65 -26.15 -0.71
C PHE A 321 22.03 -25.07 0.31
N TRP A 322 22.91 -24.16 -0.10
CA TRP A 322 23.25 -22.88 0.57
C TRP A 322 24.37 -22.25 -0.26
N PRO A 323 24.35 -20.93 -0.53
CA PRO A 323 25.48 -20.25 -1.17
C PRO A 323 26.80 -20.55 -0.47
N GLY A 324 27.78 -21.08 -1.22
CA GLY A 324 29.13 -21.37 -0.72
C GLY A 324 29.31 -22.85 -0.38
N SER A 325 28.24 -23.60 -0.17
CA SER A 325 28.30 -25.01 0.30
C SER A 325 28.79 -25.94 -0.81
N ASP A 326 28.78 -25.47 -2.07
CA ASP A 326 29.23 -26.24 -3.26
C ASP A 326 30.60 -25.70 -3.69
N VAL A 327 31.29 -24.98 -2.80
CA VAL A 327 32.61 -24.33 -3.08
C VAL A 327 33.63 -24.81 -2.04
N GLU A 328 34.85 -25.07 -2.49
CA GLU A 328 35.99 -25.50 -1.63
C GLU A 328 36.58 -24.25 -0.95
N ILE A 329 36.00 -23.88 0.20
CA ILE A 329 36.39 -22.67 0.99
C ILE A 329 37.35 -23.09 2.09
N ASN A 330 38.52 -22.43 2.16
CA ASN A 330 39.71 -22.83 2.97
C ASN A 330 39.93 -24.35 2.82
N GLY A 331 39.81 -24.87 1.60
CA GLY A 331 40.07 -26.27 1.23
C GLY A 331 39.02 -27.24 1.74
N ILE A 332 37.85 -26.76 2.17
CA ILE A 332 36.81 -27.59 2.86
C ILE A 332 35.45 -27.45 2.16
N PHE A 333 34.83 -28.60 1.85
CA PHE A 333 33.39 -28.77 1.57
C PHE A 333 32.69 -29.23 2.85
N PRO A 334 31.36 -29.02 3.01
CA PRO A 334 30.62 -29.71 4.06
C PRO A 334 30.75 -31.24 3.92
N ASP A 335 30.60 -31.98 5.01
CA ASP A 335 30.74 -33.46 5.00
C ASP A 335 29.68 -34.06 4.08
N ILE A 336 28.50 -33.44 4.01
CA ILE A 336 27.43 -33.75 3.02
C ILE A 336 26.96 -32.43 2.43
N TYR A 337 26.92 -32.33 1.10
CA TYR A 337 26.37 -31.16 0.38
C TYR A 337 25.73 -31.64 -0.91
N LYS A 338 24.89 -30.78 -1.50
CA LYS A 338 24.13 -31.09 -2.73
C LYS A 338 24.47 -30.06 -3.79
N MET A 339 24.66 -30.52 -5.02
CA MET A 339 24.80 -29.61 -6.18
C MET A 339 23.43 -29.00 -6.41
N TYR A 340 23.36 -27.68 -6.57
CA TYR A 340 22.09 -26.93 -6.62
C TYR A 340 21.25 -27.44 -7.80
N ASN A 341 20.00 -27.75 -7.52
CA ASN A 341 18.97 -28.22 -8.50
C ASN A 341 17.61 -27.81 -7.94
N GLY A 342 17.15 -26.60 -8.29
CA GLY A 342 15.90 -26.00 -7.79
C GLY A 342 14.67 -26.82 -8.13
N SER A 343 14.80 -27.85 -8.97
CA SER A 343 13.66 -28.71 -9.40
C SER A 343 13.40 -29.84 -8.42
N VAL A 344 14.30 -30.07 -7.46
CA VAL A 344 14.11 -31.11 -6.41
C VAL A 344 12.94 -30.67 -5.54
N PRO A 345 11.88 -31.49 -5.46
CA PRO A 345 10.69 -31.13 -4.68
C PRO A 345 11.06 -30.87 -3.22
N PHE A 346 10.38 -29.91 -2.57
CA PHE A 346 10.66 -29.48 -1.18
C PHE A 346 10.63 -30.70 -0.25
N GLU A 347 9.69 -31.62 -0.51
CA GLU A 347 9.47 -32.82 0.35
C GLU A 347 10.74 -33.65 0.38
N GLU A 348 11.43 -33.79 -0.75
CA GLU A 348 12.61 -34.70 -0.87
C GLU A 348 13.80 -34.07 -0.14
N ARG A 349 13.86 -32.74 -0.10
CA ARG A 349 14.93 -32.02 0.65
C ARG A 349 14.72 -32.32 2.14
N ILE A 350 13.49 -32.23 2.61
CA ILE A 350 13.17 -32.41 4.06
C ILE A 350 13.42 -33.88 4.44
N LEU A 351 13.03 -34.82 3.58
CA LEU A 351 13.24 -36.26 3.84
C LEU A 351 14.73 -36.60 3.88
N ALA A 352 15.54 -35.97 3.04
CA ALA A 352 17.02 -36.15 3.01
C ALA A 352 17.60 -35.71 4.35
N VAL A 353 17.28 -34.50 4.80
CA VAL A 353 17.77 -33.99 6.11
C VAL A 353 17.33 -34.97 7.22
N LEU A 354 16.11 -35.53 7.15
CA LEU A 354 15.63 -36.48 8.19
C LEU A 354 16.42 -37.80 8.09
N GLN A 355 16.84 -38.21 6.90
CA GLN A 355 17.74 -39.40 6.73
C GLN A 355 19.10 -39.10 7.39
N TRP A 356 19.63 -37.87 7.21
CA TRP A 356 20.94 -37.48 7.76
C TRP A 356 20.90 -37.56 9.29
N LEU A 357 19.76 -37.19 9.89
CA LEU A 357 19.61 -37.15 11.37
C LEU A 357 19.50 -38.57 11.94
N GLN A 358 19.47 -39.59 11.06
CA GLN A 358 19.44 -41.02 11.45
C GLN A 358 20.76 -41.73 11.13
N LEU A 359 21.76 -41.04 10.57
CA LEU A 359 23.11 -41.62 10.34
C LEU A 359 23.68 -42.02 11.70
N PRO A 360 24.55 -43.05 11.76
CA PRO A 360 25.25 -43.38 13.01
C PRO A 360 26.13 -42.23 13.49
N LYS A 361 26.39 -42.17 14.80
CA LYS A 361 26.94 -40.98 15.51
C LYS A 361 28.27 -40.53 14.92
N ASP A 362 29.07 -41.46 14.39
CA ASP A 362 30.42 -41.17 13.83
C ASP A 362 30.35 -40.27 12.59
N GLU A 363 29.31 -40.42 11.75
CA GLU A 363 29.24 -39.72 10.44
C GLU A 363 28.05 -38.75 10.37
N ARG A 364 27.28 -38.60 11.45
CA ARG A 364 26.07 -37.74 11.49
C ARG A 364 26.45 -36.29 11.75
N PRO A 365 26.08 -35.34 10.87
CA PRO A 365 26.37 -33.92 11.10
C PRO A 365 25.71 -33.32 12.36
N HIS A 366 26.26 -32.20 12.84
CA HIS A 366 25.73 -31.36 13.93
C HIS A 366 25.09 -30.10 13.33
N PHE A 367 25.61 -29.61 12.21
CA PHE A 367 25.11 -28.38 11.56
C PHE A 367 24.46 -28.74 10.22
N TYR A 368 23.22 -28.28 10.02
CA TYR A 368 22.39 -28.60 8.83
C TYR A 368 21.88 -27.29 8.23
N THR A 369 21.70 -27.27 6.91
CA THR A 369 20.96 -26.19 6.22
C THR A 369 19.88 -26.81 5.33
N LEU A 370 18.79 -26.07 5.17
CA LEU A 370 17.68 -26.35 4.25
C LEU A 370 17.34 -25.02 3.58
N TYR A 371 17.24 -25.00 2.27
CA TYR A 371 16.88 -23.78 1.50
C TYR A 371 15.69 -24.11 0.60
N LEU A 372 14.68 -23.24 0.60
CA LEU A 372 13.51 -23.30 -0.32
C LEU A 372 13.44 -22.00 -1.11
N GLU A 373 13.01 -22.08 -2.37
CA GLU A 373 13.00 -20.93 -3.31
C GLU A 373 11.74 -20.09 -3.10
N GLU A 374 10.79 -20.56 -2.30
CA GLU A 374 9.52 -19.84 -2.01
C GLU A 374 9.59 -19.25 -0.61
N PRO A 375 8.91 -18.12 -0.36
CA PRO A 375 8.07 -17.46 -1.36
C PRO A 375 8.69 -16.36 -2.24
N ASP A 376 10.02 -16.36 -2.42
CA ASP A 376 10.72 -15.40 -3.32
C ASP A 376 10.23 -15.56 -4.76
N SER A 377 10.20 -16.78 -5.27
CA SER A 377 9.86 -17.06 -6.70
C SER A 377 8.47 -16.52 -7.02
N SER A 378 7.46 -16.87 -6.21
CA SER A 378 6.06 -16.38 -6.37
C SER A 378 6.01 -14.85 -6.15
N GLY A 379 6.80 -14.32 -5.22
CA GLY A 379 6.84 -12.87 -4.97
C GLY A 379 7.27 -12.11 -6.21
N HIS A 380 8.32 -12.56 -6.88
CA HIS A 380 8.82 -11.93 -8.14
C HIS A 380 7.74 -12.02 -9.21
N SER A 381 7.23 -13.23 -9.46
CA SER A 381 6.32 -13.53 -10.58
C SER A 381 4.96 -12.84 -10.41
N TYR A 382 4.43 -12.71 -9.21
CA TYR A 382 3.00 -12.34 -9.00
C TYR A 382 2.86 -11.14 -8.05
N GLY A 383 3.93 -10.70 -7.42
CA GLY A 383 3.92 -9.58 -6.46
C GLY A 383 3.67 -10.09 -5.04
N PRO A 384 4.12 -9.34 -4.01
CA PRO A 384 4.04 -9.79 -2.63
C PRO A 384 2.61 -9.85 -2.07
N VAL A 385 1.64 -9.21 -2.72
CA VAL A 385 0.20 -9.26 -2.33
C VAL A 385 -0.57 -9.91 -3.47
N SER A 386 -0.68 -11.23 -3.47
CA SER A 386 -1.18 -12.06 -4.59
C SER A 386 -1.64 -13.41 -4.08
N SER A 387 -2.62 -14.02 -4.75
CA SER A 387 -3.11 -15.38 -4.46
C SER A 387 -1.92 -16.35 -4.48
N GLU A 388 -1.00 -16.17 -5.42
CA GLU A 388 0.14 -17.09 -5.65
C GLU A 388 1.08 -17.07 -4.42
N VAL A 389 1.32 -15.90 -3.82
CA VAL A 389 2.16 -15.76 -2.60
C VAL A 389 1.45 -16.41 -1.41
N ILE A 390 0.15 -16.20 -1.24
CA ILE A 390 -0.63 -16.84 -0.14
C ILE A 390 -0.44 -18.37 -0.25
N LYS A 391 -0.61 -18.91 -1.46
CA LYS A 391 -0.50 -20.37 -1.70
C LYS A 391 0.94 -20.83 -1.39
N ALA A 392 1.95 -20.04 -1.81
CA ALA A 392 3.38 -20.32 -1.59
C ALA A 392 3.69 -20.33 -0.09
N LEU A 393 3.20 -19.33 0.64
CA LEU A 393 3.33 -19.21 2.12
C LEU A 393 2.74 -20.45 2.78
N GLN A 394 1.55 -20.88 2.35
CA GLN A 394 0.86 -22.04 2.99
C GLN A 394 1.67 -23.30 2.67
N ARG A 395 2.24 -23.38 1.48
CA ARG A 395 3.05 -24.54 1.04
C ARG A 395 4.28 -24.64 1.94
N VAL A 396 5.04 -23.54 2.12
CA VAL A 396 6.29 -23.58 2.96
C VAL A 396 5.90 -23.79 4.43
N ASP A 397 4.76 -23.27 4.88
CA ASP A 397 4.26 -23.53 6.25
C ASP A 397 4.13 -25.05 6.43
N GLY A 398 3.56 -25.73 5.42
CA GLY A 398 3.34 -27.18 5.44
C GLY A 398 4.65 -27.94 5.42
N MET A 399 5.67 -27.44 4.72
CA MET A 399 7.00 -28.10 4.66
C MET A 399 7.67 -28.00 6.04
N VAL A 400 7.56 -26.85 6.71
CA VAL A 400 8.07 -26.71 8.10
C VAL A 400 7.34 -27.72 8.97
N GLY A 401 6.02 -27.84 8.82
CA GLY A 401 5.21 -28.84 9.55
C GLY A 401 5.73 -30.25 9.31
N MET A 402 6.06 -30.58 8.06
CA MET A 402 6.57 -31.91 7.65
C MET A 402 7.88 -32.18 8.39
N LEU A 403 8.76 -31.18 8.48
CA LEU A 403 10.02 -31.30 9.26
C LEU A 403 9.69 -31.58 10.73
N MET A 404 8.80 -30.80 11.31
CA MET A 404 8.55 -30.89 12.77
C MET A 404 7.93 -32.25 13.09
N ASP A 405 7.03 -32.74 12.23
CA ASP A 405 6.39 -34.07 12.39
C ASP A 405 7.48 -35.14 12.28
N GLY A 406 8.33 -35.03 11.25
CA GLY A 406 9.49 -35.91 11.05
C GLY A 406 10.36 -35.98 12.29
N LEU A 407 10.68 -34.82 12.88
CA LEU A 407 11.55 -34.75 14.08
C LEU A 407 10.86 -35.49 15.24
N LYS A 408 9.57 -35.25 15.43
CA LYS A 408 8.77 -35.90 16.50
C LYS A 408 8.86 -37.43 16.36
N GLU A 409 8.71 -37.97 15.15
CA GLU A 409 8.78 -39.44 14.88
C GLU A 409 10.18 -39.97 15.23
N LEU A 410 11.24 -39.18 15.04
CA LEU A 410 12.64 -39.56 15.40
C LEU A 410 12.94 -39.20 16.86
N ASN A 411 11.98 -38.64 17.59
CA ASN A 411 12.17 -38.21 18.99
C ASN A 411 13.30 -37.18 19.04
N LEU A 412 13.36 -36.25 18.07
CA LEU A 412 14.39 -35.18 18.03
C LEU A 412 13.73 -33.81 18.19
N HIS A 413 12.43 -33.76 18.44
CA HIS A 413 11.63 -32.51 18.51
C HIS A 413 11.97 -31.75 19.80
N ARG A 414 12.59 -32.43 20.77
CA ARG A 414 13.11 -31.78 22.00
C ARG A 414 14.63 -31.94 22.05
N CYS A 415 15.27 -31.93 20.89
CA CYS A 415 16.73 -32.08 20.72
C CYS A 415 17.25 -30.96 19.80
N LEU A 416 16.82 -30.96 18.54
CA LEU A 416 17.36 -30.07 17.50
C LEU A 416 16.98 -28.61 17.77
N ASN A 417 17.94 -27.71 17.57
CA ASN A 417 17.72 -26.24 17.55
C ASN A 417 17.42 -25.83 16.10
N LEU A 418 16.20 -25.33 15.86
CA LEU A 418 15.74 -24.88 14.53
C LEU A 418 15.86 -23.36 14.48
N ILE A 419 16.56 -22.83 13.49
CA ILE A 419 16.56 -21.40 13.13
C ILE A 419 15.83 -21.28 11.80
N LEU A 420 14.59 -20.81 11.82
CA LEU A 420 13.77 -20.56 10.61
C LEU A 420 14.01 -19.10 10.23
N ILE A 421 14.49 -18.86 9.02
CA ILE A 421 15.09 -17.54 8.64
C ILE A 421 14.74 -17.23 7.19
N SER A 422 14.84 -15.97 6.78
CA SER A 422 14.87 -15.55 5.36
C SER A 422 16.01 -14.56 5.13
N ASP A 423 16.37 -14.41 3.85
CA ASP A 423 17.51 -13.59 3.38
C ASP A 423 17.09 -12.12 3.31
N HIS A 424 15.84 -11.85 2.91
CA HIS A 424 15.37 -10.49 2.57
C HIS A 424 13.85 -10.49 2.40
N GLY A 425 13.26 -9.30 2.30
CA GLY A 425 11.82 -9.13 2.04
C GLY A 425 11.52 -9.04 0.56
N MET A 426 10.45 -8.35 0.20
CA MET A 426 9.92 -8.28 -1.18
C MET A 426 9.01 -7.06 -1.30
N GLU A 427 9.11 -6.34 -2.42
CA GLU A 427 8.41 -5.06 -2.69
C GLU A 427 7.70 -5.17 -4.03
N GLN A 428 6.62 -4.40 -4.22
CA GLN A 428 5.90 -4.31 -5.51
C GLN A 428 6.61 -3.30 -6.41
N GLY A 429 7.21 -3.79 -7.50
CA GLY A 429 7.75 -2.94 -8.57
C GLY A 429 6.63 -2.34 -9.39
N SER A 430 6.93 -1.24 -10.08
CA SER A 430 6.02 -0.54 -11.03
C SER A 430 6.84 0.05 -12.16
N CYS A 431 6.37 -0.10 -13.41
CA CYS A 431 6.96 0.53 -14.62
C CYS A 431 6.91 2.06 -14.46
N LYS A 432 5.97 2.56 -13.67
CA LYS A 432 5.82 4.00 -13.30
C LYS A 432 6.88 4.42 -12.28
N LYS A 433 7.60 3.49 -11.65
CA LYS A 433 8.59 3.80 -10.58
C LYS A 433 9.95 3.22 -10.95
N TYR A 434 10.30 3.26 -12.23
CA TYR A 434 11.62 2.85 -12.77
C TYR A 434 12.26 4.06 -13.44
N ILE A 435 13.51 4.36 -13.10
CA ILE A 435 14.31 5.49 -13.64
C ILE A 435 15.26 4.95 -14.70
N TYR A 436 15.38 5.64 -15.83
CA TYR A 436 16.28 5.29 -16.96
C TYR A 436 17.32 6.42 -17.11
N LEU A 437 18.60 6.09 -16.99
CA LEU A 437 19.70 7.08 -16.96
C LEU A 437 19.89 7.72 -18.35
N ASN A 438 19.51 7.02 -19.42
CA ASN A 438 19.66 7.50 -20.82
C ASN A 438 18.89 8.82 -20.98
N LYS A 439 17.89 9.08 -20.15
CA LYS A 439 17.16 10.38 -20.11
C LYS A 439 18.14 11.53 -19.89
N TYR A 440 19.16 11.36 -19.04
CA TYR A 440 20.09 12.43 -18.61
C TYR A 440 21.44 12.31 -19.35
N LEU A 441 21.80 11.12 -19.83
CA LEU A 441 23.14 10.85 -20.43
C LEU A 441 23.05 10.63 -21.95
N GLY A 442 21.90 10.22 -22.48
CA GLY A 442 21.72 9.78 -23.88
C GLY A 442 22.22 8.34 -24.06
N ASP A 443 22.06 7.78 -25.27
CA ASP A 443 22.48 6.37 -25.57
C ASP A 443 24.02 6.30 -25.64
N VAL A 444 24.68 6.55 -24.51
CA VAL A 444 26.15 6.39 -24.33
C VAL A 444 26.44 4.88 -24.29
N LYS A 445 27.61 4.45 -24.76
CA LYS A 445 27.94 3.01 -24.98
C LYS A 445 29.19 2.62 -24.18
N ASN A 446 29.67 3.47 -23.27
CA ASN A 446 31.00 3.34 -22.60
C ASN A 446 30.85 2.89 -21.13
N ILE A 447 29.61 2.80 -20.61
CA ILE A 447 29.33 2.45 -19.19
C ILE A 447 28.37 1.26 -19.12
N LYS A 448 28.62 0.40 -18.13
CA LYS A 448 27.74 -0.70 -17.68
C LYS A 448 27.03 -0.22 -16.41
N VAL A 449 25.69 -0.32 -16.37
CA VAL A 449 24.84 0.05 -15.19
C VAL A 449 24.18 -1.23 -14.67
N ILE A 450 24.51 -1.61 -13.43
CA ILE A 450 23.85 -2.73 -12.68
C ILE A 450 22.49 -2.19 -12.23
N TYR A 451 21.40 -2.77 -12.77
CA TYR A 451 20.03 -2.22 -12.63
C TYR A 451 19.43 -2.71 -11.31
N GLY A 452 18.26 -2.16 -10.94
CA GLY A 452 17.51 -2.51 -9.73
C GLY A 452 17.57 -1.39 -8.69
N PRO A 453 17.13 -1.66 -7.43
CA PRO A 453 17.15 -0.66 -6.37
C PRO A 453 18.53 -0.40 -5.77
N ALA A 454 19.49 -1.30 -6.00
CA ALA A 454 20.88 -1.19 -5.49
C ALA A 454 21.84 -0.88 -6.64
N ALA A 455 21.42 0.04 -7.52
CA ALA A 455 22.05 0.31 -8.83
C ALA A 455 23.46 0.89 -8.66
N ARG A 456 24.39 0.40 -9.47
CA ARG A 456 25.82 0.79 -9.47
C ARG A 456 26.25 1.05 -10.92
N LEU A 457 27.29 1.85 -11.12
CA LEU A 457 27.79 2.26 -12.46
C LEU A 457 29.30 2.06 -12.53
N ARG A 458 29.76 1.62 -13.69
CA ARG A 458 31.15 1.14 -13.96
C ARG A 458 31.46 1.45 -15.42
N PRO A 459 32.70 1.79 -15.81
CA PRO A 459 33.07 1.84 -17.22
C PRO A 459 33.11 0.45 -17.89
N SER A 460 32.72 0.39 -19.17
CA SER A 460 32.76 -0.83 -20.01
C SER A 460 34.22 -1.24 -20.28
N ASP A 461 35.13 -0.27 -20.39
CA ASP A 461 36.57 -0.50 -20.67
C ASP A 461 37.28 -0.85 -19.35
N VAL A 462 37.27 -2.14 -18.98
CA VAL A 462 37.86 -2.64 -17.70
C VAL A 462 38.78 -3.83 -17.98
N PRO A 463 39.90 -4.03 -17.25
CA PRO A 463 40.22 -3.25 -16.04
C PRO A 463 40.99 -1.94 -16.25
N ASP A 464 41.05 -1.45 -17.49
CA ASP A 464 41.98 -0.36 -17.91
C ASP A 464 41.52 0.97 -17.30
N LYS A 465 40.25 1.34 -17.50
CA LYS A 465 39.71 2.67 -17.08
C LYS A 465 39.02 2.59 -15.71
N TYR A 466 39.10 1.48 -14.97
CA TYR A 466 38.29 1.24 -13.74
C TYR A 466 38.57 2.29 -12.67
N TYR A 467 39.84 2.71 -12.50
CA TYR A 467 40.28 3.67 -11.47
C TYR A 467 40.39 5.09 -12.07
N SER A 468 40.72 5.20 -13.36
CA SER A 468 41.00 6.48 -14.05
C SER A 468 39.69 7.21 -14.39
N PHE A 469 38.57 6.49 -14.46
CA PHE A 469 37.28 6.95 -15.02
C PHE A 469 36.72 8.10 -14.17
N ASN A 470 35.94 8.97 -14.81
CA ASN A 470 35.40 10.23 -14.24
C ASN A 470 34.04 9.97 -13.59
N TYR A 471 34.06 9.31 -12.43
CA TYR A 471 32.87 8.97 -11.63
C TYR A 471 32.22 10.26 -11.12
N GLU A 472 33.02 11.15 -10.51
CA GLU A 472 32.53 12.42 -9.91
C GLU A 472 31.82 13.26 -10.98
N GLY A 473 32.27 13.17 -12.24
CA GLY A 473 31.64 13.87 -13.38
C GLY A 473 30.21 13.45 -13.59
N ILE A 474 29.96 12.14 -13.67
CA ILE A 474 28.59 11.56 -13.83
C ILE A 474 27.80 11.84 -12.55
N ALA A 475 28.44 11.68 -11.38
CA ALA A 475 27.82 11.91 -10.07
C ALA A 475 27.19 13.30 -10.04
N ARG A 476 27.96 14.35 -10.39
CA ARG A 476 27.51 15.76 -10.41
C ARG A 476 26.46 15.93 -11.51
N ASN A 477 26.66 15.26 -12.65
CA ASN A 477 25.78 15.35 -13.84
C ASN A 477 24.36 14.94 -13.41
N LEU A 478 24.23 13.93 -12.53
CA LEU A 478 22.94 13.25 -12.21
C LEU A 478 22.32 13.78 -10.91
N SER A 479 22.98 14.71 -10.21
CA SER A 479 22.51 15.25 -8.90
C SER A 479 21.49 16.36 -9.10
N CYS A 480 20.40 16.33 -8.31
CA CYS A 480 19.43 17.44 -8.12
C CYS A 480 18.87 17.93 -9.45
N ARG A 481 18.64 17.02 -10.40
CA ARG A 481 18.15 17.34 -11.76
C ARG A 481 16.63 17.59 -11.73
N GLU A 482 15.88 16.86 -10.90
CA GLU A 482 14.41 17.03 -10.79
C GLU A 482 14.05 17.48 -9.38
N PRO A 483 12.87 18.12 -9.19
CA PRO A 483 12.31 18.31 -7.86
C PRO A 483 11.73 16.97 -7.39
N ASN A 484 11.97 16.59 -6.14
CA ASN A 484 11.53 15.28 -5.55
C ASN A 484 12.00 14.15 -6.47
N GLN A 485 13.30 14.13 -6.81
CA GLN A 485 14.01 13.06 -7.55
C GLN A 485 14.01 11.81 -6.67
N HIS A 486 13.82 10.63 -7.26
CA HIS A 486 13.58 9.36 -6.53
C HIS A 486 14.86 8.51 -6.46
N PHE A 487 15.97 9.02 -6.98
CA PHE A 487 17.29 8.36 -6.87
C PHE A 487 18.36 9.42 -6.56
N LYS A 488 19.50 8.96 -6.06
CA LYS A 488 20.61 9.85 -5.60
C LYS A 488 21.94 9.17 -5.90
N PRO A 489 22.82 9.82 -6.70
CA PRO A 489 24.16 9.31 -6.94
C PRO A 489 25.05 9.55 -5.71
N TYR A 490 25.85 8.54 -5.38
CA TYR A 490 26.82 8.54 -4.27
C TYR A 490 28.09 7.86 -4.75
N LEU A 491 29.23 8.49 -4.52
CA LEU A 491 30.52 7.76 -4.54
C LEU A 491 30.46 6.82 -3.32
N LYS A 492 30.80 5.55 -3.50
CA LYS A 492 30.59 4.48 -2.47
C LYS A 492 30.99 4.98 -1.07
N HIS A 493 32.09 5.73 -0.95
CA HIS A 493 32.63 6.21 0.36
C HIS A 493 31.73 7.28 0.99
N PHE A 494 30.76 7.84 0.27
CA PHE A 494 29.82 8.87 0.80
C PHE A 494 28.46 8.26 1.16
N LEU A 495 28.23 6.98 0.82
CA LEU A 495 27.01 6.24 1.26
C LEU A 495 26.98 6.23 2.78
N PRO A 496 25.78 6.20 3.41
CA PRO A 496 25.66 6.07 4.86
C PRO A 496 26.48 4.87 5.37
N LYS A 497 27.23 5.08 6.44
CA LYS A 497 28.17 4.09 7.02
C LYS A 497 27.40 2.86 7.52
N ARG A 498 26.14 3.03 7.93
CA ARG A 498 25.26 1.93 8.42
C ARG A 498 25.12 0.85 7.34
N LEU A 499 25.18 1.22 6.05
CA LEU A 499 25.06 0.27 4.91
C LEU A 499 26.34 -0.56 4.75
N HIS A 500 27.45 -0.16 5.37
CA HIS A 500 28.78 -0.84 5.27
C HIS A 500 28.99 -1.41 3.87
N PHE A 501 28.97 -0.54 2.85
CA PHE A 501 29.01 -0.94 1.42
C PHE A 501 30.02 -0.07 0.65
N ALA A 502 31.32 -0.27 0.88
CA ALA A 502 32.39 0.53 0.21
C ALA A 502 33.73 -0.23 0.15
N LYS A 503 34.18 -0.89 1.23
CA LYS A 503 35.57 -1.42 1.36
C LYS A 503 35.97 -2.24 0.12
N SER A 504 35.15 -3.20 -0.32
CA SER A 504 35.50 -4.15 -1.42
C SER A 504 35.71 -3.40 -2.74
N ASP A 505 36.66 -3.89 -3.56
CA ASP A 505 36.97 -3.39 -4.92
C ASP A 505 35.92 -3.88 -5.93
N ARG A 506 35.09 -4.85 -5.55
CA ARG A 506 33.99 -5.39 -6.39
C ARG A 506 32.76 -4.46 -6.33
N ILE A 507 32.78 -3.49 -5.42
CA ILE A 507 31.74 -2.43 -5.32
C ILE A 507 32.15 -1.26 -6.23
N GLU A 508 31.40 -1.06 -7.31
CA GLU A 508 31.64 -0.01 -8.33
C GLU A 508 31.74 1.33 -7.59
N PRO A 509 32.75 2.18 -7.89
CA PRO A 509 32.92 3.47 -7.21
C PRO A 509 31.72 4.43 -7.19
N LEU A 510 30.80 4.30 -8.15
CA LEU A 510 29.54 5.10 -8.19
C LEU A 510 28.35 4.17 -7.97
N THR A 511 27.60 4.42 -6.91
CA THR A 511 26.37 3.70 -6.51
C THR A 511 25.19 4.67 -6.55
N PHE A 512 23.97 4.14 -6.54
CA PHE A 512 22.71 4.89 -6.45
C PHE A 512 21.92 4.40 -5.23
N TYR A 513 21.44 5.34 -4.43
CA TYR A 513 20.47 5.14 -3.34
C TYR A 513 19.08 5.44 -3.89
N LEU A 514 18.16 4.47 -3.85
CA LEU A 514 16.81 4.64 -4.45
C LEU A 514 15.76 4.68 -3.35
N ASP A 515 14.71 5.44 -3.60
CA ASP A 515 13.55 5.61 -2.70
C ASP A 515 12.79 4.29 -2.69
N PRO A 516 11.98 4.04 -1.64
CA PRO A 516 11.20 2.81 -1.56
C PRO A 516 10.36 2.64 -2.82
N GLN A 517 10.33 1.43 -3.37
CA GLN A 517 9.47 1.01 -4.52
C GLN A 517 10.10 1.43 -5.86
N TRP A 518 11.25 2.12 -5.82
CA TRP A 518 11.91 2.68 -7.03
C TRP A 518 13.14 1.85 -7.39
N GLN A 519 13.30 1.60 -8.70
CA GLN A 519 14.45 0.90 -9.33
C GLN A 519 15.05 1.80 -10.42
N LEU A 520 16.22 1.43 -10.96
CA LEU A 520 17.00 2.27 -11.91
C LEU A 520 17.75 1.36 -12.87
N ALA A 521 17.84 1.78 -14.15
CA ALA A 521 18.61 1.11 -15.22
C ALA A 521 19.16 2.15 -16.18
N LEU A 522 20.03 1.73 -17.11
CA LEU A 522 20.54 2.63 -18.18
C LEU A 522 19.39 2.98 -19.12
N ASN A 523 18.58 1.99 -19.50
CA ASN A 523 17.46 2.10 -20.45
C ASN A 523 16.55 0.89 -20.32
N PRO A 524 15.30 0.95 -20.84
CA PRO A 524 14.34 -0.15 -20.71
C PRO A 524 14.74 -1.51 -21.31
N SER A 525 15.72 -1.55 -22.22
CA SER A 525 16.24 -2.81 -22.82
C SER A 525 17.04 -3.59 -21.79
N GLU A 526 17.79 -2.89 -20.93
CA GLU A 526 18.75 -3.47 -19.95
C GLU A 526 18.09 -3.53 -18.55
N ARG A 527 17.06 -4.36 -18.41
CA ARG A 527 16.33 -4.66 -17.16
C ARG A 527 15.34 -5.80 -17.45
N LYS A 528 14.81 -6.45 -16.41
CA LYS A 528 13.74 -7.46 -16.52
C LYS A 528 12.40 -6.74 -16.36
N TYR A 529 11.27 -7.46 -16.33
CA TYR A 529 9.93 -6.81 -16.28
C TYR A 529 9.88 -5.86 -15.08
N CYS A 530 9.49 -4.60 -15.32
CA CYS A 530 9.46 -3.49 -14.32
C CYS A 530 8.34 -3.71 -13.29
N GLY A 531 7.27 -4.42 -13.66
CA GLY A 531 6.08 -4.59 -12.82
C GLY A 531 6.14 -5.81 -11.92
N SER A 532 7.27 -6.53 -11.94
CA SER A 532 7.50 -7.74 -11.10
C SER A 532 7.71 -7.33 -9.63
N GLY A 533 7.68 -8.30 -8.73
CA GLY A 533 8.15 -8.10 -7.35
C GLY A 533 9.66 -7.95 -7.37
N PHE A 534 10.23 -7.25 -6.40
CA PHE A 534 11.69 -6.99 -6.36
C PHE A 534 12.16 -6.77 -4.92
N HIS A 535 13.46 -6.93 -4.73
CA HIS A 535 14.20 -6.64 -3.47
C HIS A 535 15.59 -6.11 -3.83
N GLY A 536 16.28 -5.53 -2.86
CA GLY A 536 17.63 -4.97 -3.05
C GLY A 536 17.78 -3.63 -2.38
N SER A 537 16.67 -2.98 -2.05
CA SER A 537 16.64 -1.62 -1.45
C SER A 537 17.38 -1.57 -0.11
N ASP A 538 17.55 -0.35 0.41
CA ASP A 538 18.05 -0.03 1.78
C ASP A 538 17.53 -1.07 2.78
N ASN A 539 18.40 -1.57 3.65
CA ASN A 539 18.06 -2.66 4.59
C ASN A 539 17.26 -2.15 5.80
N VAL A 540 16.84 -0.89 5.85
CA VAL A 540 15.92 -0.42 6.95
C VAL A 540 14.50 -0.23 6.42
N PHE A 541 14.25 -0.40 5.12
CA PHE A 541 12.87 -0.31 4.55
C PHE A 541 12.05 -1.47 5.09
N SER A 542 10.83 -1.19 5.55
CA SER A 542 9.87 -2.16 6.15
C SER A 542 9.82 -3.46 5.34
N ASN A 543 9.58 -3.35 4.04
CA ASN A 543 9.22 -4.52 3.22
C ASN A 543 10.47 -5.34 2.93
N MET A 544 11.66 -4.87 3.27
CA MET A 544 12.92 -5.63 3.06
C MET A 544 13.24 -6.51 4.29
N GLN A 545 12.58 -6.26 5.43
CA GLN A 545 12.89 -6.94 6.72
C GLN A 545 12.61 -8.44 6.56
N ALA A 546 13.31 -9.28 7.32
CA ALA A 546 13.34 -10.75 7.15
C ALA A 546 12.74 -11.48 8.34
N LEU A 547 12.51 -12.79 8.14
CA LEU A 547 11.95 -13.73 9.14
C LEU A 547 13.08 -14.16 10.08
N PHE A 548 12.80 -14.27 11.37
CA PHE A 548 13.63 -15.05 12.31
C PHE A 548 12.73 -15.70 13.36
N VAL A 549 12.77 -17.03 13.45
CA VAL A 549 12.22 -17.82 14.59
C VAL A 549 13.28 -18.84 15.01
N GLY A 550 13.56 -18.89 16.32
CA GLY A 550 14.44 -19.90 16.95
C GLY A 550 13.63 -20.76 17.89
N TYR A 551 13.74 -22.08 17.76
CA TYR A 551 12.98 -23.04 18.58
C TYR A 551 13.88 -24.23 18.90
N GLY A 552 13.89 -24.62 20.18
CA GLY A 552 14.66 -25.79 20.63
C GLY A 552 15.18 -25.62 22.05
N PRO A 553 15.96 -26.60 22.55
CA PRO A 553 16.45 -26.56 23.92
C PRO A 553 17.29 -25.30 24.20
N GLY A 554 18.01 -24.81 23.20
CA GLY A 554 18.94 -23.67 23.32
C GLY A 554 18.24 -22.33 23.46
N PHE A 555 17.06 -22.17 22.85
CA PHE A 555 16.33 -20.88 22.74
C PHE A 555 15.27 -20.78 23.84
N LYS A 556 14.94 -19.56 24.22
CA LYS A 556 13.85 -19.25 25.17
C LYS A 556 12.50 -19.51 24.51
N HIS A 557 11.44 -19.56 25.30
CA HIS A 557 10.06 -19.92 24.86
C HIS A 557 9.14 -18.71 25.05
N GLY A 558 8.38 -18.35 24.01
CA GLY A 558 7.36 -17.29 24.07
C GLY A 558 7.94 -15.91 24.24
N ILE A 559 9.13 -15.67 23.70
CA ILE A 559 9.92 -14.40 23.81
C ILE A 559 9.80 -13.68 22.48
N GLU A 560 9.53 -12.37 22.52
CA GLU A 560 9.55 -11.49 21.33
C GLU A 560 10.68 -10.46 21.51
N ALA A 561 11.84 -10.72 20.91
CA ALA A 561 13.04 -9.86 20.96
C ALA A 561 12.86 -8.66 20.04
N ASP A 562 13.52 -7.55 20.35
CA ASP A 562 13.59 -6.34 19.47
C ASP A 562 14.38 -6.70 18.21
N THR A 563 14.23 -5.90 17.16
CA THR A 563 14.97 -6.02 15.89
C THR A 563 16.46 -6.25 16.15
N PHE A 564 17.04 -7.26 15.52
CA PHE A 564 18.51 -7.47 15.48
C PHE A 564 18.91 -7.75 14.03
N GLU A 565 20.20 -7.73 13.75
CA GLU A 565 20.75 -7.83 12.38
C GLU A 565 21.21 -9.28 12.13
N ASN A 566 21.07 -9.77 10.90
CA ASN A 566 21.36 -11.17 10.54
C ASN A 566 22.86 -11.46 10.73
N ILE A 567 23.72 -10.44 10.74
CA ILE A 567 25.19 -10.62 10.96
C ILE A 567 25.43 -11.11 12.40
N GLU A 568 24.44 -10.99 13.28
CA GLU A 568 24.54 -11.47 14.69
C GLU A 568 24.34 -12.99 14.77
N VAL A 569 23.82 -13.62 13.73
CA VAL A 569 23.32 -15.03 13.81
C VAL A 569 24.52 -16.01 13.86
N TYR A 570 25.60 -15.73 13.13
CA TYR A 570 26.81 -16.59 13.12
C TYR A 570 27.27 -16.85 14.56
N ASN A 571 27.46 -15.80 15.37
CA ASN A 571 27.89 -15.92 16.79
C ASN A 571 26.88 -16.80 17.56
N LEU A 572 25.59 -16.54 17.39
CA LEU A 572 24.50 -17.30 18.02
C LEU A 572 24.64 -18.79 17.67
N MET A 573 24.84 -19.12 16.40
CA MET A 573 24.96 -20.53 15.97
C MET A 573 26.24 -21.15 16.58
N CYS A 574 27.33 -20.40 16.62
CA CYS A 574 28.59 -20.86 17.28
C CYS A 574 28.29 -21.22 18.73
N ASP A 575 27.60 -20.35 19.47
CA ASP A 575 27.22 -20.60 20.89
C ASP A 575 26.38 -21.88 20.97
N LEU A 576 25.39 -22.03 20.09
CA LEU A 576 24.48 -23.20 20.09
C LEU A 576 25.27 -24.48 19.79
N LEU A 577 26.42 -24.39 19.12
CA LEU A 577 27.24 -25.57 18.76
C LEU A 577 28.52 -25.65 19.60
N ASN A 578 28.64 -24.83 20.66
CA ASN A 578 29.87 -24.73 21.50
C ASN A 578 31.09 -24.58 20.59
N LEU A 579 31.04 -23.61 19.66
CA LEU A 579 32.16 -23.25 18.74
C LEU A 579 32.70 -21.89 19.15
N THR A 580 34.02 -21.73 19.08
CA THR A 580 34.71 -20.41 19.05
C THR A 580 34.46 -19.80 17.68
N PRO A 581 33.81 -18.61 17.60
CA PRO A 581 33.57 -17.97 16.31
C PRO A 581 34.86 -17.43 15.69
N ALA A 582 35.00 -17.55 14.38
CA ALA A 582 35.95 -16.79 13.55
C ALA A 582 35.68 -15.30 13.77
N PRO A 583 36.64 -14.40 13.51
CA PRO A 583 36.38 -12.97 13.63
C PRO A 583 35.33 -12.53 12.59
N ASN A 584 34.36 -11.71 13.02
CA ASN A 584 33.18 -11.33 12.21
C ASN A 584 32.62 -10.00 12.72
N ASN A 585 31.55 -9.49 12.09
CA ASN A 585 31.02 -8.12 12.34
C ASN A 585 29.89 -8.14 13.36
N GLY A 586 29.48 -9.32 13.83
CA GLY A 586 28.55 -9.44 14.96
C GLY A 586 29.23 -9.09 16.27
N THR A 587 28.45 -8.64 17.25
CA THR A 587 28.92 -8.28 18.61
C THR A 587 28.58 -9.44 19.55
N HIS A 588 29.52 -10.38 19.71
CA HIS A 588 29.36 -11.62 20.54
C HIS A 588 28.80 -11.26 21.92
N GLY A 589 27.60 -11.76 22.22
CA GLY A 589 26.91 -11.54 23.51
C GLY A 589 25.70 -10.65 23.35
N SER A 590 25.55 -9.95 22.22
CA SER A 590 24.40 -9.05 21.96
C SER A 590 23.10 -9.86 21.80
N LEU A 591 23.19 -11.15 21.47
CA LEU A 591 22.00 -12.05 21.33
C LEU A 591 21.91 -13.06 22.49
N ASN A 592 22.65 -12.85 23.59
CA ASN A 592 22.58 -13.73 24.79
C ASN A 592 21.14 -13.78 25.36
N HIS A 593 20.35 -12.72 25.19
CA HIS A 593 18.95 -12.63 25.72
C HIS A 593 18.02 -13.61 24.99
N LEU A 594 18.44 -14.18 23.85
CA LEU A 594 17.65 -15.18 23.07
C LEU A 594 17.87 -16.58 23.63
N LEU A 595 18.96 -16.80 24.38
CA LEU A 595 19.40 -18.15 24.82
C LEU A 595 18.98 -18.45 26.27
N LYS A 596 18.58 -19.69 26.54
CA LYS A 596 18.31 -20.20 27.91
C LYS A 596 19.60 -20.08 28.74
N ASN A 597 20.72 -20.54 28.22
CA ASN A 597 22.03 -20.65 28.92
C ASN A 597 23.16 -20.11 28.05
N PRO A 598 23.38 -18.78 28.03
CA PRO A 598 24.52 -18.20 27.30
C PRO A 598 25.82 -18.90 27.68
N VAL A 599 26.70 -19.14 26.70
CA VAL A 599 28.01 -19.85 26.93
C VAL A 599 29.17 -18.84 26.91
N TYR A 600 28.96 -17.66 26.32
CA TYR A 600 29.97 -16.58 26.26
C TYR A 600 29.49 -15.41 27.11
N THR A 601 30.26 -15.03 28.12
CA THR A 601 30.05 -13.80 28.94
C THR A 601 30.93 -12.69 28.38
N PRO A 602 30.36 -11.63 27.77
CA PRO A 602 31.19 -10.57 27.21
C PRO A 602 31.73 -9.69 28.35
N LYS A 603 32.88 -9.05 28.09
CA LYS A 603 33.50 -8.06 28.99
C LYS A 603 33.69 -6.75 28.21
N HIS A 604 33.49 -5.62 28.87
CA HIS A 604 33.87 -4.27 28.36
C HIS A 604 35.33 -4.30 27.94
N PRO A 605 35.71 -3.77 26.75
CA PRO A 605 37.10 -3.75 26.33
C PRO A 605 37.96 -2.85 27.22
N LYS A 606 39.20 -3.27 27.52
CA LYS A 606 40.18 -2.58 28.39
C LYS A 606 40.93 -1.49 27.61
N GLU A 607 41.00 -0.28 28.18
CA GLU A 607 41.93 0.82 27.78
C GLU A 607 43.39 0.31 27.81
N VAL A 608 44.15 0.55 26.75
CA VAL A 608 45.54 0.00 26.55
C VAL A 608 46.55 0.90 27.25
N HIS A 609 46.48 2.23 27.07
CA HIS A 609 47.37 3.23 27.72
C HIS A 609 46.52 4.11 28.64
N PRO A 610 46.99 4.40 29.87
CA PRO A 610 46.18 5.11 30.86
C PRO A 610 46.20 6.61 30.50
N LEU A 611 45.16 7.34 30.92
CA LEU A 611 44.89 8.75 30.53
C LEU A 611 46.06 9.65 30.95
N VAL A 612 46.67 10.38 30.01
CA VAL A 612 47.73 11.42 30.26
C VAL A 612 47.05 12.65 30.88
N GLN A 613 47.80 13.50 31.58
CA GLN A 613 47.30 14.77 32.17
C GLN A 613 47.89 15.97 31.40
N CYS A 614 47.08 17.03 31.24
CA CYS A 614 47.40 18.32 30.59
C CYS A 614 47.39 19.43 31.64
N PRO A 615 48.52 19.70 32.32
CA PRO A 615 48.53 20.66 33.43
C PRO A 615 48.58 22.11 32.93
N PHE A 616 47.98 23.04 33.69
CA PHE A 616 48.07 24.51 33.46
C PHE A 616 49.55 24.91 33.46
N THR A 617 49.96 25.69 32.46
CA THR A 617 51.34 26.24 32.29
C THR A 617 51.22 27.76 32.07
N ARG A 618 51.78 28.55 33.00
CA ARG A 618 51.86 30.04 32.93
C ARG A 618 52.59 30.42 31.63
N ASN A 619 51.97 31.30 30.84
CA ASN A 619 52.40 31.67 29.47
C ASN A 619 51.74 32.99 29.11
N PRO A 620 52.20 33.69 28.05
CA PRO A 620 51.72 35.05 27.76
C PRO A 620 50.32 35.04 27.11
N ARG A 621 49.42 35.90 27.58
CA ARG A 621 48.11 36.19 26.94
C ARG A 621 48.41 36.73 25.54
N ASP A 622 48.22 35.91 24.49
CA ASP A 622 48.57 36.24 23.08
C ASP A 622 47.33 36.72 22.32
N ASN A 623 47.56 37.47 21.23
CA ASN A 623 46.52 37.90 20.27
C ASN A 623 46.29 36.75 19.28
N LEU A 624 45.07 36.21 19.25
CA LEU A 624 44.68 35.07 18.37
C LEU A 624 44.08 35.62 17.07
N GLY A 625 43.82 36.93 16.99
CA GLY A 625 43.31 37.63 15.80
C GLY A 625 41.80 37.75 15.83
N CYS A 626 41.20 37.67 17.01
N CYS A 626 41.20 37.66 17.01
CA CYS A 626 39.74 37.55 17.23
CA CYS A 626 39.73 37.54 17.22
C CYS A 626 39.13 38.94 17.39
C CYS A 626 39.13 38.94 17.39
N SER A 627 38.05 39.23 16.66
CA SER A 627 37.14 40.38 16.90
C SER A 627 35.90 39.85 17.65
N CYS A 628 36.07 39.51 18.93
CA CYS A 628 34.99 38.94 19.79
C CYS A 628 33.79 39.89 19.85
N ASN A 629 32.58 39.35 19.80
CA ASN A 629 31.31 40.07 20.03
C ASN A 629 31.33 40.58 21.46
N PRO A 630 30.98 41.87 21.72
CA PRO A 630 31.19 42.47 23.04
C PRO A 630 30.51 41.73 24.20
N SER A 631 29.31 41.16 23.97
CA SER A 631 28.44 40.51 24.99
C SER A 631 29.21 39.44 25.78
N ILE A 632 30.10 38.71 25.12
CA ILE A 632 30.84 37.55 25.70
C ILE A 632 31.78 38.06 26.80
N LEU A 633 31.58 37.60 28.03
CA LEU A 633 32.46 37.91 29.19
C LEU A 633 33.69 37.02 29.09
N PRO A 634 34.89 37.56 28.79
CA PRO A 634 36.08 36.73 28.64
C PRO A 634 36.52 36.04 29.95
N ILE A 635 37.58 35.22 29.85
CA ILE A 635 38.23 34.51 30.99
C ILE A 635 39.51 35.29 31.37
N GLU A 636 39.42 36.12 32.41
CA GLU A 636 40.42 37.17 32.73
C GLU A 636 41.47 36.62 33.70
N ASP A 637 41.11 35.64 34.53
CA ASP A 637 42.06 34.83 35.33
C ASP A 637 41.75 33.35 35.08
N PHE A 638 42.45 32.76 34.11
CA PHE A 638 42.27 31.34 33.68
C PHE A 638 42.56 30.42 34.87
N GLN A 639 43.73 30.56 35.50
CA GLN A 639 44.22 29.67 36.59
C GLN A 639 43.22 29.70 37.76
N THR A 640 42.59 30.84 38.02
CA THR A 640 41.51 31.01 39.02
C THR A 640 40.26 30.21 38.61
N GLN A 641 39.83 30.36 37.35
CA GLN A 641 38.55 29.83 36.80
C GLN A 641 38.62 28.30 36.59
N PHE A 642 39.83 27.72 36.56
CA PHE A 642 40.07 26.29 36.20
C PHE A 642 40.97 25.61 37.25
N ASN A 643 40.90 26.05 38.52
CA ASN A 643 41.51 25.35 39.69
C ASN A 643 40.36 24.84 40.57
N LEU A 644 39.91 23.60 40.30
CA LEU A 644 38.60 23.08 40.77
C LEU A 644 38.79 22.17 41.99
N THR A 645 37.92 22.30 43.00
CA THR A 645 37.89 21.46 44.23
C THR A 645 37.34 20.09 43.88
N VAL A 646 37.88 19.02 44.49
CA VAL A 646 37.49 17.60 44.22
C VAL A 646 35.96 17.51 44.25
N ALA A 647 35.32 18.11 45.25
CA ALA A 647 33.84 18.21 45.41
C ALA A 647 33.21 18.83 44.16
N GLU A 648 33.71 19.98 43.70
CA GLU A 648 33.24 20.71 42.48
C GLU A 648 33.38 19.82 41.24
N GLU A 649 34.48 19.05 41.14
CA GLU A 649 34.80 18.17 39.98
C GLU A 649 33.85 16.95 39.98
N LYS A 650 33.66 16.32 41.15
CA LYS A 650 32.72 15.18 41.35
C LYS A 650 31.33 15.60 40.86
N ILE A 651 30.86 16.79 41.23
CA ILE A 651 29.56 17.38 40.76
C ILE A 651 29.58 17.42 39.22
N ILE A 652 30.63 18.02 38.63
CA ILE A 652 30.78 18.20 37.15
C ILE A 652 30.78 16.83 36.46
N LYS A 653 31.63 15.91 36.91
CA LYS A 653 31.78 14.54 36.35
C LYS A 653 30.41 13.81 36.37
N HIS A 654 29.69 13.85 37.48
CA HIS A 654 28.35 13.24 37.66
C HIS A 654 27.35 13.80 36.65
N GLU A 655 27.49 15.06 36.23
CA GLU A 655 26.52 15.77 35.37
C GLU A 655 26.84 15.57 33.89
N THR A 656 28.10 15.34 33.54
CA THR A 656 28.60 15.35 32.14
C THR A 656 29.03 13.94 31.69
N LEU A 657 29.44 13.05 32.60
CA LEU A 657 29.83 11.65 32.28
C LEU A 657 29.05 10.67 33.13
N PRO A 658 27.69 10.73 33.11
CA PRO A 658 26.87 9.89 33.98
C PRO A 658 27.02 8.40 33.67
N TYR A 659 27.55 8.06 32.49
CA TYR A 659 27.69 6.67 31.99
C TYR A 659 29.16 6.24 32.02
N GLY A 660 30.04 7.12 32.52
CA GLY A 660 31.50 6.96 32.44
C GLY A 660 32.07 7.72 31.27
N ARG A 661 33.37 8.03 31.33
CA ARG A 661 34.08 8.70 30.23
C ARG A 661 34.25 7.68 29.12
N PRO A 662 34.10 8.09 27.84
CA PRO A 662 34.54 7.28 26.71
C PRO A 662 35.99 6.82 26.91
N ARG A 663 36.26 5.56 26.64
CA ARG A 663 37.62 4.95 26.79
C ARG A 663 38.22 4.81 25.39
N VAL A 664 39.51 5.09 25.27
CA VAL A 664 40.27 4.98 23.98
C VAL A 664 40.88 3.59 23.92
N LEU A 665 40.63 2.85 22.83
CA LEU A 665 41.13 1.47 22.62
C LEU A 665 42.25 1.46 21.59
N GLN A 666 42.60 2.63 21.01
CA GLN A 666 43.70 2.80 20.02
C GLN A 666 45.05 2.57 20.74
N LYS A 667 46.00 1.93 20.06
CA LYS A 667 47.29 1.46 20.64
C LYS A 667 48.21 2.66 20.95
N GLU A 668 48.72 3.32 19.90
CA GLU A 668 49.72 4.43 19.99
C GLU A 668 48.97 5.77 19.87
N ASN A 669 48.29 6.18 20.95
CA ASN A 669 47.48 7.42 21.03
C ASN A 669 47.53 7.98 22.46
N THR A 670 47.77 9.28 22.61
CA THR A 670 47.93 9.99 23.91
C THR A 670 46.85 11.08 24.03
N ILE A 671 45.85 10.82 24.88
CA ILE A 671 44.69 11.72 25.17
C ILE A 671 44.82 12.25 26.59
N CYS A 672 44.19 13.39 26.89
CA CYS A 672 44.15 13.98 28.25
C CYS A 672 42.76 14.56 28.53
N LEU A 673 42.27 14.41 29.77
CA LEU A 673 40.93 14.88 30.20
C LEU A 673 41.02 16.38 30.49
N LEU A 674 40.21 17.18 29.79
CA LEU A 674 40.08 18.63 30.04
C LEU A 674 38.71 18.90 30.68
N SER A 675 38.70 19.54 31.85
CA SER A 675 37.49 19.81 32.66
C SER A 675 37.00 21.23 32.39
N GLN A 676 35.68 21.43 32.41
CA GLN A 676 34.98 22.74 32.27
C GLN A 676 33.72 22.64 33.12
N HIS A 677 32.96 23.71 33.32
CA HIS A 677 31.79 23.70 34.25
C HIS A 677 30.63 22.93 33.61
N GLN A 678 30.43 23.06 32.29
CA GLN A 678 29.24 22.51 31.57
C GLN A 678 29.59 21.29 30.71
N PHE A 679 30.87 20.93 30.52
CA PHE A 679 31.27 19.80 29.65
C PHE A 679 32.69 19.29 29.99
N MET A 680 32.97 18.03 29.66
CA MET A 680 34.31 17.38 29.74
C MET A 680 34.71 16.95 28.32
N SER A 681 35.97 16.60 28.12
CA SER A 681 36.52 16.30 26.77
C SER A 681 37.81 15.50 26.89
N GLY A 682 38.11 14.70 25.86
CA GLY A 682 39.38 13.98 25.68
C GLY A 682 40.15 14.60 24.52
N TYR A 683 41.30 15.23 24.81
CA TYR A 683 42.07 16.03 23.82
C TYR A 683 43.24 15.21 23.30
N SER A 684 43.43 15.21 21.98
CA SER A 684 44.57 14.57 21.27
C SER A 684 45.61 15.63 20.91
N GLN A 685 46.82 15.52 21.49
CA GLN A 685 47.98 16.39 21.19
C GLN A 685 48.47 16.03 19.77
N ASP A 686 48.35 14.75 19.39
CA ASP A 686 48.87 14.17 18.12
C ASP A 686 48.10 14.74 16.92
N ILE A 687 46.81 15.06 17.08
CA ILE A 687 45.95 15.56 15.96
C ILE A 687 45.39 16.96 16.29
N LEU A 688 45.78 17.55 17.42
CA LEU A 688 45.53 18.98 17.78
C LEU A 688 44.02 19.26 17.73
N MET A 689 43.27 18.50 18.51
CA MET A 689 41.79 18.37 18.40
C MET A 689 41.31 17.46 19.52
N PRO A 690 40.08 17.68 20.05
CA PRO A 690 39.45 16.71 20.94
C PRO A 690 38.88 15.53 20.12
N LEU A 691 39.11 14.30 20.59
CA LEU A 691 38.51 13.06 20.02
C LEU A 691 37.04 12.97 20.42
N TRP A 692 36.66 13.55 21.57
CA TRP A 692 35.25 13.56 22.08
C TRP A 692 35.02 14.67 23.12
N THR A 693 33.84 15.30 23.11
CA THR A 693 33.27 16.05 24.26
C THR A 693 32.04 15.31 24.78
N SER A 694 31.71 15.53 26.06
CA SER A 694 30.48 15.03 26.70
C SER A 694 29.84 16.15 27.51
N TYR A 695 28.57 16.44 27.27
CA TYR A 695 27.75 17.39 28.06
C TYR A 695 26.32 16.88 28.19
N THR A 696 25.47 17.63 28.89
CA THR A 696 24.05 17.28 29.18
C THR A 696 23.18 18.53 29.06
N VAL A 697 22.26 18.53 28.09
CA VAL A 697 21.22 19.56 27.90
C VAL A 697 20.03 19.19 28.77
N ASP A 698 19.64 20.04 29.73
CA ASP A 698 18.46 19.86 30.61
C ASP A 698 17.24 20.54 29.97
N ARG A 699 16.04 20.07 30.30
CA ARG A 699 14.75 20.47 29.68
C ARG A 699 14.68 22.01 29.56
N ASN A 700 14.88 22.72 30.68
CA ASN A 700 14.69 24.19 30.79
C ASN A 700 16.08 24.87 30.78
N ASP A 701 16.86 24.65 29.73
CA ASP A 701 18.16 25.34 29.48
C ASP A 701 17.96 26.36 28.35
N SER A 702 18.77 27.42 28.34
CA SER A 702 18.74 28.54 27.35
C SER A 702 19.70 28.28 26.19
N PHE A 703 19.23 28.50 24.95
CA PHE A 703 20.05 28.55 23.71
C PHE A 703 20.02 29.98 23.17
N SER A 704 21.20 30.58 22.99
CA SER A 704 21.38 32.01 22.62
C SER A 704 21.43 32.16 21.09
N THR A 705 20.83 33.25 20.60
CA THR A 705 20.86 33.72 19.19
C THR A 705 22.07 34.66 18.99
N GLU A 706 22.76 35.01 20.07
CA GLU A 706 23.96 35.91 20.10
C GLU A 706 25.09 35.31 19.24
N ASP A 707 25.60 36.08 18.26
CA ASP A 707 26.76 35.72 17.40
C ASP A 707 28.00 35.46 18.28
N PHE A 708 28.78 34.43 17.94
CA PHE A 708 30.05 34.02 18.61
C PHE A 708 31.10 33.64 17.56
N SER A 709 30.95 34.15 16.33
CA SER A 709 31.92 33.97 15.22
C SER A 709 33.19 34.75 15.57
N ASN A 710 34.35 34.33 15.06
CA ASN A 710 35.64 35.06 15.15
C ASN A 710 35.93 35.38 16.62
N CYS A 711 35.58 34.50 17.55
CA CYS A 711 35.87 34.66 19.01
C CYS A 711 36.41 33.33 19.56
N LEU A 712 37.69 33.30 19.93
CA LEU A 712 38.37 32.18 20.63
C LEU A 712 39.09 32.71 21.88
N TYR A 713 39.12 31.90 22.94
CA TYR A 713 39.90 32.13 24.18
C TYR A 713 40.96 31.03 24.30
N GLN A 714 42.19 31.42 24.64
CA GLN A 714 43.37 30.54 24.68
C GLN A 714 43.23 29.59 25.87
N ASP A 715 43.56 28.31 25.67
CA ASP A 715 43.62 27.28 26.74
C ASP A 715 45.08 27.10 27.14
N PHE A 716 45.41 27.46 28.38
CA PHE A 716 46.78 27.50 28.91
C PHE A 716 47.23 26.08 29.30
N ARG A 717 46.32 25.10 29.22
CA ARG A 717 46.63 23.67 29.56
C ARG A 717 47.34 22.98 28.39
N ILE A 718 47.25 23.52 27.17
CA ILE A 718 47.97 23.01 25.96
C ILE A 718 48.77 24.14 25.32
N PRO A 719 49.90 23.82 24.65
CA PRO A 719 50.62 24.80 23.84
C PRO A 719 49.70 25.47 22.82
N LEU A 720 49.75 26.81 22.72
CA LEU A 720 49.11 27.58 21.62
C LEU A 720 49.76 27.16 20.30
N SER A 721 48.95 27.00 19.24
CA SER A 721 49.41 26.62 17.88
C SER A 721 48.72 27.52 16.86
N PRO A 722 49.34 27.76 15.69
CA PRO A 722 48.73 28.62 14.65
C PRO A 722 47.29 28.24 14.33
N VAL A 723 46.99 26.95 14.22
CA VAL A 723 45.65 26.44 13.77
C VAL A 723 44.59 26.62 14.88
N HIS A 724 45.00 27.01 16.10
CA HIS A 724 44.09 27.33 17.24
C HIS A 724 43.72 28.82 17.25
N LYS A 725 44.19 29.61 16.28
CA LYS A 725 44.04 31.09 16.26
C LYS A 725 42.96 31.50 15.26
N CYS A 726 42.08 32.44 15.64
CA CYS A 726 41.02 33.04 14.78
C CYS A 726 41.62 33.48 13.44
N SER A 727 42.88 33.89 13.45
CA SER A 727 43.63 34.48 12.31
C SER A 727 43.86 33.40 11.23
N PHE A 728 44.13 32.15 11.64
CA PHE A 728 44.35 31.01 10.72
C PHE A 728 43.11 30.79 9.85
N TYR A 729 41.93 31.09 10.39
CA TYR A 729 40.62 30.84 9.76
C TYR A 729 40.06 32.11 9.13
N LYS A 730 40.60 33.29 9.44
CA LYS A 730 40.07 34.61 8.98
C LYS A 730 40.09 34.67 7.46
N ASN A 731 38.90 34.79 6.84
CA ASN A 731 38.70 34.82 5.36
C ASN A 731 39.44 33.63 4.73
N ASN A 732 39.38 32.44 5.35
CA ASN A 732 40.01 31.19 4.82
C ASN A 732 38.95 30.44 4.00
N THR A 733 39.30 30.06 2.77
CA THR A 733 38.37 29.55 1.73
C THR A 733 38.53 28.02 1.59
N LYS A 734 39.44 27.41 2.36
CA LYS A 734 39.78 25.97 2.27
C LYS A 734 39.09 25.21 3.41
N VAL A 735 39.16 25.76 4.62
CA VAL A 735 38.54 25.17 5.83
C VAL A 735 38.18 26.32 6.78
N SER A 736 37.14 26.12 7.57
CA SER A 736 36.77 26.98 8.72
C SER A 736 36.83 26.11 9.99
N TYR A 737 36.28 26.56 11.10
CA TYR A 737 36.25 25.79 12.37
C TYR A 737 34.83 25.74 12.92
N GLY A 738 34.59 24.79 13.84
CA GLY A 738 33.34 24.69 14.62
C GLY A 738 33.63 24.14 16.01
N PHE A 739 32.67 24.30 16.94
CA PHE A 739 32.81 23.92 18.37
C PHE A 739 32.10 22.58 18.62
N LEU A 740 32.71 21.69 19.41
CA LEU A 740 32.12 20.38 19.79
C LEU A 740 31.04 20.60 20.86
N SER A 741 31.44 21.09 22.03
CA SER A 741 30.51 21.54 23.11
C SER A 741 30.02 22.93 22.75
N PRO A 742 28.69 23.16 22.62
CA PRO A 742 28.18 24.32 21.93
C PRO A 742 28.19 25.58 22.79
N PRO A 743 28.83 26.69 22.33
CA PRO A 743 28.81 27.94 23.08
C PRO A 743 27.40 28.55 23.25
N GLN A 744 26.41 28.17 22.43
CA GLN A 744 25.03 28.73 22.51
C GLN A 744 24.32 28.26 23.79
N LEU A 745 24.81 27.19 24.44
CA LEU A 745 24.11 26.55 25.60
C LEU A 745 24.66 27.13 26.90
N ASN A 746 23.84 27.94 27.58
CA ASN A 746 24.14 28.50 28.92
C ASN A 746 23.16 27.92 29.95
N LYS A 747 23.68 27.56 31.13
CA LYS A 747 22.93 27.10 32.33
C LYS A 747 22.77 28.26 33.33
N ASN A 748 23.80 29.10 33.45
CA ASN A 748 23.94 30.20 34.46
C ASN A 748 23.31 31.48 33.89
N SER A 749 23.91 32.06 32.85
CA SER A 749 23.44 33.29 32.15
C SER A 749 22.42 32.92 31.08
N SER A 750 21.89 33.91 30.37
CA SER A 750 21.05 33.75 29.15
C SER A 750 21.87 34.13 27.90
N GLY A 751 23.16 34.44 28.09
CA GLY A 751 24.09 34.88 27.02
C GLY A 751 24.82 33.72 26.37
N ILE A 752 26.16 33.76 26.37
CA ILE A 752 27.03 32.72 25.75
C ILE A 752 27.99 32.16 26.80
N TYR A 753 28.07 30.83 26.88
CA TYR A 753 29.00 30.07 27.75
C TYR A 753 30.42 30.26 27.22
N SER A 754 31.20 31.10 27.91
CA SER A 754 32.54 31.56 27.50
C SER A 754 33.54 30.40 27.48
N GLU A 755 33.47 29.49 28.44
CA GLU A 755 34.43 28.35 28.57
C GLU A 755 34.37 27.48 27.31
N ALA A 756 33.23 27.47 26.60
CA ALA A 756 33.01 26.73 25.34
C ALA A 756 33.84 27.32 24.20
N LEU A 757 34.34 28.55 24.35
CA LEU A 757 35.11 29.25 23.30
C LEU A 757 36.61 28.93 23.43
N LEU A 758 37.01 28.07 24.38
CA LEU A 758 38.42 27.61 24.53
C LEU A 758 38.93 27.05 23.20
N THR A 759 40.22 27.19 22.91
CA THR A 759 40.87 26.72 21.65
C THR A 759 40.80 25.19 21.56
N THR A 760 40.67 24.51 22.70
CA THR A 760 40.71 23.02 22.82
C THR A 760 39.36 22.41 22.40
N ASN A 761 38.29 23.19 22.35
CA ASN A 761 36.92 22.74 21.99
C ASN A 761 36.58 23.14 20.56
N ILE A 762 37.55 23.18 19.63
CA ILE A 762 37.28 23.49 18.19
C ILE A 762 37.85 22.37 17.31
N VAL A 763 37.23 22.21 16.14
CA VAL A 763 37.58 21.19 15.12
C VAL A 763 37.51 21.86 13.76
N PRO A 764 38.42 21.50 12.82
CA PRO A 764 38.31 21.93 11.43
C PRO A 764 36.91 21.61 10.89
N MET A 765 36.30 22.53 10.14
CA MET A 765 34.91 22.38 9.64
C MET A 765 34.72 23.19 8.36
N TYR A 766 34.35 22.53 7.26
CA TYR A 766 33.94 23.17 5.99
C TYR A 766 32.70 24.05 6.25
N GLN A 767 32.69 25.23 5.64
CA GLN A 767 31.63 26.26 5.75
C GLN A 767 30.25 25.67 5.41
N SER A 768 30.19 24.77 4.43
CA SER A 768 28.94 24.09 3.99
C SER A 768 28.37 23.22 5.12
N PHE A 769 29.23 22.52 5.86
CA PHE A 769 28.82 21.65 6.97
C PHE A 769 28.35 22.48 8.16
N GLN A 770 28.85 23.72 8.27
CA GLN A 770 28.48 24.63 9.38
C GLN A 770 26.95 24.79 9.43
N VAL A 771 26.27 24.81 8.29
CA VAL A 771 24.79 24.94 8.20
C VAL A 771 24.15 23.81 9.00
N ILE A 772 24.58 22.56 8.77
CA ILE A 772 24.06 21.33 9.43
C ILE A 772 24.34 21.44 10.93
N TRP A 773 25.58 21.75 11.27
CA TRP A 773 26.07 21.85 12.67
C TRP A 773 25.31 22.95 13.41
N ARG A 774 25.16 24.13 12.80
CA ARG A 774 24.46 25.31 13.40
C ARG A 774 22.98 24.94 13.62
N TYR A 775 22.33 24.33 12.62
CA TYR A 775 20.89 23.96 12.68
C TYR A 775 20.67 22.91 13.77
N PHE A 776 21.59 21.96 13.92
CA PHE A 776 21.47 20.88 14.92
C PHE A 776 21.47 21.50 16.32
N HIS A 777 22.45 22.36 16.60
CA HIS A 777 22.72 22.89 17.97
C HIS A 777 21.72 23.99 18.35
N ASP A 778 21.26 24.79 17.38
CA ASP A 778 20.33 25.92 17.62
C ASP A 778 18.88 25.41 17.76
N THR A 779 18.42 24.57 16.83
CA THR A 779 17.00 24.15 16.72
C THR A 779 16.79 22.72 17.26
N LEU A 780 17.40 21.73 16.62
CA LEU A 780 17.09 20.29 16.87
C LEU A 780 17.39 19.93 18.32
N LEU A 781 18.60 20.21 18.81
CA LEU A 781 19.05 19.81 20.16
C LEU A 781 18.07 20.34 21.22
N ARG A 782 17.51 21.54 21.01
CA ARG A 782 16.51 22.18 21.90
C ARG A 782 15.23 21.33 21.91
N LYS A 783 14.71 20.97 20.73
CA LYS A 783 13.48 20.15 20.56
C LYS A 783 13.69 18.77 21.20
N TYR A 784 14.85 18.12 20.95
CA TYR A 784 15.21 16.80 21.51
C TYR A 784 15.20 16.90 23.05
N ALA A 785 15.83 17.93 23.59
CA ALA A 785 16.00 18.16 25.05
C ALA A 785 14.62 18.26 25.73
N GLU A 786 13.66 18.93 25.09
CA GLU A 786 12.29 19.14 25.61
C GLU A 786 11.50 17.83 25.52
N GLU A 787 11.53 17.19 24.35
CA GLU A 787 10.79 15.94 24.02
C GLU A 787 11.16 14.82 25.01
N ARG A 788 12.43 14.72 25.42
CA ARG A 788 12.98 13.56 26.16
C ARG A 788 13.35 13.96 27.61
N ASN A 789 13.05 15.19 28.03
CA ASN A 789 13.32 15.70 29.40
C ASN A 789 14.82 15.56 29.72
N GLY A 790 15.65 16.12 28.85
CA GLY A 790 17.12 16.12 29.01
C GLY A 790 17.79 15.16 28.05
N VAL A 791 18.97 15.51 27.56
CA VAL A 791 19.78 14.69 26.63
C VAL A 791 21.25 14.80 27.00
N ASN A 792 21.88 13.69 27.34
CA ASN A 792 23.36 13.59 27.37
C ASN A 792 23.84 13.56 25.91
N VAL A 793 24.82 14.39 25.57
CA VAL A 793 25.40 14.44 24.20
C VAL A 793 26.89 14.09 24.29
N VAL A 794 27.35 13.25 23.37
CA VAL A 794 28.79 13.01 23.10
C VAL A 794 28.98 13.19 21.59
N SER A 795 29.80 14.15 21.18
CA SER A 795 30.09 14.45 19.76
C SER A 795 31.60 14.44 19.56
N GLY A 796 32.04 14.32 18.31
CA GLY A 796 33.47 14.20 17.99
C GLY A 796 33.72 14.01 16.50
N PRO A 797 34.99 14.11 16.07
CA PRO A 797 35.36 13.93 14.68
C PRO A 797 35.58 12.44 14.38
N VAL A 798 35.59 12.10 13.09
CA VAL A 798 35.81 10.72 12.58
C VAL A 798 36.80 10.82 11.41
N PHE A 799 37.83 9.99 11.41
CA PHE A 799 38.85 9.92 10.34
C PHE A 799 38.78 8.51 9.73
N ASP A 800 38.02 8.35 8.65
CA ASP A 800 37.93 7.07 7.88
C ASP A 800 38.30 7.35 6.42
N PHE A 801 39.59 7.53 6.16
CA PHE A 801 40.15 7.79 4.81
C PHE A 801 40.18 6.48 4.02
N ASP A 802 40.18 5.33 4.72
CA ASP A 802 40.19 3.97 4.12
C ASP A 802 38.76 3.51 3.75
N TYR A 803 37.74 4.27 4.17
CA TYR A 803 36.30 3.95 4.00
C TYR A 803 36.04 2.46 4.31
N ASP A 804 36.56 2.01 5.46
CA ASP A 804 36.47 0.59 5.90
C ASP A 804 35.65 0.49 7.19
N GLY A 805 35.04 1.60 7.62
CA GLY A 805 34.19 1.70 8.83
C GLY A 805 35.01 1.65 10.11
N ARG A 806 36.34 1.79 10.01
CA ARG A 806 37.30 1.65 11.14
C ARG A 806 38.15 2.93 11.24
N CYS A 807 38.36 3.42 12.48
CA CYS A 807 39.30 4.52 12.81
C CYS A 807 40.68 4.18 12.25
N ASP A 808 41.29 5.08 11.47
CA ASP A 808 42.64 4.88 10.88
C ASP A 808 43.69 5.10 11.97
N SER A 809 44.86 4.46 11.82
CA SER A 809 46.03 4.57 12.73
C SER A 809 46.55 6.01 12.74
N LEU A 810 47.20 6.40 13.84
CA LEU A 810 47.98 7.67 13.94
C LEU A 810 48.98 7.73 12.78
N GLU A 811 49.68 6.62 12.51
CA GLU A 811 50.69 6.50 11.43
C GLU A 811 50.07 6.92 10.09
N ASN A 812 48.97 6.28 9.68
CA ASN A 812 48.24 6.56 8.41
C ASN A 812 47.66 7.97 8.43
N LEU A 813 47.30 8.50 9.60
CA LEU A 813 46.69 9.86 9.75
C LEU A 813 47.72 10.95 9.41
N ARG A 814 48.98 10.76 9.81
CA ARG A 814 50.12 11.68 9.50
C ARG A 814 50.12 12.04 7.99
N GLN A 815 49.86 11.05 7.13
CA GLN A 815 50.01 11.14 5.65
C GLN A 815 48.73 11.70 4.99
N LYS A 816 47.67 11.94 5.75
CA LYS A 816 46.35 12.42 5.23
C LYS A 816 46.11 13.88 5.63
N ARG A 817 47.04 14.51 6.35
CA ARG A 817 47.00 15.96 6.70
C ARG A 817 47.10 16.78 5.40
N ARG A 818 46.32 17.85 5.31
CA ARG A 818 46.37 18.85 4.21
C ARG A 818 47.18 20.07 4.68
N VAL A 819 47.86 20.74 3.74
CA VAL A 819 48.64 21.98 4.03
C VAL A 819 47.82 23.19 3.59
N ILE A 820 47.42 24.00 4.56
CA ILE A 820 46.60 25.24 4.39
C ILE A 820 47.32 26.37 5.11
N ARG A 821 47.62 27.47 4.41
CA ARG A 821 48.40 28.63 4.91
C ARG A 821 49.67 28.12 5.59
N ASN A 822 50.38 27.21 4.93
CA ASN A 822 51.70 26.70 5.38
C ASN A 822 51.58 26.04 6.76
N GLN A 823 50.45 25.39 7.07
CA GLN A 823 50.28 24.60 8.31
C GLN A 823 49.71 23.21 7.95
N GLU A 824 50.08 22.21 8.74
CA GLU A 824 49.52 20.84 8.62
C GLU A 824 48.27 20.77 9.50
N ILE A 825 47.12 20.54 8.84
CA ILE A 825 45.79 20.37 9.49
C ILE A 825 45.20 19.03 9.01
N LEU A 826 44.54 18.30 9.91
CA LEU A 826 43.83 17.02 9.64
C LEU A 826 42.33 17.33 9.59
N ILE A 827 41.69 17.15 8.43
CA ILE A 827 40.27 17.52 8.24
C ILE A 827 39.42 16.26 8.35
N PRO A 828 38.53 16.19 9.36
CA PRO A 828 37.63 15.05 9.56
C PRO A 828 36.82 14.60 8.34
N THR A 829 36.71 13.29 8.14
CA THR A 829 35.88 12.63 7.09
C THR A 829 34.42 12.69 7.51
N HIS A 830 34.15 12.58 8.82
CA HIS A 830 32.78 12.62 9.40
C HIS A 830 32.81 13.27 10.78
N PHE A 831 31.63 13.60 11.30
CA PHE A 831 31.37 13.96 12.71
C PHE A 831 30.31 13.00 13.26
N PHE A 832 30.59 12.43 14.44
CA PHE A 832 29.65 11.54 15.18
C PHE A 832 28.93 12.33 16.27
N ILE A 833 27.66 12.01 16.50
CA ILE A 833 26.85 12.49 17.65
C ILE A 833 26.18 11.27 18.29
N VAL A 834 26.17 11.21 19.62
CA VAL A 834 25.44 10.17 20.40
C VAL A 834 24.55 10.87 21.44
N LEU A 835 23.23 10.86 21.20
CA LEU A 835 22.20 11.36 22.15
C LEU A 835 21.78 10.20 23.07
N THR A 836 21.65 10.47 24.38
CA THR A 836 21.24 9.48 25.41
C THR A 836 20.26 10.15 26.37
N SER A 837 19.02 9.65 26.43
CA SER A 837 17.97 10.01 27.43
C SER A 837 17.55 8.74 28.17
N CYS A 838 16.49 8.80 28.98
CA CYS A 838 15.86 7.60 29.61
C CYS A 838 14.66 7.19 28.77
N LYS A 839 14.37 5.88 28.72
CA LYS A 839 13.13 5.29 28.14
C LYS A 839 11.93 5.96 28.81
N ASP A 840 11.99 6.15 30.13
CA ASP A 840 10.98 6.85 30.95
C ASP A 840 11.31 8.35 31.01
N THR A 841 10.53 9.17 30.30
CA THR A 841 10.74 10.64 30.19
C THR A 841 10.68 11.29 31.59
N SER A 842 9.90 10.72 32.52
CA SER A 842 9.72 11.26 33.90
C SER A 842 11.08 11.50 34.55
N GLN A 843 12.03 10.57 34.38
CA GLN A 843 13.41 10.65 34.90
C GLN A 843 14.29 11.43 33.89
N THR A 844 15.39 12.01 34.34
CA THR A 844 16.34 12.78 33.49
C THR A 844 17.51 11.86 33.14
N PRO A 845 18.33 12.21 32.11
CA PRO A 845 19.53 11.45 31.74
C PRO A 845 20.49 10.99 32.84
N LEU A 846 20.50 11.66 33.99
CA LEU A 846 21.43 11.37 35.12
C LEU A 846 20.90 10.19 35.97
N HIS A 847 19.61 9.89 35.87
CA HIS A 847 18.91 8.87 36.71
C HIS A 847 18.00 7.99 35.84
N CYS A 848 18.57 7.27 34.86
CA CYS A 848 17.81 6.34 33.96
C CYS A 848 18.00 4.91 34.45
N GLU A 849 16.90 4.15 34.55
CA GLU A 849 16.94 2.68 34.72
C GLU A 849 17.23 2.05 33.35
N ASN A 850 16.71 2.65 32.27
CA ASN A 850 16.84 2.14 30.88
C ASN A 850 17.18 3.28 29.91
N LEU A 851 18.30 3.13 29.19
CA LEU A 851 18.83 4.16 28.25
C LEU A 851 18.07 4.06 26.92
N ASP A 852 17.65 5.21 26.38
CA ASP A 852 17.16 5.38 24.99
C ASP A 852 18.22 6.18 24.22
N THR A 853 18.80 5.59 23.18
CA THR A 853 19.97 6.17 22.45
C THR A 853 19.62 6.46 21.00
N LEU A 854 20.40 7.34 20.40
CA LEU A 854 20.25 7.82 19.02
C LEU A 854 21.62 8.33 18.57
N ALA A 855 22.22 7.73 17.54
CA ALA A 855 23.59 8.07 17.07
C ALA A 855 23.56 8.41 15.58
N PHE A 856 24.47 9.28 15.17
CA PHE A 856 24.67 9.71 13.77
C PHE A 856 26.15 9.69 13.44
N ILE A 857 26.47 9.39 12.18
CA ILE A 857 27.82 9.55 11.57
C ILE A 857 27.62 10.43 10.34
N LEU A 858 27.72 11.74 10.52
CA LEU A 858 27.39 12.76 9.50
C LEU A 858 28.59 12.96 8.60
N PRO A 859 28.41 12.92 7.27
CA PRO A 859 29.53 13.09 6.35
C PRO A 859 29.97 14.57 6.32
N HIS A 860 31.29 14.78 6.37
CA HIS A 860 31.93 16.11 6.38
C HIS A 860 32.37 16.45 4.96
N ARG A 861 31.49 17.13 4.21
CA ARG A 861 31.68 17.40 2.77
C ARG A 861 31.75 18.91 2.54
N THR A 862 32.42 19.31 1.46
CA THR A 862 32.72 20.72 1.09
C THR A 862 31.47 21.42 0.55
N ASP A 863 30.50 20.66 0.00
CA ASP A 863 29.19 21.18 -0.45
C ASP A 863 28.05 20.35 0.17
N ASN A 864 26.82 20.82 0.04
CA ASN A 864 25.60 20.12 0.49
C ASN A 864 24.81 19.66 -0.73
N SER A 865 25.49 19.14 -1.76
CA SER A 865 24.86 18.61 -3.00
C SER A 865 24.00 17.38 -2.68
N GLU A 866 24.41 16.59 -1.69
CA GLU A 866 23.71 15.36 -1.21
C GLU A 866 22.26 15.69 -0.87
N SER A 867 22.00 16.86 -0.27
CA SER A 867 20.67 17.24 0.28
C SER A 867 19.85 18.07 -0.72
N CYS A 868 20.42 18.45 -1.87
CA CYS A 868 19.77 19.24 -2.96
C CYS A 868 19.04 20.43 -2.35
N VAL A 869 19.78 21.38 -1.79
CA VAL A 869 19.23 22.64 -1.19
C VAL A 869 18.70 23.52 -2.33
N HIS A 870 17.38 23.80 -2.34
CA HIS A 870 16.69 24.65 -3.36
C HIS A 870 15.18 24.59 -3.11
N ASP A 874 13.69 26.94 4.43
CA ASP A 874 13.37 25.90 5.43
C ASP A 874 14.47 24.82 5.41
N SER A 875 15.20 24.64 6.53
CA SER A 875 16.27 23.62 6.71
C SER A 875 15.66 22.32 7.28
N SER A 876 14.56 21.82 6.71
CA SER A 876 13.92 20.54 7.06
C SER A 876 14.70 19.36 6.44
N TRP A 877 15.55 19.63 5.46
CA TRP A 877 16.50 18.67 4.81
C TRP A 877 17.59 18.21 5.78
N VAL A 878 17.93 19.01 6.78
CA VAL A 878 18.97 18.67 7.78
C VAL A 878 18.47 17.46 8.60
N GLU A 879 17.19 17.45 8.97
CA GLU A 879 16.55 16.32 9.70
C GLU A 879 16.66 15.06 8.84
N GLU A 880 16.31 15.17 7.55
CA GLU A 880 16.29 14.02 6.62
C GLU A 880 17.72 13.46 6.50
N LEU A 881 18.74 14.33 6.43
CA LEU A 881 20.16 13.90 6.29
C LEU A 881 20.61 13.20 7.57
N LEU A 882 20.21 13.71 8.73
CA LEU A 882 20.54 13.07 10.03
C LEU A 882 19.95 11.67 10.02
N MET A 883 18.66 11.53 9.68
CA MET A 883 17.94 10.23 9.69
C MET A 883 18.68 9.25 8.76
N LEU A 884 18.98 9.65 7.53
CA LEU A 884 19.66 8.77 6.54
C LEU A 884 20.99 8.29 7.10
N HIS A 885 21.69 9.12 7.90
CA HIS A 885 23.06 8.87 8.38
C HIS A 885 23.03 8.46 9.85
N ARG A 886 21.89 7.91 10.31
CA ARG A 886 21.77 7.28 11.65
C ARG A 886 22.73 6.09 11.70
N ALA A 887 23.20 5.72 12.87
CA ALA A 887 24.13 4.59 13.07
C ALA A 887 23.89 3.94 14.43
N ARG A 888 24.31 2.69 14.55
CA ARG A 888 24.42 1.99 15.84
C ARG A 888 25.57 2.64 16.61
N ILE A 889 25.46 2.73 17.93
CA ILE A 889 26.59 3.11 18.81
C ILE A 889 27.80 2.26 18.45
N THR A 890 27.60 0.96 18.20
CA THR A 890 28.69 0.03 17.78
C THR A 890 29.41 0.56 16.54
N ASP A 891 28.68 1.14 15.58
CA ASP A 891 29.26 1.69 14.33
C ASP A 891 30.20 2.85 14.70
N VAL A 892 29.72 3.75 15.56
CA VAL A 892 30.49 4.91 16.10
C VAL A 892 31.74 4.37 16.81
N GLU A 893 31.58 3.38 17.69
CA GLU A 893 32.70 2.78 18.47
C GLU A 893 33.78 2.30 17.48
N HIS A 894 33.39 1.55 16.46
CA HIS A 894 34.34 0.93 15.50
C HIS A 894 35.10 2.03 14.74
N ILE A 895 34.44 3.14 14.42
CA ILE A 895 34.97 4.15 13.45
C ILE A 895 35.74 5.25 14.20
N THR A 896 35.62 5.32 15.54
CA THR A 896 36.32 6.32 16.39
C THR A 896 37.38 5.66 17.29
N GLY A 897 37.29 4.35 17.55
CA GLY A 897 38.17 3.63 18.49
C GLY A 897 37.78 3.89 19.94
N LEU A 898 36.59 4.43 20.18
CA LEU A 898 36.04 4.75 21.53
C LEU A 898 35.07 3.66 21.95
N SER A 899 34.78 3.58 23.26
CA SER A 899 33.88 2.59 23.89
C SER A 899 33.08 3.27 25.01
N PHE A 900 31.75 3.25 24.89
CA PHE A 900 30.84 4.07 25.74
C PHE A 900 30.17 3.20 26.81
N TYR A 901 29.60 3.88 27.81
CA TYR A 901 28.67 3.32 28.83
C TYR A 901 29.40 2.27 29.69
N GLN A 902 30.73 2.31 29.79
CA GLN A 902 31.51 1.28 30.54
C GLN A 902 31.24 1.36 32.05
N GLN A 903 30.55 2.40 32.54
CA GLN A 903 30.27 2.57 34.01
C GLN A 903 28.79 2.29 34.32
N ARG A 904 27.96 1.91 33.35
CA ARG A 904 26.56 1.53 33.62
C ARG A 904 26.54 0.23 34.42
N LYS A 905 25.58 0.12 35.33
CA LYS A 905 25.46 -0.99 36.31
C LYS A 905 24.82 -2.22 35.66
N GLU A 906 24.21 -2.08 34.46
CA GLU A 906 23.63 -3.19 33.64
C GLU A 906 24.70 -4.24 33.34
N PRO A 907 24.33 -5.54 33.17
CA PRO A 907 25.26 -6.53 32.65
C PRO A 907 25.75 -6.17 31.23
N VAL A 908 26.94 -6.66 30.85
CA VAL A 908 27.65 -6.28 29.60
C VAL A 908 26.79 -6.66 28.38
N SER A 909 26.25 -7.87 28.39
CA SER A 909 25.37 -8.40 27.30
C SER A 909 24.20 -7.44 27.06
N ASP A 910 23.60 -6.86 28.09
CA ASP A 910 22.46 -5.91 27.94
C ASP A 910 22.97 -4.63 27.27
N ILE A 911 24.18 -4.18 27.63
CA ILE A 911 24.81 -2.94 27.05
C ILE A 911 25.10 -3.20 25.56
N LEU A 912 25.67 -4.35 25.23
CA LEU A 912 25.92 -4.77 23.83
C LEU A 912 24.61 -4.71 23.02
N LYS A 913 23.52 -5.21 23.59
CA LYS A 913 22.19 -5.21 22.93
C LYS A 913 21.87 -3.77 22.54
N LEU A 914 22.06 -2.85 23.49
CA LEU A 914 21.78 -1.40 23.33
C LEU A 914 22.68 -0.80 22.26
N LYS A 915 23.97 -1.16 22.26
CA LYS A 915 24.97 -0.56 21.35
C LYS A 915 24.71 -1.00 19.91
N THR A 916 24.22 -2.23 19.69
CA THR A 916 23.96 -2.81 18.35
C THR A 916 22.60 -2.35 17.80
N HIS A 917 21.79 -1.69 18.61
CA HIS A 917 20.46 -1.18 18.17
C HIS A 917 20.64 -0.10 17.10
N LEU A 918 19.86 -0.18 16.03
CA LEU A 918 19.69 0.95 15.06
C LEU A 918 18.35 1.62 15.34
N PRO A 919 18.31 2.98 15.41
CA PRO A 919 17.06 3.68 15.67
C PRO A 919 16.10 3.64 14.48
N THR A 920 14.79 3.76 14.73
CA THR A 920 13.72 3.83 13.70
C THR A 920 12.91 5.12 13.88
N PHE A 921 12.23 5.56 12.82
CA PHE A 921 11.40 6.80 12.78
C PHE A 921 10.13 6.56 11.96
N VAL B 105 -14.41 -54.87 11.07
CA VAL B 105 -13.82 -53.53 10.73
C VAL B 105 -13.98 -52.61 11.95
N LYS B 106 -13.04 -51.66 12.12
CA LYS B 106 -13.06 -50.67 13.25
C LYS B 106 -13.42 -49.29 12.68
N SER B 107 -14.58 -49.24 12.03
CA SER B 107 -15.26 -48.02 11.48
C SER B 107 -16.69 -47.94 12.03
N CYS B 108 -17.25 -46.74 12.10
CA CYS B 108 -18.63 -46.47 12.57
C CYS B 108 -19.63 -46.51 11.40
N LYS B 109 -19.21 -46.70 10.16
CA LYS B 109 -20.15 -46.75 9.01
C LYS B 109 -21.14 -47.90 9.24
N GLY B 110 -22.43 -47.60 9.15
CA GLY B 110 -23.51 -48.58 9.35
C GLY B 110 -23.94 -48.74 10.80
N ARG B 111 -23.17 -48.24 11.76
CA ARG B 111 -23.37 -48.56 13.20
C ARG B 111 -23.52 -47.31 14.06
N CYS B 112 -23.72 -46.11 13.51
CA CYS B 112 -23.80 -44.89 14.36
C CYS B 112 -24.85 -45.12 15.46
N PHE B 113 -24.45 -44.95 16.72
CA PHE B 113 -25.32 -44.90 17.93
C PHE B 113 -25.83 -46.30 18.32
N GLU B 114 -25.32 -47.36 17.71
CA GLU B 114 -25.68 -48.76 18.08
C GLU B 114 -24.65 -49.26 19.10
N ARG B 115 -25.14 -49.91 20.16
CA ARG B 115 -24.32 -50.71 21.13
C ARG B 115 -23.48 -51.70 20.33
N THR B 116 -22.20 -51.84 20.69
CA THR B 116 -21.24 -52.79 20.05
C THR B 116 -20.60 -53.65 21.14
N PHE B 117 -20.03 -54.80 20.77
CA PHE B 117 -19.27 -55.67 21.70
C PHE B 117 -17.74 -55.51 21.49
N GLY B 118 -17.18 -56.28 20.55
CA GLY B 118 -15.72 -56.52 20.42
C GLY B 118 -15.08 -55.65 19.35
N ASN B 119 -15.32 -54.35 19.42
CA ASN B 119 -14.79 -53.34 18.48
C ASN B 119 -14.74 -51.99 19.22
N CYS B 120 -14.40 -50.91 18.51
CA CYS B 120 -14.44 -49.51 19.00
C CYS B 120 -15.90 -49.05 19.07
N ARG B 121 -16.15 -47.95 19.78
CA ARG B 121 -17.53 -47.46 20.06
C ARG B 121 -17.92 -46.34 19.09
N CYS B 122 -19.24 -46.14 18.95
CA CYS B 122 -19.91 -45.20 18.03
C CYS B 122 -21.11 -44.56 18.72
N ASP B 123 -21.04 -44.38 20.04
CA ASP B 123 -22.11 -43.76 20.85
C ASP B 123 -21.51 -42.52 21.55
N ALA B 124 -22.37 -41.60 22.00
CA ALA B 124 -22.00 -40.26 22.48
C ALA B 124 -21.02 -40.35 23.68
N ALA B 125 -21.12 -41.41 24.47
CA ALA B 125 -20.31 -41.63 25.69
C ALA B 125 -18.84 -41.87 25.34
N CYS B 126 -18.56 -42.51 24.20
CA CYS B 126 -17.20 -43.01 23.80
C CYS B 126 -16.14 -41.94 24.02
N VAL B 127 -16.47 -40.66 23.78
CA VAL B 127 -15.49 -39.53 23.77
C VAL B 127 -14.81 -39.46 25.14
N GLU B 128 -15.61 -39.41 26.22
CA GLU B 128 -15.14 -39.39 27.64
C GLU B 128 -14.25 -40.61 27.92
N LEU B 129 -14.59 -41.78 27.38
CA LEU B 129 -13.87 -43.08 27.63
C LEU B 129 -12.68 -43.23 26.69
N GLY B 130 -12.56 -42.35 25.68
CA GLY B 130 -11.48 -42.35 24.68
C GLY B 130 -11.39 -43.67 23.92
N ASN B 131 -12.52 -44.28 23.60
CA ASN B 131 -12.60 -45.59 22.89
C ASN B 131 -13.47 -45.46 21.63
N CYS B 132 -13.70 -44.24 21.11
CA CYS B 132 -14.41 -44.01 19.82
C CYS B 132 -13.56 -44.59 18.68
N CYS B 133 -14.19 -45.13 17.62
CA CYS B 133 -13.52 -45.38 16.32
C CYS B 133 -12.98 -44.04 15.81
N LEU B 134 -11.91 -44.04 15.03
CA LEU B 134 -11.29 -42.77 14.56
C LEU B 134 -12.28 -41.97 13.70
N ASP B 135 -13.23 -42.62 13.03
CA ASP B 135 -14.15 -41.93 12.07
C ASP B 135 -15.52 -41.65 12.72
N TYR B 136 -15.63 -41.77 14.05
CA TYR B 136 -16.88 -41.48 14.79
C TYR B 136 -17.39 -40.07 14.47
N GLN B 137 -16.56 -39.04 14.65
CA GLN B 137 -16.95 -37.62 14.46
C GLN B 137 -17.43 -37.38 13.02
N GLU B 138 -16.64 -37.80 12.03
CA GLU B 138 -16.88 -37.54 10.59
C GLU B 138 -18.18 -38.23 10.16
N THR B 139 -18.43 -39.46 10.63
CA THR B 139 -19.55 -40.30 10.11
C THR B 139 -20.85 -40.01 10.88
N CYS B 140 -20.80 -39.70 12.19
CA CYS B 140 -21.99 -39.69 13.08
C CYS B 140 -22.38 -38.28 13.56
N ILE B 141 -21.43 -37.34 13.67
CA ILE B 141 -21.69 -36.00 14.29
C ILE B 141 -21.63 -34.92 13.22
N GLU B 142 -20.51 -34.82 12.50
CA GLU B 142 -20.26 -33.76 11.48
C GLU B 142 -21.51 -33.55 10.61
N PRO B 143 -22.18 -34.60 10.09
CA PRO B 143 -23.39 -34.42 9.29
C PRO B 143 -24.53 -33.59 9.91
N GLU B 144 -24.52 -33.40 11.23
CA GLU B 144 -25.50 -32.54 11.95
C GLU B 144 -25.15 -31.06 11.74
N HIS B 145 -23.94 -30.76 11.27
CA HIS B 145 -23.37 -29.37 11.20
C HIS B 145 -22.93 -28.96 9.79
N ILE B 146 -23.04 -29.84 8.78
CA ILE B 146 -22.52 -29.54 7.41
C ILE B 146 -23.58 -29.79 6.33
N TRP B 147 -23.43 -29.11 5.19
CA TRP B 147 -24.38 -29.15 4.05
C TRP B 147 -23.74 -29.86 2.86
N THR B 148 -22.69 -30.65 3.09
CA THR B 148 -21.85 -31.26 2.02
C THR B 148 -21.74 -32.76 2.21
N CYS B 149 -21.76 -33.51 1.12
CA CYS B 149 -21.27 -34.91 1.08
C CYS B 149 -19.74 -34.87 0.96
N ASN B 150 -19.12 -36.00 1.25
CA ASN B 150 -17.69 -36.31 1.00
C ASN B 150 -17.69 -37.79 0.68
N LYS B 151 -16.62 -38.33 0.10
CA LYS B 151 -16.65 -39.71 -0.45
C LYS B 151 -16.95 -40.72 0.67
N PHE B 152 -16.67 -40.38 1.94
CA PHE B 152 -16.86 -41.29 3.09
C PHE B 152 -18.27 -41.18 3.67
N ARG B 153 -19.11 -40.26 3.19
CA ARG B 153 -20.57 -40.21 3.51
C ARG B 153 -21.37 -40.92 2.42
N CYS B 154 -20.80 -41.11 1.22
CA CYS B 154 -21.47 -41.79 0.09
C CYS B 154 -21.95 -43.18 0.53
N GLY B 155 -23.26 -43.40 0.48
CA GLY B 155 -23.90 -44.66 0.89
C GLY B 155 -23.94 -44.80 2.41
N GLU B 156 -23.93 -43.69 3.13
CA GLU B 156 -24.11 -43.68 4.60
C GLU B 156 -25.48 -44.31 4.93
N LYS B 157 -25.56 -44.98 6.07
CA LYS B 157 -26.85 -45.26 6.75
C LYS B 157 -27.44 -43.91 7.18
N ARG B 158 -28.62 -43.58 6.67
CA ARG B 158 -29.33 -42.31 6.95
C ARG B 158 -29.29 -42.03 8.46
N LEU B 159 -28.84 -40.83 8.83
CA LEU B 159 -28.96 -40.26 10.21
C LEU B 159 -30.18 -39.33 10.23
N THR B 160 -30.99 -39.37 11.28
CA THR B 160 -32.22 -38.55 11.42
C THR B 160 -31.84 -37.08 11.66
N ARG B 161 -30.68 -36.82 12.28
CA ARG B 161 -30.25 -35.48 12.75
C ARG B 161 -29.40 -34.75 11.70
N SER B 162 -29.04 -35.41 10.59
CA SER B 162 -28.21 -34.81 9.50
C SER B 162 -29.03 -33.72 8.78
N LEU B 163 -28.38 -32.65 8.33
CA LEU B 163 -29.02 -31.49 7.65
C LEU B 163 -29.44 -31.90 6.24
N CYS B 164 -28.62 -32.72 5.58
CA CYS B 164 -28.91 -33.30 4.25
C CYS B 164 -28.32 -34.71 4.23
N ALA B 165 -28.66 -35.50 3.22
CA ALA B 165 -28.38 -36.95 3.15
C ALA B 165 -27.41 -37.26 2.00
N CYS B 166 -26.61 -38.33 2.18
CA CYS B 166 -25.76 -38.94 1.13
C CYS B 166 -26.06 -40.44 1.07
N SER B 167 -27.16 -40.87 1.70
CA SER B 167 -27.68 -42.27 1.66
C SER B 167 -28.15 -42.59 0.23
N ASP B 168 -28.15 -43.88 -0.14
CA ASP B 168 -28.51 -44.36 -1.51
C ASP B 168 -29.94 -43.93 -1.85
N ASP B 169 -30.80 -43.74 -0.84
CA ASP B 169 -32.24 -43.41 -0.99
C ASP B 169 -32.46 -41.89 -1.07
N CYS B 170 -31.40 -41.06 -1.12
CA CYS B 170 -31.53 -39.58 -0.92
C CYS B 170 -32.27 -38.95 -2.11
N LYS B 171 -32.05 -39.43 -3.34
CA LYS B 171 -32.69 -38.86 -4.55
C LYS B 171 -34.20 -39.14 -4.49
N ASP B 172 -34.59 -40.36 -4.09
CA ASP B 172 -36.01 -40.76 -3.88
C ASP B 172 -36.67 -39.83 -2.85
N LYS B 173 -36.10 -39.69 -1.65
CA LYS B 173 -36.67 -38.86 -0.56
C LYS B 173 -36.44 -37.37 -0.84
N GLY B 174 -35.68 -37.04 -1.91
CA GLY B 174 -35.46 -35.66 -2.41
C GLY B 174 -34.77 -34.76 -1.40
N ASP B 175 -33.70 -35.21 -0.76
CA ASP B 175 -32.98 -34.41 0.27
C ASP B 175 -31.46 -34.72 0.22
N CYS B 176 -30.93 -35.08 -0.95
CA CYS B 176 -29.46 -35.16 -1.19
C CYS B 176 -28.83 -33.79 -0.95
N CYS B 177 -27.65 -33.75 -0.33
CA CYS B 177 -26.80 -32.54 -0.29
C CYS B 177 -26.55 -32.08 -1.72
N ILE B 178 -26.45 -30.77 -1.93
CA ILE B 178 -26.27 -30.15 -3.27
C ILE B 178 -25.12 -30.85 -4.03
N ASN B 179 -24.02 -31.20 -3.35
CA ASN B 179 -22.81 -31.73 -4.03
C ASN B 179 -22.85 -33.25 -4.11
N TYR B 180 -24.00 -33.89 -3.84
CA TYR B 180 -24.16 -35.37 -3.80
C TYR B 180 -23.73 -35.99 -5.14
N SER B 181 -24.23 -35.46 -6.27
CA SER B 181 -23.99 -36.02 -7.62
C SER B 181 -22.53 -35.87 -8.04
N SER B 182 -21.87 -34.78 -7.63
CA SER B 182 -20.45 -34.53 -7.98
C SER B 182 -19.55 -35.49 -7.17
N VAL B 183 -19.85 -35.68 -5.90
CA VAL B 183 -19.00 -36.46 -4.95
C VAL B 183 -19.29 -37.96 -5.07
N CYS B 184 -20.57 -38.35 -5.12
CA CYS B 184 -21.03 -39.75 -4.90
C CYS B 184 -21.41 -40.46 -6.20
N GLN B 185 -21.58 -39.76 -7.32
CA GLN B 185 -22.08 -40.37 -8.57
C GLN B 185 -21.21 -39.96 -9.76
N GLY B 186 -20.03 -39.37 -9.52
CA GLY B 186 -19.03 -39.10 -10.56
C GLY B 186 -19.45 -38.10 -11.63
N GLU B 187 -20.49 -37.28 -11.39
CA GLU B 187 -20.78 -36.09 -12.25
C GLU B 187 -19.72 -35.02 -11.96
N LYS B 188 -19.55 -34.06 -12.87
CA LYS B 188 -18.71 -32.87 -12.62
C LYS B 188 -19.58 -31.82 -11.93
N SER B 189 -18.99 -31.07 -10.99
CA SER B 189 -19.61 -29.87 -10.38
C SER B 189 -19.62 -28.76 -11.42
N TRP B 190 -20.47 -27.75 -11.24
CA TRP B 190 -20.57 -26.63 -12.22
C TRP B 190 -19.19 -26.02 -12.45
N VAL B 191 -18.42 -25.76 -11.40
CA VAL B 191 -17.11 -25.07 -11.52
C VAL B 191 -16.13 -25.93 -12.32
N GLU B 192 -16.28 -27.26 -12.26
CA GLU B 192 -15.37 -28.21 -12.94
C GLU B 192 -15.64 -28.27 -14.44
N GLU B 193 -16.86 -27.95 -14.88
CA GLU B 193 -17.23 -28.00 -16.32
C GLU B 193 -16.56 -26.84 -17.03
N PRO B 194 -16.08 -27.05 -18.27
CA PRO B 194 -15.55 -25.96 -19.08
C PRO B 194 -16.63 -24.95 -19.51
N CYS B 195 -16.21 -23.73 -19.86
CA CYS B 195 -17.09 -22.67 -20.38
C CYS B 195 -17.95 -23.26 -21.51
N GLU B 196 -19.22 -22.86 -21.55
CA GLU B 196 -20.24 -23.17 -22.57
C GLU B 196 -20.78 -21.88 -23.18
N SER B 197 -21.06 -21.85 -24.47
CA SER B 197 -21.92 -20.81 -25.10
C SER B 197 -23.38 -21.19 -24.83
N ILE B 198 -24.19 -20.24 -24.33
CA ILE B 198 -25.64 -20.45 -24.08
C ILE B 198 -26.40 -19.53 -25.04
N ASN B 199 -26.53 -19.93 -26.30
CA ASN B 199 -27.24 -19.12 -27.33
C ASN B 199 -28.72 -19.45 -27.24
N GLU B 200 -29.08 -20.73 -27.27
CA GLU B 200 -30.44 -21.20 -26.94
C GLU B 200 -30.47 -21.55 -25.45
N PRO B 201 -31.34 -20.93 -24.66
CA PRO B 201 -31.52 -21.32 -23.26
C PRO B 201 -32.12 -22.72 -23.19
N GLN B 202 -31.86 -23.43 -22.09
CA GLN B 202 -32.48 -24.73 -21.74
C GLN B 202 -33.32 -24.54 -20.49
N CYS B 203 -34.59 -24.16 -20.67
CA CYS B 203 -35.51 -23.74 -19.59
C CYS B 203 -36.74 -24.64 -19.59
N PRO B 204 -37.34 -24.90 -18.41
CA PRO B 204 -38.59 -25.66 -18.34
C PRO B 204 -39.77 -24.78 -18.77
N ALA B 205 -40.92 -25.39 -18.98
CA ALA B 205 -42.19 -24.70 -19.30
C ALA B 205 -42.44 -23.64 -18.21
N GLY B 206 -42.74 -22.41 -18.63
CA GLY B 206 -42.94 -21.27 -17.74
C GLY B 206 -41.83 -20.24 -17.88
N PHE B 207 -40.65 -20.69 -18.35
CA PHE B 207 -39.44 -19.85 -18.44
C PHE B 207 -39.09 -19.56 -19.91
N GLU B 208 -40.12 -19.35 -20.72
CA GLU B 208 -39.98 -18.82 -22.10
C GLU B 208 -39.22 -17.49 -22.00
N THR B 209 -39.53 -16.68 -20.98
CA THR B 209 -38.61 -15.64 -20.45
C THR B 209 -37.86 -16.24 -19.27
N PRO B 210 -36.51 -16.34 -19.34
CA PRO B 210 -35.74 -17.00 -18.30
C PRO B 210 -35.75 -16.15 -17.04
N PRO B 211 -35.54 -16.74 -15.85
CA PRO B 211 -35.54 -15.98 -14.61
C PRO B 211 -34.22 -15.20 -14.46
N THR B 212 -34.24 -14.12 -13.70
CA THR B 212 -33.06 -13.33 -13.28
C THR B 212 -32.90 -13.42 -11.76
N LEU B 213 -31.70 -13.69 -11.27
CA LEU B 213 -31.36 -13.69 -9.82
C LEU B 213 -30.32 -12.61 -9.57
N LEU B 214 -30.65 -11.66 -8.71
CA LEU B 214 -29.74 -10.58 -8.25
C LEU B 214 -29.11 -11.02 -6.92
N PHE B 215 -27.83 -11.42 -6.97
CA PHE B 215 -27.06 -12.01 -5.84
C PHE B 215 -26.04 -10.97 -5.35
N SER B 216 -26.22 -10.48 -4.12
CA SER B 216 -25.38 -9.41 -3.53
C SER B 216 -24.48 -9.99 -2.43
N LEU B 217 -23.19 -9.71 -2.55
CA LEU B 217 -22.15 -9.95 -1.53
C LEU B 217 -21.78 -8.57 -0.95
N ASP B 218 -22.38 -8.24 0.19
CA ASP B 218 -22.18 -6.94 0.88
C ASP B 218 -20.68 -6.68 1.04
N GLY B 219 -20.21 -5.51 0.63
CA GLY B 219 -18.86 -5.00 0.91
C GLY B 219 -17.78 -5.74 0.14
N PHE B 220 -18.13 -6.40 -0.96
CA PHE B 220 -17.17 -7.06 -1.88
C PHE B 220 -16.59 -5.97 -2.77
N ARG B 221 -15.47 -5.36 -2.36
CA ARG B 221 -14.78 -4.35 -3.20
C ARG B 221 -14.19 -5.04 -4.43
N ALA B 222 -14.23 -4.36 -5.57
CA ALA B 222 -13.79 -4.89 -6.87
C ALA B 222 -12.37 -5.45 -6.76
N GLU B 223 -11.53 -4.79 -5.97
CA GLU B 223 -10.08 -5.13 -5.83
C GLU B 223 -9.93 -6.57 -5.33
N TYR B 224 -10.85 -7.06 -4.51
CA TYR B 224 -10.81 -8.44 -3.95
C TYR B 224 -10.69 -9.46 -5.09
N LEU B 225 -11.38 -9.27 -6.22
CA LEU B 225 -11.30 -10.22 -7.35
C LEU B 225 -10.01 -9.97 -8.14
N HIS B 226 -9.60 -8.71 -8.31
CA HIS B 226 -8.31 -8.37 -8.98
C HIS B 226 -7.16 -9.16 -8.33
N THR B 227 -7.13 -9.28 -7.00
CA THR B 227 -5.97 -9.75 -6.22
C THR B 227 -6.14 -11.22 -5.81
N TRP B 228 -7.32 -11.60 -5.29
CA TRP B 228 -7.56 -12.94 -4.70
C TRP B 228 -8.30 -13.88 -5.65
N GLY B 229 -8.45 -13.52 -6.92
CA GLY B 229 -9.08 -14.36 -7.95
C GLY B 229 -8.64 -15.82 -7.89
N GLY B 230 -7.34 -16.07 -7.70
CA GLY B 230 -6.76 -17.43 -7.66
C GLY B 230 -7.25 -18.23 -6.47
N LEU B 231 -7.85 -17.60 -5.46
CA LEU B 231 -8.43 -18.28 -4.27
C LEU B 231 -9.96 -18.42 -4.43
N LEU B 232 -10.54 -17.92 -5.53
CA LEU B 232 -12.02 -17.82 -5.71
C LEU B 232 -12.41 -18.44 -7.05
N PRO B 233 -12.30 -19.79 -7.18
CA PRO B 233 -12.49 -20.45 -8.46
C PRO B 233 -13.88 -20.24 -9.11
N VAL B 234 -14.94 -20.18 -8.31
CA VAL B 234 -16.35 -20.09 -8.81
C VAL B 234 -16.58 -18.69 -9.41
N ILE B 235 -16.28 -17.63 -8.65
CA ILE B 235 -16.47 -16.24 -9.15
C ILE B 235 -15.52 -16.02 -10.35
N SER B 236 -14.32 -16.59 -10.29
CA SER B 236 -13.33 -16.53 -11.39
C SER B 236 -13.90 -17.18 -12.64
N LYS B 237 -14.58 -18.32 -12.53
CA LYS B 237 -15.22 -19.00 -13.69
C LYS B 237 -16.37 -18.14 -14.24
N LEU B 238 -17.23 -17.61 -13.35
CA LEU B 238 -18.33 -16.70 -13.77
C LEU B 238 -17.74 -15.56 -14.60
N LYS B 239 -16.63 -14.97 -14.15
CA LYS B 239 -15.90 -13.91 -14.88
C LYS B 239 -15.47 -14.43 -16.25
N LYS B 240 -14.80 -15.58 -16.29
CA LYS B 240 -14.21 -16.15 -17.52
C LYS B 240 -15.31 -16.49 -18.53
N CYS B 241 -16.41 -17.09 -18.07
CA CYS B 241 -17.47 -17.64 -18.95
C CYS B 241 -18.56 -16.58 -19.21
N GLY B 242 -18.49 -15.45 -18.53
CA GLY B 242 -19.61 -14.50 -18.45
C GLY B 242 -19.23 -13.11 -18.90
N THR B 243 -19.96 -12.12 -18.40
CA THR B 243 -19.82 -10.68 -18.69
C THR B 243 -19.36 -10.01 -17.39
N TYR B 244 -18.19 -9.38 -17.42
CA TYR B 244 -17.48 -8.81 -16.24
C TYR B 244 -17.05 -7.38 -16.55
N THR B 245 -17.04 -6.53 -15.52
CA THR B 245 -16.32 -5.24 -15.52
C THR B 245 -15.39 -5.25 -14.31
N LYS B 246 -14.19 -4.68 -14.46
CA LYS B 246 -13.19 -4.61 -13.36
C LYS B 246 -13.73 -3.71 -12.26
N ASN B 247 -14.62 -2.76 -12.58
CA ASN B 247 -15.17 -1.80 -11.59
C ASN B 247 -16.61 -1.42 -11.95
N MET B 248 -17.55 -1.68 -11.04
CA MET B 248 -18.90 -1.07 -11.07
C MET B 248 -18.90 0.10 -10.08
N ARG B 249 -19.25 1.30 -10.56
CA ARG B 249 -19.30 2.53 -9.73
C ARG B 249 -20.56 2.47 -8.88
N PRO B 250 -20.47 2.51 -7.54
CA PRO B 250 -21.64 2.67 -6.70
C PRO B 250 -22.18 4.11 -6.71
N VAL B 251 -23.33 4.32 -6.05
CA VAL B 251 -23.90 5.68 -5.80
C VAL B 251 -23.28 6.24 -4.52
N TYR B 252 -23.24 7.57 -4.39
CA TYR B 252 -22.80 8.30 -3.17
C TYR B 252 -24.04 8.54 -2.31
N PRO B 253 -23.96 8.40 -0.96
CA PRO B 253 -22.79 7.87 -0.28
C PRO B 253 -22.69 6.35 -0.47
N THR B 254 -21.46 5.82 -0.46
CA THR B 254 -21.14 4.41 -0.77
C THR B 254 -21.49 3.55 0.46
N LYS B 255 -22.77 3.46 0.73
CA LYS B 255 -23.32 2.74 1.89
C LYS B 255 -24.32 1.73 1.36
N PHE B 257 -27.76 0.54 2.44
CA PHE B 257 -29.18 0.67 2.05
C PHE B 257 -29.28 1.46 0.75
N PRO B 258 -28.61 2.63 0.63
CA PRO B 258 -28.71 3.46 -0.57
C PRO B 258 -28.36 2.74 -1.89
N ASN B 259 -27.30 1.92 -1.87
CA ASN B 259 -26.76 1.25 -3.09
C ASN B 259 -27.67 0.08 -3.48
N HIS B 260 -28.12 -0.72 -2.51
CA HIS B 260 -29.05 -1.85 -2.78
C HIS B 260 -30.35 -1.28 -3.38
N TYR B 261 -30.88 -0.20 -2.79
CA TYR B 261 -32.18 0.37 -3.24
C TYR B 261 -31.97 1.04 -4.59
N SER B 262 -30.82 1.65 -4.83
CA SER B 262 -30.42 2.21 -6.14
C SER B 262 -30.41 1.09 -7.19
N ILE B 263 -29.87 -0.08 -6.86
CA ILE B 263 -29.67 -1.16 -7.87
C ILE B 263 -31.05 -1.58 -8.40
N VAL B 264 -32.06 -1.67 -7.54
CA VAL B 264 -33.39 -2.23 -7.91
C VAL B 264 -34.35 -1.13 -8.36
N THR B 265 -33.96 0.15 -8.35
CA THR B 265 -34.82 1.28 -8.81
C THR B 265 -34.19 2.03 -9.99
N GLY B 266 -32.87 1.96 -10.18
CA GLY B 266 -32.16 2.75 -11.19
C GLY B 266 -32.13 4.23 -10.85
N LEU B 267 -32.37 4.59 -9.59
CA LEU B 267 -32.45 5.99 -9.10
C LEU B 267 -31.24 6.31 -8.21
N TYR B 268 -30.72 7.52 -8.31
CA TYR B 268 -29.79 8.11 -7.32
C TYR B 268 -30.52 8.17 -5.99
N PRO B 269 -29.82 8.05 -4.85
CA PRO B 269 -30.47 8.15 -3.53
C PRO B 269 -31.27 9.45 -3.34
N GLU B 270 -30.78 10.57 -3.88
CA GLU B 270 -31.45 11.90 -3.75
C GLU B 270 -32.87 11.83 -4.32
N SER B 271 -33.16 10.87 -5.21
CA SER B 271 -34.49 10.68 -5.84
C SER B 271 -35.26 9.51 -5.23
N HIS B 272 -34.60 8.48 -4.69
CA HIS B 272 -35.30 7.28 -4.17
C HIS B 272 -35.53 7.41 -2.66
N GLY B 273 -34.88 8.38 -2.02
CA GLY B 273 -35.20 8.80 -0.64
C GLY B 273 -34.42 8.06 0.44
N ILE B 274 -33.78 6.92 0.13
CA ILE B 274 -32.95 6.17 1.12
C ILE B 274 -31.51 6.65 0.99
N ILE B 275 -31.19 7.77 1.64
CA ILE B 275 -29.85 8.43 1.48
C ILE B 275 -28.86 7.81 2.47
N ASP B 276 -29.34 7.14 3.52
CA ASP B 276 -28.50 6.43 4.52
C ASP B 276 -29.39 5.59 5.45
N ASN B 277 -28.78 4.73 6.27
CA ASN B 277 -29.50 3.77 7.16
C ASN B 277 -30.01 4.52 8.40
N LYS B 278 -29.58 5.77 8.61
CA LYS B 278 -30.15 6.68 9.65
C LYS B 278 -30.27 8.07 9.03
N MET B 279 -31.50 8.58 8.90
CA MET B 279 -31.79 9.94 8.34
C MET B 279 -32.95 10.57 9.10
N TYR B 280 -33.12 11.88 8.91
CA TYR B 280 -34.23 12.70 9.47
C TYR B 280 -34.92 13.43 8.31
N ASP B 281 -36.23 13.26 8.16
CA ASP B 281 -37.08 14.05 7.23
C ASP B 281 -37.75 15.15 8.04
N PRO B 282 -37.52 16.44 7.70
CA PRO B 282 -38.14 17.55 8.42
C PRO B 282 -39.64 17.70 8.13
N LYS B 283 -40.07 17.54 6.87
CA LYS B 283 -41.50 17.67 6.45
C LYS B 283 -42.33 16.57 7.09
N MET B 284 -41.74 15.43 7.44
CA MET B 284 -42.43 14.31 8.14
C MET B 284 -42.17 14.41 9.65
N ASN B 285 -41.15 15.16 10.06
CA ASN B 285 -40.68 15.23 11.48
C ASN B 285 -40.57 13.81 12.04
N ALA B 286 -39.84 12.93 11.32
CA ALA B 286 -39.57 11.54 11.73
C ALA B 286 -38.10 11.20 11.45
N SER B 287 -37.59 10.18 12.13
CA SER B 287 -36.22 9.64 11.92
C SER B 287 -36.30 8.18 11.45
N PHE B 288 -35.47 7.85 10.45
CA PHE B 288 -35.36 6.50 9.85
C PHE B 288 -34.20 5.77 10.52
N SER B 289 -34.49 4.61 11.10
CA SER B 289 -33.50 3.68 11.71
C SER B 289 -33.92 2.24 11.43
N LEU B 290 -32.96 1.35 11.23
CA LEU B 290 -33.19 -0.09 10.92
C LEU B 290 -33.74 -0.80 12.17
N LYS B 291 -33.46 -0.25 13.36
CA LYS B 291 -33.90 -0.80 14.67
C LYS B 291 -35.32 -0.32 15.00
N SER B 292 -35.82 0.68 14.28
CA SER B 292 -37.13 1.35 14.52
C SER B 292 -38.23 0.71 13.64
N LYS B 293 -39.49 0.99 13.95
CA LYS B 293 -40.68 0.57 13.16
C LYS B 293 -40.82 1.48 11.92
N GLU B 294 -40.02 2.54 11.82
CA GLU B 294 -40.05 3.48 10.67
C GLU B 294 -39.44 2.80 9.44
N LYS B 295 -38.58 1.79 9.64
CA LYS B 295 -38.00 0.94 8.55
C LYS B 295 -39.12 0.42 7.63
N PHE B 296 -40.32 0.15 8.19
CA PHE B 296 -41.47 -0.46 7.45
C PHE B 296 -42.41 0.61 6.90
N ASN B 297 -42.15 1.90 7.18
CA ASN B 297 -43.01 3.04 6.75
C ASN B 297 -42.75 3.32 5.27
N PRO B 298 -43.72 3.03 4.37
CA PRO B 298 -43.56 3.28 2.94
C PRO B 298 -43.22 4.73 2.51
N GLU B 299 -43.48 5.72 3.38
CA GLU B 299 -43.21 7.15 3.10
C GLU B 299 -41.75 7.33 2.70
N TRP B 300 -40.85 6.49 3.24
CA TRP B 300 -39.38 6.59 3.06
C TRP B 300 -38.93 6.14 1.66
N TYR B 301 -39.58 5.13 1.09
CA TYR B 301 -39.11 4.45 -0.14
C TYR B 301 -39.83 5.03 -1.36
N LYS B 302 -39.17 5.93 -2.10
CA LYS B 302 -39.66 6.51 -3.38
C LYS B 302 -39.23 5.63 -4.55
N GLY B 303 -39.69 5.97 -5.76
CA GLY B 303 -39.38 5.23 -7.00
C GLY B 303 -40.07 3.88 -7.03
N GLU B 304 -39.69 3.01 -7.96
CA GLU B 304 -40.35 1.71 -8.22
C GLU B 304 -39.30 0.60 -8.28
N PRO B 305 -39.19 -0.25 -7.23
CA PRO B 305 -38.31 -1.42 -7.26
C PRO B 305 -38.74 -2.37 -8.38
N ILE B 306 -37.78 -3.07 -8.98
CA ILE B 306 -38.02 -3.98 -10.14
C ILE B 306 -39.11 -5.02 -9.80
N TRP B 307 -39.26 -5.44 -8.53
CA TRP B 307 -40.29 -6.47 -8.22
C TRP B 307 -41.68 -5.88 -8.40
N VAL B 308 -41.82 -4.57 -8.20
CA VAL B 308 -43.10 -3.84 -8.43
C VAL B 308 -43.36 -3.76 -9.95
N THR B 309 -42.38 -3.22 -10.69
CA THR B 309 -42.40 -3.15 -12.18
C THR B 309 -42.87 -4.50 -12.74
N ALA B 310 -42.26 -5.58 -12.25
CA ALA B 310 -42.53 -6.97 -12.69
C ALA B 310 -44.00 -7.34 -12.41
N LYS B 311 -44.51 -7.02 -11.22
CA LYS B 311 -45.89 -7.45 -10.82
C LYS B 311 -46.92 -6.78 -11.74
N TYR B 312 -46.75 -5.48 -12.01
CA TYR B 312 -47.61 -4.70 -12.95
C TYR B 312 -47.59 -5.34 -14.35
N GLN B 313 -46.52 -6.05 -14.73
CA GLN B 313 -46.38 -6.63 -16.10
C GLN B 313 -46.43 -8.16 -16.03
N GLY B 314 -46.97 -8.73 -14.94
CA GLY B 314 -47.37 -10.15 -14.89
C GLY B 314 -46.40 -11.08 -14.17
N LEU B 315 -45.18 -10.64 -13.87
CA LEU B 315 -44.11 -11.54 -13.35
C LEU B 315 -44.06 -11.47 -11.82
N LYS B 316 -43.98 -12.63 -11.17
CA LYS B 316 -43.87 -12.77 -9.69
C LYS B 316 -42.39 -12.67 -9.25
N SER B 317 -42.16 -12.46 -7.96
CA SER B 317 -40.83 -12.18 -7.37
C SER B 317 -40.60 -12.98 -6.09
N GLY B 318 -39.36 -13.40 -5.86
CA GLY B 318 -38.91 -14.05 -4.62
C GLY B 318 -37.63 -13.41 -4.11
N THR B 319 -37.73 -12.62 -3.05
CA THR B 319 -36.58 -11.91 -2.43
C THR B 319 -36.22 -12.62 -1.13
N PHE B 320 -35.00 -13.15 -1.03
CA PHE B 320 -34.43 -13.64 0.25
C PHE B 320 -33.50 -12.55 0.79
N PHE B 321 -34.13 -11.53 1.39
CA PHE B 321 -33.54 -10.27 1.92
C PHE B 321 -33.24 -9.33 0.76
N TRP B 322 -33.59 -8.06 0.95
CA TRP B 322 -33.21 -6.89 0.11
C TRP B 322 -33.86 -5.66 0.72
N PRO B 323 -33.15 -4.52 0.87
CA PRO B 323 -33.78 -3.27 1.33
C PRO B 323 -35.03 -2.95 0.51
N GLY B 324 -36.17 -2.80 1.19
CA GLY B 324 -37.46 -2.44 0.56
C GLY B 324 -38.37 -3.63 0.36
N SER B 325 -37.84 -4.86 0.34
CA SER B 325 -38.60 -6.08 0.02
C SER B 325 -39.54 -6.45 1.17
N ASP B 326 -39.33 -5.88 2.35
CA ASP B 326 -40.18 -6.13 3.56
C ASP B 326 -41.09 -4.91 3.79
N VAL B 327 -41.26 -4.06 2.78
CA VAL B 327 -42.04 -2.80 2.86
C VAL B 327 -43.13 -2.82 1.79
N GLU B 328 -44.33 -2.35 2.16
CA GLU B 328 -45.49 -2.26 1.25
C GLU B 328 -45.33 -0.99 0.39
N ILE B 329 -44.63 -1.12 -0.74
CA ILE B 329 -44.30 -0.02 -1.69
C ILE B 329 -45.36 0.00 -2.79
N ASN B 330 -46.00 1.17 -2.99
CA ASN B 330 -47.29 1.35 -3.73
C ASN B 330 -48.21 0.14 -3.52
N GLY B 331 -48.39 -0.26 -2.27
CA GLY B 331 -49.37 -1.29 -1.86
C GLY B 331 -48.92 -2.71 -2.19
N ILE B 332 -47.65 -2.91 -2.57
CA ILE B 332 -47.14 -4.21 -3.11
C ILE B 332 -45.91 -4.70 -2.32
N PHE B 333 -45.99 -5.94 -1.86
CA PHE B 333 -44.85 -6.78 -1.42
C PHE B 333 -44.46 -7.71 -2.57
N PRO B 334 -43.21 -8.25 -2.59
CA PRO B 334 -42.90 -9.37 -3.46
C PRO B 334 -43.83 -10.57 -3.18
N ASP B 335 -44.02 -11.45 -4.15
CA ASP B 335 -44.94 -12.61 -4.02
C ASP B 335 -44.40 -13.51 -2.91
N ILE B 336 -43.08 -13.59 -2.76
CA ILE B 336 -42.39 -14.27 -1.63
C ILE B 336 -41.31 -13.33 -1.12
N TYR B 337 -41.24 -13.09 0.19
CA TYR B 337 -40.21 -12.25 0.84
C TYR B 337 -39.95 -12.76 2.26
N LYS B 338 -38.83 -12.35 2.86
CA LYS B 338 -38.38 -12.80 4.20
C LYS B 338 -38.15 -11.58 5.07
N MET B 339 -38.57 -11.65 6.33
CA MET B 339 -38.21 -10.64 7.35
C MET B 339 -36.71 -10.81 7.64
N TYR B 340 -35.97 -9.71 7.62
CA TYR B 340 -34.48 -9.73 7.72
C TYR B 340 -34.10 -10.39 9.04
N ASN B 341 -33.19 -11.35 8.97
CA ASN B 341 -32.61 -12.08 10.13
C ASN B 341 -31.23 -12.56 9.69
N GLY B 342 -30.21 -11.76 9.99
CA GLY B 342 -28.81 -12.00 9.57
C GLY B 342 -28.25 -13.30 10.14
N SER B 343 -28.95 -13.96 11.05
CA SER B 343 -28.50 -15.21 11.73
C SER B 343 -28.85 -16.44 10.90
N VAL B 344 -29.68 -16.30 9.87
CA VAL B 344 -30.02 -17.42 8.94
C VAL B 344 -28.75 -17.79 8.18
N PRO B 345 -28.27 -19.05 8.30
CA PRO B 345 -27.04 -19.46 7.61
C PRO B 345 -27.17 -19.28 6.09
N PHE B 346 -26.06 -18.92 5.42
CA PHE B 346 -26.02 -18.65 3.97
C PHE B 346 -26.61 -19.83 3.21
N GLU B 347 -26.30 -21.05 3.66
CA GLU B 347 -26.73 -22.30 2.98
C GLU B 347 -28.26 -22.35 2.90
N GLU B 348 -28.95 -21.94 3.96
CA GLU B 348 -30.43 -22.06 4.05
C GLU B 348 -31.08 -21.04 3.11
N ARG B 349 -30.43 -19.90 2.92
CA ARG B 349 -30.91 -18.85 1.97
C ARG B 349 -30.87 -19.46 0.56
N ILE B 350 -29.76 -20.09 0.21
CA ILE B 350 -29.53 -20.67 -1.15
C ILE B 350 -30.51 -21.82 -1.37
N LEU B 351 -30.69 -22.70 -0.37
CA LEU B 351 -31.62 -23.85 -0.48
C LEU B 351 -33.06 -23.35 -0.68
N ALA B 352 -33.45 -22.27 0.01
CA ALA B 352 -34.80 -21.66 -0.11
C ALA B 352 -35.02 -21.21 -1.55
N VAL B 353 -34.09 -20.42 -2.10
CA VAL B 353 -34.19 -19.92 -3.50
C VAL B 353 -34.28 -21.14 -4.43
N LEU B 354 -33.56 -22.23 -4.18
CA LEU B 354 -33.60 -23.43 -5.05
C LEU B 354 -34.98 -24.11 -4.91
N GLN B 355 -35.62 -24.08 -3.73
CA GLN B 355 -37.00 -24.58 -3.57
C GLN B 355 -37.97 -23.71 -4.41
N TRP B 356 -37.80 -22.39 -4.39
CA TRP B 356 -38.68 -21.44 -5.13
C TRP B 356 -38.60 -21.74 -6.63
N LEU B 357 -37.41 -22.10 -7.13
CA LEU B 357 -37.19 -22.36 -8.59
C LEU B 357 -37.83 -23.70 -8.99
N GLN B 358 -38.36 -24.45 -8.02
CA GLN B 358 -39.08 -25.75 -8.26
C GLN B 358 -40.59 -25.61 -7.99
N LEU B 359 -41.10 -24.43 -7.66
CA LEU B 359 -42.56 -24.18 -7.56
C LEU B 359 -43.17 -24.44 -8.93
N PRO B 360 -44.44 -24.88 -9.02
CA PRO B 360 -45.11 -25.00 -10.31
C PRO B 360 -45.24 -23.64 -11.03
N LYS B 361 -45.32 -23.67 -12.37
CA LYS B 361 -45.11 -22.51 -13.28
C LYS B 361 -46.00 -21.32 -12.91
N ASP B 362 -47.22 -21.57 -12.42
CA ASP B 362 -48.23 -20.51 -12.16
C ASP B 362 -47.81 -19.66 -10.95
N GLU B 363 -47.09 -20.20 -9.96
CA GLU B 363 -46.75 -19.45 -8.71
C GLU B 363 -45.23 -19.25 -8.56
N ARG B 364 -44.43 -19.68 -9.53
CA ARG B 364 -42.93 -19.61 -9.48
C ARG B 364 -42.45 -18.25 -9.95
N PRO B 365 -41.69 -17.49 -9.12
CA PRO B 365 -41.17 -16.18 -9.54
C PRO B 365 -40.23 -16.20 -10.76
N HIS B 366 -40.10 -15.05 -11.41
CA HIS B 366 -39.14 -14.77 -12.52
C HIS B 366 -37.94 -13.99 -11.95
N PHE B 367 -38.17 -13.13 -10.97
CA PHE B 367 -37.13 -12.26 -10.37
C PHE B 367 -36.86 -12.69 -8.94
N TYR B 368 -35.58 -12.91 -8.62
CA TYR B 368 -35.11 -13.41 -7.30
C TYR B 368 -34.02 -12.48 -6.79
N THR B 369 -33.91 -12.35 -5.47
CA THR B 369 -32.75 -11.69 -4.81
C THR B 369 -32.18 -12.61 -3.74
N LEU B 370 -30.87 -12.53 -3.57
CA LEU B 370 -30.11 -13.22 -2.51
C LEU B 370 -29.14 -12.19 -1.96
N TYR B 371 -29.05 -12.06 -0.65
CA TYR B 371 -28.13 -11.10 0.02
C TYR B 371 -27.33 -11.85 1.07
N LEU B 372 -26.01 -11.63 1.09
CA LEU B 372 -25.09 -12.16 2.14
C LEU B 372 -24.36 -10.98 2.81
N GLU B 373 -24.07 -11.08 4.11
CA GLU B 373 -23.47 -9.98 4.90
C GLU B 373 -21.95 -9.99 4.75
N GLU B 374 -21.37 -11.01 4.10
CA GLU B 374 -19.92 -11.11 3.86
C GLU B 374 -19.62 -10.77 2.41
N PRO B 375 -18.42 -10.22 2.10
CA PRO B 375 -17.39 -9.96 3.10
C PRO B 375 -17.35 -8.60 3.79
N ASP B 376 -18.47 -7.87 3.83
CA ASP B 376 -18.60 -6.56 4.55
C ASP B 376 -18.28 -6.75 6.04
N SER B 377 -18.90 -7.73 6.70
CA SER B 377 -18.81 -7.90 8.17
C SER B 377 -17.35 -8.16 8.57
N SER B 378 -16.66 -9.07 7.89
CA SER B 378 -15.22 -9.37 8.14
C SER B 378 -14.36 -8.16 7.76
N GLY B 379 -14.72 -7.43 6.71
CA GLY B 379 -14.00 -6.22 6.30
C GLY B 379 -13.98 -5.17 7.40
N HIS B 380 -15.13 -4.92 8.03
CA HIS B 380 -15.26 -3.96 9.16
C HIS B 380 -14.39 -4.47 10.32
N SER B 381 -14.60 -5.70 10.75
CA SER B 381 -13.99 -6.29 11.97
C SER B 381 -12.46 -6.42 11.84
N TYR B 382 -11.92 -6.75 10.67
CA TYR B 382 -10.50 -7.18 10.55
C TYR B 382 -9.74 -6.39 9.49
N GLY B 383 -10.42 -5.53 8.74
CA GLY B 383 -9.83 -4.73 7.66
C GLY B 383 -9.85 -5.48 6.33
N PRO B 384 -9.83 -4.75 5.20
CA PRO B 384 -9.94 -5.36 3.88
C PRO B 384 -8.73 -6.22 3.45
N VAL B 385 -7.57 -6.08 4.11
CA VAL B 385 -6.38 -6.94 3.83
C VAL B 385 -6.07 -7.72 5.10
N SER B 386 -6.68 -8.89 5.25
CA SER B 386 -6.66 -9.70 6.49
C SER B 386 -6.94 -11.17 6.16
N SER B 387 -6.40 -12.08 6.96
CA SER B 387 -6.70 -13.53 6.85
C SER B 387 -8.21 -13.76 6.93
N GLU B 388 -8.91 -12.99 7.77
CA GLU B 388 -10.37 -13.15 8.01
C GLU B 388 -11.16 -12.80 6.75
N VAL B 389 -10.74 -11.78 6.01
CA VAL B 389 -11.40 -11.40 4.72
C VAL B 389 -11.13 -12.48 3.67
N ILE B 390 -9.91 -13.00 3.58
CA ILE B 390 -9.60 -14.10 2.62
C ILE B 390 -10.54 -15.28 2.91
N LYS B 391 -10.70 -15.64 4.18
CA LYS B 391 -11.55 -16.79 4.58
C LYS B 391 -13.01 -16.49 4.22
N ALA B 392 -13.46 -15.24 4.44
CA ALA B 392 -14.84 -14.79 4.14
C ALA B 392 -15.08 -14.82 2.63
N LEU B 393 -14.12 -14.36 1.83
CA LEU B 393 -14.18 -14.37 0.36
C LEU B 393 -14.30 -15.82 -0.13
N GLN B 394 -13.53 -16.74 0.46
CA GLN B 394 -13.56 -18.15 0.04
C GLN B 394 -14.92 -18.74 0.40
N ARG B 395 -15.47 -18.34 1.55
CA ARG B 395 -16.77 -18.83 2.04
C ARG B 395 -17.84 -18.40 1.04
N VAL B 396 -17.90 -17.12 0.66
CA VAL B 396 -18.97 -16.63 -0.26
C VAL B 396 -18.76 -17.24 -1.66
N ASP B 397 -17.50 -17.44 -2.07
CA ASP B 397 -17.21 -18.13 -3.35
C ASP B 397 -17.88 -19.51 -3.31
N GLY B 398 -17.76 -20.23 -2.19
CA GLY B 398 -18.36 -21.56 -1.98
C GLY B 398 -19.88 -21.53 -2.01
N MET B 399 -20.49 -20.46 -1.48
CA MET B 399 -21.96 -20.31 -1.48
C MET B 399 -22.44 -20.07 -2.92
N VAL B 400 -21.72 -19.26 -3.70
CA VAL B 400 -22.05 -19.07 -5.15
C VAL B 400 -21.94 -20.45 -5.82
N GLY B 401 -20.90 -21.20 -5.53
CA GLY B 401 -20.72 -22.57 -6.05
C GLY B 401 -21.91 -23.46 -5.70
N MET B 402 -22.40 -23.37 -4.47
CA MET B 402 -23.54 -24.17 -3.97
C MET B 402 -24.77 -23.82 -4.81
N LEU B 403 -24.99 -22.53 -5.11
CA LEU B 403 -26.11 -22.10 -5.98
C LEU B 403 -25.93 -22.73 -7.36
N MET B 404 -24.74 -22.62 -7.94
CA MET B 404 -24.53 -23.04 -9.35
C MET B 404 -24.70 -24.56 -9.43
N ASP B 405 -24.21 -25.30 -8.43
CA ASP B 405 -24.35 -26.78 -8.36
C ASP B 405 -25.85 -27.11 -8.26
N GLY B 406 -26.56 -26.43 -7.37
CA GLY B 406 -28.01 -26.56 -7.20
C GLY B 406 -28.73 -26.36 -8.52
N LEU B 407 -28.38 -25.30 -9.26
CA LEU B 407 -29.03 -24.98 -10.55
C LEU B 407 -28.75 -26.11 -11.53
N LYS B 408 -27.51 -26.60 -11.61
CA LYS B 408 -27.12 -27.73 -12.50
C LYS B 408 -28.00 -28.95 -12.21
N GLU B 409 -28.21 -29.30 -10.93
CA GLU B 409 -29.05 -30.46 -10.52
C GLU B 409 -30.49 -30.28 -11.00
N LEU B 410 -31.00 -29.04 -11.03
CA LEU B 410 -32.36 -28.71 -11.51
C LEU B 410 -32.36 -28.48 -13.03
N ASN B 411 -31.22 -28.60 -13.68
CA ASN B 411 -31.08 -28.29 -15.13
C ASN B 411 -31.53 -26.85 -15.39
N LEU B 412 -31.11 -25.90 -14.54
CA LEU B 412 -31.39 -24.45 -14.71
C LEU B 412 -30.09 -23.67 -14.96
N HIS B 413 -28.95 -24.35 -15.08
CA HIS B 413 -27.61 -23.71 -15.21
C HIS B 413 -27.45 -23.11 -16.60
N ARG B 414 -28.29 -23.48 -17.56
CA ARG B 414 -28.33 -22.84 -18.90
C ARG B 414 -29.69 -22.17 -19.11
N CYS B 415 -30.30 -21.74 -18.01
CA CYS B 415 -31.60 -21.06 -17.99
C CYS B 415 -31.48 -19.72 -17.25
N LEU B 416 -31.13 -19.76 -15.97
CA LEU B 416 -31.16 -18.58 -15.08
C LEU B 416 -30.07 -17.58 -15.48
N ASN B 417 -30.43 -16.30 -15.50
CA ASN B 417 -29.51 -15.16 -15.63
C ASN B 417 -29.08 -14.74 -14.22
N LEU B 418 -27.79 -14.90 -13.91
CA LEU B 418 -27.21 -14.55 -12.59
C LEU B 418 -26.53 -13.21 -12.73
N ILE B 419 -26.89 -12.25 -11.88
CA ILE B 419 -26.14 -10.98 -11.68
C ILE B 419 -25.51 -11.06 -10.29
N LEU B 420 -24.20 -11.34 -10.23
CA LEU B 420 -23.43 -11.35 -8.97
C LEU B 420 -22.87 -9.94 -8.79
N ILE B 421 -23.20 -9.29 -7.67
CA ILE B 421 -23.04 -7.82 -7.52
C ILE B 421 -22.66 -7.52 -6.07
N SER B 422 -22.11 -6.32 -5.81
CA SER B 422 -21.96 -5.76 -4.44
C SER B 422 -22.44 -4.30 -4.43
N ASP B 423 -22.71 -3.81 -3.22
CA ASP B 423 -23.27 -2.47 -2.94
C ASP B 423 -22.13 -1.44 -2.98
N HIS B 424 -20.95 -1.82 -2.49
CA HIS B 424 -19.84 -0.87 -2.24
C HIS B 424 -18.56 -1.63 -1.91
N GLY B 425 -17.43 -0.92 -1.92
CA GLY B 425 -16.13 -1.46 -1.53
C GLY B 425 -15.88 -1.34 -0.03
N MET B 426 -14.61 -1.23 0.36
CA MET B 426 -14.15 -1.25 1.77
C MET B 426 -12.74 -0.66 1.83
N GLU B 427 -12.48 0.16 2.85
CA GLU B 427 -11.22 0.92 3.06
C GLU B 427 -10.72 0.64 4.47
N GLN B 428 -9.41 0.76 4.68
CA GLN B 428 -8.79 0.65 6.03
C GLN B 428 -8.91 1.99 6.75
N GLY B 429 -9.71 2.04 7.81
CA GLY B 429 -9.76 3.20 8.73
C GLY B 429 -8.52 3.23 9.61
N SER B 430 -8.22 4.40 10.17
CA SER B 430 -7.13 4.64 11.15
C SER B 430 -7.56 5.72 12.14
N CYS B 431 -7.28 5.51 13.43
CA CYS B 431 -7.52 6.52 14.50
C CYS B 431 -6.68 7.78 14.21
N LYS B 432 -5.58 7.63 13.47
CA LYS B 432 -4.71 8.73 13.00
C LYS B 432 -5.35 9.49 11.83
N LYS B 433 -6.42 8.96 11.21
CA LYS B 433 -7.05 9.60 10.01
C LYS B 433 -8.54 9.84 10.29
N TYR B 434 -8.87 10.21 11.52
CA TYR B 434 -10.23 10.61 11.95
C TYR B 434 -10.16 12.06 12.44
N ILE B 435 -11.04 12.91 11.91
CA ILE B 435 -11.17 14.34 12.27
C ILE B 435 -12.33 14.50 13.25
N TYR B 436 -12.11 15.28 14.31
CA TYR B 436 -13.12 15.59 15.36
C TYR B 436 -13.40 17.09 15.29
N LEU B 437 -14.67 17.46 15.06
CA LEU B 437 -15.07 18.87 14.80
C LEU B 437 -14.96 19.70 16.10
N ASN B 438 -15.07 19.06 17.27
CA ASN B 438 -15.02 19.76 18.58
C ASN B 438 -13.68 20.51 18.71
N LYS B 439 -12.65 20.07 17.98
CA LYS B 439 -11.34 20.77 17.92
C LYS B 439 -11.54 22.22 17.46
N TYR B 440 -12.44 22.48 16.52
CA TYR B 440 -12.62 23.81 15.85
C TYR B 440 -13.86 24.52 16.42
N LEU B 441 -14.83 23.78 16.96
CA LEU B 441 -16.17 24.33 17.35
C LEU B 441 -16.35 24.32 18.88
N GLY B 442 -15.61 23.45 19.59
CA GLY B 442 -15.79 23.24 21.05
C GLY B 442 -16.94 22.29 21.32
N ASP B 443 -17.12 21.85 22.57
CA ASP B 443 -18.12 20.82 22.95
C ASP B 443 -19.52 21.46 22.97
N VAL B 444 -19.98 21.93 21.81
CA VAL B 444 -21.34 22.48 21.59
C VAL B 444 -22.33 21.31 21.62
N LYS B 445 -23.56 21.56 22.07
CA LYS B 445 -24.59 20.51 22.30
C LYS B 445 -25.85 20.79 21.45
N ASN B 446 -25.75 21.67 20.45
CA ASN B 446 -26.89 22.18 19.64
C ASN B 446 -26.92 21.54 18.25
N ILE B 447 -25.93 20.73 17.89
CA ILE B 447 -25.82 20.11 16.52
C ILE B 447 -25.70 18.59 16.63
N LYS B 448 -26.31 17.88 15.68
CA LYS B 448 -26.14 16.44 15.42
C LYS B 448 -25.20 16.31 14.20
N VAL B 449 -24.13 15.52 14.30
CA VAL B 449 -23.17 15.25 13.18
C VAL B 449 -23.27 13.77 12.83
N ILE B 450 -23.67 13.46 11.60
CA ILE B 450 -23.61 12.08 11.01
C ILE B 450 -22.15 11.79 10.68
N TYR B 451 -21.53 10.85 11.40
CA TYR B 451 -20.06 10.60 11.34
C TYR B 451 -19.74 9.68 10.16
N GLY B 452 -18.44 9.51 9.88
CA GLY B 452 -17.93 8.68 8.79
C GLY B 452 -17.36 9.53 7.65
N PRO B 453 -17.06 8.91 6.49
CA PRO B 453 -16.52 9.63 5.34
C PRO B 453 -17.55 10.47 4.58
N ALA B 454 -18.85 10.23 4.80
CA ALA B 454 -19.96 10.94 4.14
C ALA B 454 -20.65 11.86 5.15
N ALA B 455 -19.85 12.56 5.97
CA ALA B 455 -20.31 13.30 7.17
C ALA B 455 -21.20 14.48 6.79
N ARG B 456 -22.30 14.65 7.52
CA ARG B 456 -23.29 15.74 7.34
C ARG B 456 -23.60 16.34 8.72
N LEU B 457 -23.94 17.63 8.78
CA LEU B 457 -24.31 18.28 10.07
C LEU B 457 -25.62 19.04 9.95
N ARG B 458 -26.42 18.97 11.01
CA ARG B 458 -27.72 19.68 11.14
C ARG B 458 -27.94 20.06 12.60
N PRO B 459 -28.81 21.06 12.86
CA PRO B 459 -29.16 21.45 14.22
C PRO B 459 -29.99 20.39 14.98
N SER B 460 -29.76 20.27 16.28
CA SER B 460 -30.50 19.38 17.22
C SER B 460 -31.95 19.85 17.35
N ASP B 461 -32.21 21.16 17.29
CA ASP B 461 -33.57 21.76 17.44
C ASP B 461 -34.31 21.66 16.09
N VAL B 462 -34.94 20.51 15.82
CA VAL B 462 -35.65 20.22 14.53
C VAL B 462 -37.06 19.71 14.86
N PRO B 463 -38.10 20.01 14.03
CA PRO B 463 -37.93 20.67 12.74
C PRO B 463 -37.91 22.21 12.73
N ASP B 464 -37.73 22.83 13.90
CA ASP B 464 -37.97 24.28 14.10
C ASP B 464 -36.84 25.08 13.41
N LYS B 465 -35.58 24.76 13.71
CA LYS B 465 -34.41 25.55 13.25
C LYS B 465 -33.80 24.95 11.97
N TYR B 466 -34.42 23.95 11.35
CA TYR B 466 -33.81 23.17 10.24
C TYR B 466 -33.45 24.08 9.05
N TYR B 467 -34.31 25.05 8.72
CA TYR B 467 -34.14 25.98 7.57
C TYR B 467 -33.50 27.30 8.02
N SER B 468 -33.77 27.73 9.26
CA SER B 468 -33.37 29.07 9.81
C SER B 468 -31.89 29.06 10.23
N PHE B 469 -31.32 27.87 10.46
CA PHE B 469 -29.97 27.67 11.05
C PHE B 469 -28.89 28.25 10.13
N ASN B 470 -27.78 28.71 10.72
CA ASN B 470 -26.68 29.44 10.03
C ASN B 470 -25.63 28.42 9.57
N TYR B 471 -25.96 27.68 8.51
CA TYR B 471 -25.08 26.65 7.88
C TYR B 471 -23.85 27.35 7.30
N GLU B 472 -24.05 28.39 6.48
CA GLU B 472 -22.95 29.12 5.78
C GLU B 472 -21.94 29.65 6.81
N GLY B 473 -22.41 30.02 8.00
CA GLY B 473 -21.56 30.50 9.11
C GLY B 473 -20.56 29.44 9.55
N ILE B 474 -21.04 28.22 9.82
CA ILE B 474 -20.18 27.07 10.24
C ILE B 474 -19.32 26.66 9.03
N ALA B 475 -19.90 26.65 7.83
CA ALA B 475 -19.20 26.32 6.57
C ALA B 475 -17.93 27.16 6.45
N ARG B 476 -18.05 28.49 6.57
CA ARG B 476 -16.91 29.44 6.46
C ARG B 476 -15.99 29.25 7.68
N ASN B 477 -16.56 28.97 8.85
CA ASN B 477 -15.81 28.80 10.12
C ASN B 477 -14.81 27.65 9.93
N LEU B 478 -15.20 26.58 9.21
CA LEU B 478 -14.43 25.30 9.13
C LEU B 478 -13.57 25.22 7.85
N SER B 479 -13.61 26.22 6.97
CA SER B 479 -12.88 26.21 5.67
C SER B 479 -11.43 26.65 5.87
N CYS B 480 -10.49 25.95 5.22
CA CYS B 480 -9.07 26.36 5.02
C CYS B 480 -8.39 26.74 6.34
N ARG B 481 -8.70 26.03 7.43
CA ARG B 481 -8.16 26.33 8.79
C ARG B 481 -6.73 25.78 8.92
N GLU B 482 -6.46 24.61 8.33
CA GLU B 482 -5.15 23.91 8.45
C GLU B 482 -4.57 23.74 7.05
N PRO B 483 -3.25 23.47 6.92
CA PRO B 483 -2.58 23.53 5.63
C PRO B 483 -2.99 22.42 4.65
N ASN B 484 -2.71 21.15 4.97
CA ASN B 484 -3.13 19.98 4.17
C ASN B 484 -4.39 19.40 4.81
N GLN B 485 -5.48 20.19 4.82
CA GLN B 485 -6.77 19.82 5.47
C GLN B 485 -7.36 18.63 4.72
N HIS B 486 -7.85 17.62 5.44
CA HIS B 486 -8.27 16.30 4.86
C HIS B 486 -9.79 16.23 4.74
N PHE B 487 -10.50 17.31 5.07
CA PHE B 487 -11.98 17.40 4.92
C PHE B 487 -12.34 18.80 4.39
N LYS B 488 -13.53 18.94 3.84
CA LYS B 488 -13.98 20.18 3.16
C LYS B 488 -15.48 20.35 3.38
N PRO B 489 -15.92 21.46 4.02
CA PRO B 489 -17.34 21.75 4.17
C PRO B 489 -17.92 22.25 2.84
N TYR B 490 -19.12 21.75 2.52
CA TYR B 490 -19.91 22.10 1.32
C TYR B 490 -21.37 22.24 1.74
N LEU B 491 -22.00 23.34 1.34
CA LEU B 491 -23.49 23.37 1.25
C LEU B 491 -23.84 22.37 0.14
N LYS B 492 -24.86 21.54 0.37
CA LYS B 492 -25.31 20.45 -0.53
C LYS B 492 -25.17 20.84 -2.00
N HIS B 493 -25.70 22.00 -2.37
CA HIS B 493 -25.87 22.46 -3.78
C HIS B 493 -24.50 22.81 -4.40
N PHE B 494 -23.43 22.90 -3.61
CA PHE B 494 -22.05 23.20 -4.08
C PHE B 494 -21.21 21.92 -4.22
N LEU B 495 -21.71 20.77 -3.74
CA LEU B 495 -21.07 19.45 -3.98
C LEU B 495 -20.99 19.22 -5.48
N PRO B 496 -19.95 18.50 -5.96
CA PRO B 496 -19.87 18.13 -7.38
C PRO B 496 -21.17 17.46 -7.85
N LYS B 497 -21.63 17.87 -9.03
CA LYS B 497 -22.92 17.41 -9.60
C LYS B 497 -22.88 15.91 -9.88
N ARG B 498 -21.70 15.35 -10.17
CA ARG B 498 -21.51 13.91 -10.45
C ARG B 498 -21.99 13.07 -9.25
N LEU B 499 -21.90 13.59 -8.02
CA LEU B 499 -22.34 12.87 -6.79
C LEU B 499 -23.88 12.83 -6.70
N HIS B 500 -24.60 13.66 -7.47
CA HIS B 500 -26.09 13.79 -7.45
C HIS B 500 -26.62 13.64 -6.02
N PHE B 501 -26.17 14.50 -5.11
CA PHE B 501 -26.46 14.40 -3.65
C PHE B 501 -26.91 15.76 -3.09
N ALA B 502 -28.11 16.22 -3.43
CA ALA B 502 -28.61 17.55 -3.00
C ALA B 502 -30.14 17.62 -2.96
N LYS B 503 -30.85 17.17 -4.00
CA LYS B 503 -32.32 17.39 -4.19
C LYS B 503 -33.08 17.09 -2.88
N SER B 504 -32.89 15.91 -2.28
CA SER B 504 -33.71 15.44 -1.14
C SER B 504 -33.55 16.36 0.07
N ASP B 505 -34.63 16.55 0.84
CA ASP B 505 -34.66 17.34 2.10
C ASP B 505 -34.10 16.51 3.25
N ARG B 506 -33.89 15.20 3.04
CA ARG B 506 -33.31 14.27 4.04
C ARG B 506 -31.78 14.40 4.04
N ILE B 507 -31.23 15.10 3.04
CA ILE B 507 -29.78 15.48 2.96
C ILE B 507 -29.58 16.80 3.74
N GLU B 508 -28.88 16.73 4.87
CA GLU B 508 -28.59 17.90 5.75
C GLU B 508 -27.95 18.98 4.89
N PRO B 509 -28.39 20.26 4.98
CA PRO B 509 -27.85 21.35 4.14
C PRO B 509 -26.33 21.54 4.13
N LEU B 510 -25.63 21.14 5.21
CA LEU B 510 -24.14 21.17 5.25
C LEU B 510 -23.60 19.73 5.30
N THR B 511 -22.81 19.39 4.29
CA THR B 511 -22.14 18.08 4.09
C THR B 511 -20.62 18.30 4.14
N PHE B 512 -19.86 17.22 4.32
CA PHE B 512 -18.38 17.21 4.28
C PHE B 512 -17.92 16.20 3.23
N TYR B 513 -16.99 16.63 2.37
CA TYR B 513 -16.24 15.78 1.43
C TYR B 513 -14.91 15.41 2.07
N LEU B 514 -14.63 14.12 2.23
CA LEU B 514 -13.41 13.66 2.93
C LEU B 514 -12.43 13.00 1.97
N ASP B 515 -11.14 13.13 2.27
CA ASP B 515 -10.03 12.54 1.48
C ASP B 515 -10.09 11.04 1.67
N PRO B 516 -9.51 10.25 0.75
CA PRO B 516 -9.49 8.80 0.89
C PRO B 516 -8.87 8.43 2.25
N GLN B 517 -9.49 7.47 2.94
CA GLN B 517 -9.03 6.84 4.20
C GLN B 517 -9.40 7.72 5.41
N TRP B 518 -10.00 8.88 5.18
CA TRP B 518 -10.33 9.87 6.25
C TRP B 518 -11.83 9.82 6.57
N GLN B 519 -12.15 9.86 7.87
CA GLN B 519 -13.52 9.94 8.42
C GLN B 519 -13.60 11.17 9.35
N LEU B 520 -14.81 11.52 9.79
CA LEU B 520 -15.09 12.77 10.56
C LEU B 520 -16.25 12.51 11.50
N ALA B 521 -16.18 13.08 12.71
CA ALA B 521 -17.24 13.04 13.73
C ALA B 521 -17.20 14.34 14.54
N LEU B 522 -18.18 14.55 15.42
CA LEU B 522 -18.18 15.70 16.34
C LEU B 522 -17.06 15.53 17.36
N ASN B 523 -16.93 14.32 17.92
CA ASN B 523 -15.95 13.96 18.98
C ASN B 523 -15.79 12.45 19.07
N PRO B 524 -14.71 11.94 19.70
CA PRO B 524 -14.46 10.49 19.78
C PRO B 524 -15.52 9.62 20.45
N SER B 525 -16.43 10.20 21.24
CA SER B 525 -17.54 9.46 21.90
C SER B 525 -18.58 9.06 20.85
N GLU B 526 -18.81 9.92 19.85
CA GLU B 526 -19.89 9.79 18.84
C GLU B 526 -19.29 9.21 17.53
N ARG B 527 -18.85 7.95 17.60
CA ARG B 527 -18.32 7.14 16.46
C ARG B 527 -18.10 5.70 16.95
N LYS B 528 -17.91 4.75 16.02
CA LYS B 528 -17.51 3.35 16.32
C LYS B 528 -15.97 3.30 16.31
N TYR B 529 -15.37 2.12 16.49
CA TYR B 529 -13.89 1.99 16.52
C TYR B 529 -13.30 2.61 15.25
N CYS B 530 -12.32 3.51 15.42
CA CYS B 530 -11.69 4.31 14.32
C CYS B 530 -10.80 3.43 13.44
N GLY B 531 -10.26 2.33 13.99
CA GLY B 531 -9.30 1.45 13.30
C GLY B 531 -9.97 0.34 12.51
N SER B 532 -11.30 0.32 12.48
CA SER B 532 -12.12 -0.67 11.74
C SER B 532 -12.03 -0.40 10.23
N GLY B 533 -12.44 -1.36 9.42
CA GLY B 533 -12.72 -1.14 7.99
C GLY B 533 -13.94 -0.24 7.86
N PHE B 534 -14.03 0.52 6.77
CA PHE B 534 -15.15 1.47 6.55
C PHE B 534 -15.37 1.70 5.06
N HIS B 535 -16.55 2.23 4.73
CA HIS B 535 -16.99 2.65 3.38
C HIS B 535 -17.92 3.87 3.55
N GLY B 536 -18.21 4.57 2.45
CA GLY B 536 -19.10 5.75 2.45
C GLY B 536 -18.52 6.89 1.62
N SER B 537 -17.22 6.83 1.33
CA SER B 537 -16.45 7.89 0.64
C SER B 537 -17.00 8.13 -0.77
N ASP B 538 -16.48 9.18 -1.42
CA ASP B 538 -16.68 9.51 -2.86
C ASP B 538 -16.75 8.22 -3.69
N ASN B 539 -17.72 8.13 -4.59
CA ASN B 539 -17.96 6.89 -5.36
C ASN B 539 -16.95 6.72 -6.51
N VAL B 540 -15.93 7.57 -6.64
CA VAL B 540 -14.88 7.34 -7.69
C VAL B 540 -13.57 6.84 -7.05
N PHE B 541 -13.48 6.77 -5.73
CA PHE B 541 -12.30 6.20 -5.03
C PHE B 541 -12.20 4.70 -5.38
N SER B 542 -10.99 4.26 -5.73
CA SER B 542 -10.67 2.86 -6.12
C SER B 542 -11.33 1.86 -5.17
N ASN B 543 -11.12 2.02 -3.87
CA ASN B 543 -11.46 0.97 -2.89
C ASN B 543 -12.98 0.93 -2.65
N MET B 544 -13.73 1.89 -3.18
CA MET B 544 -15.21 1.92 -3.02
C MET B 544 -15.89 1.18 -4.17
N GLN B 545 -15.16 0.91 -5.26
CA GLN B 545 -15.70 0.28 -6.49
C GLN B 545 -16.23 -1.12 -6.15
N ALA B 546 -17.22 -1.60 -6.89
CA ALA B 546 -18.02 -2.80 -6.54
C ALA B 546 -17.86 -3.92 -7.59
N LEU B 547 -18.36 -5.10 -7.22
CA LEU B 547 -18.36 -6.33 -8.04
C LEU B 547 -19.50 -6.25 -9.06
N PHE B 548 -19.26 -6.66 -10.32
CA PHE B 548 -20.35 -7.04 -11.25
C PHE B 548 -19.91 -8.19 -12.14
N VAL B 549 -20.62 -9.31 -12.08
CA VAL B 549 -20.52 -10.44 -13.04
C VAL B 549 -21.94 -10.82 -13.46
N GLY B 550 -22.17 -10.93 -14.76
CA GLY B 550 -23.42 -11.42 -15.35
C GLY B 550 -23.15 -12.71 -16.12
N TYR B 551 -23.95 -13.75 -15.87
CA TYR B 551 -23.78 -15.06 -16.52
C TYR B 551 -25.15 -15.66 -16.80
N GLY B 552 -25.32 -16.19 -18.01
CA GLY B 552 -26.54 -16.90 -18.44
C GLY B 552 -26.85 -16.66 -19.91
N PRO B 553 -28.01 -17.15 -20.39
CA PRO B 553 -28.37 -17.05 -21.79
C PRO B 553 -28.41 -15.59 -22.28
N GLY B 554 -28.78 -14.66 -21.41
CA GLY B 554 -28.98 -13.24 -21.76
C GLY B 554 -27.68 -12.49 -21.95
N PHE B 555 -26.62 -12.87 -21.22
CA PHE B 555 -25.32 -12.15 -21.18
C PHE B 555 -24.33 -12.78 -22.16
N LYS B 556 -23.39 -11.97 -22.63
CA LYS B 556 -22.27 -12.41 -23.51
C LYS B 556 -21.31 -13.27 -22.69
N HIS B 557 -20.43 -13.99 -23.37
CA HIS B 557 -19.46 -14.94 -22.76
C HIS B 557 -18.04 -14.43 -23.00
N GLY B 558 -17.23 -14.31 -21.94
CA GLY B 558 -15.80 -13.93 -22.03
C GLY B 558 -15.61 -12.49 -22.47
N ILE B 559 -16.50 -11.61 -22.03
CA ILE B 559 -16.49 -10.14 -22.30
C ILE B 559 -16.02 -9.44 -21.04
N GLU B 560 -15.13 -8.45 -21.18
CA GLU B 560 -14.73 -7.52 -20.10
C GLU B 560 -15.15 -6.10 -20.53
N ALA B 561 -16.29 -5.63 -20.03
CA ALA B 561 -16.85 -4.28 -20.32
C ALA B 561 -16.09 -3.21 -19.52
N ASP B 562 -16.08 -1.99 -20.02
CA ASP B 562 -15.52 -0.79 -19.31
C ASP B 562 -16.41 -0.49 -18.10
N THR B 563 -15.89 0.27 -17.15
CA THR B 563 -16.60 0.69 -15.92
C THR B 563 -17.97 1.26 -16.30
N PHE B 564 -19.02 0.82 -15.62
CA PHE B 564 -20.37 1.42 -15.70
C PHE B 564 -20.90 1.61 -14.29
N GLU B 565 -22.00 2.35 -14.14
CA GLU B 565 -22.58 2.72 -12.82
C GLU B 565 -23.74 1.77 -12.50
N ASN B 566 -23.95 1.49 -11.21
CA ASN B 566 -24.94 0.48 -10.77
C ASN B 566 -26.36 0.96 -11.10
N ILE B 567 -26.56 2.26 -11.28
CA ILE B 567 -27.89 2.84 -11.67
C ILE B 567 -28.30 2.32 -13.07
N GLU B 568 -27.36 1.80 -13.85
CA GLU B 568 -27.64 1.25 -15.20
C GLU B 568 -28.28 -0.15 -15.11
N VAL B 569 -28.23 -0.80 -13.95
CA VAL B 569 -28.54 -2.26 -13.82
C VAL B 569 -30.06 -2.46 -13.90
N TYR B 570 -30.86 -1.57 -13.33
CA TYR B 570 -32.35 -1.67 -13.36
C TYR B 570 -32.83 -1.89 -14.81
N ASN B 571 -32.40 -1.03 -15.75
CA ASN B 571 -32.78 -1.13 -17.19
C ASN B 571 -32.35 -2.51 -17.73
N LEU B 572 -31.12 -2.92 -17.43
CA LEU B 572 -30.54 -4.22 -17.86
C LEU B 572 -31.45 -5.36 -17.37
N MET B 573 -31.86 -5.34 -16.10
CA MET B 573 -32.72 -6.42 -15.54
C MET B 573 -34.09 -6.38 -16.23
N CYS B 574 -34.64 -5.20 -16.47
CA CYS B 574 -35.91 -5.04 -17.24
C CYS B 574 -35.77 -5.73 -18.60
N ASP B 575 -34.69 -5.44 -19.34
CA ASP B 575 -34.43 -6.03 -20.68
C ASP B 575 -34.36 -7.55 -20.55
N LEU B 576 -33.64 -8.07 -19.55
CA LEU B 576 -33.47 -9.52 -19.32
C LEU B 576 -34.83 -10.16 -19.03
N LEU B 577 -35.80 -9.41 -18.49
CA LEU B 577 -37.14 -9.95 -18.12
C LEU B 577 -38.22 -9.47 -19.10
N ASN B 578 -37.84 -8.89 -20.23
CA ASN B 578 -38.77 -8.28 -21.23
C ASN B 578 -39.78 -7.40 -20.49
N LEU B 579 -39.29 -6.48 -19.65
CA LEU B 579 -40.10 -5.47 -18.92
C LEU B 579 -39.83 -4.09 -19.53
N THR B 580 -40.88 -3.27 -19.61
CA THR B 580 -40.77 -1.80 -19.79
C THR B 580 -40.29 -1.22 -18.46
N PRO B 581 -39.13 -0.54 -18.43
CA PRO B 581 -38.66 0.10 -17.20
C PRO B 581 -39.52 1.31 -16.82
N ALA B 582 -39.77 1.48 -15.52
CA ALA B 582 -40.22 2.75 -14.92
C ALA B 582 -39.19 3.83 -15.25
N PRO B 583 -39.56 5.13 -15.21
CA PRO B 583 -38.56 6.20 -15.39
C PRO B 583 -37.50 6.16 -14.27
N ASN B 584 -36.22 6.29 -14.65
CA ASN B 584 -35.05 6.12 -13.75
C ASN B 584 -33.84 6.88 -14.31
N ASN B 585 -32.69 6.86 -13.63
CA ASN B 585 -31.51 7.72 -13.95
C ASN B 585 -30.52 6.98 -14.85
N GLY B 586 -30.76 5.70 -15.14
CA GLY B 586 -30.00 4.93 -16.13
C GLY B 586 -30.34 5.38 -17.54
N THR B 587 -29.40 5.22 -18.46
CA THR B 587 -29.51 5.60 -19.89
C THR B 587 -29.77 4.31 -20.67
N HIS B 588 -31.05 3.99 -20.86
CA HIS B 588 -31.53 2.74 -21.53
C HIS B 588 -30.78 2.56 -22.86
N GLY B 589 -30.03 1.47 -23.00
CA GLY B 589 -29.27 1.13 -24.23
C GLY B 589 -27.77 1.27 -24.01
N SER B 590 -27.32 1.97 -22.97
CA SER B 590 -25.88 2.16 -22.64
C SER B 590 -25.23 0.82 -22.25
N LEU B 591 -25.99 -0.19 -21.81
CA LEU B 591 -25.46 -1.53 -21.41
C LEU B 591 -25.88 -2.61 -22.44
N ASN B 592 -26.32 -2.22 -23.64
CA ASN B 592 -26.70 -3.18 -24.71
C ASN B 592 -25.49 -4.05 -25.10
N HIS B 593 -24.27 -3.55 -24.94
CA HIS B 593 -23.02 -4.30 -25.30
C HIS B 593 -22.79 -5.49 -24.35
N LEU B 594 -23.52 -5.58 -23.23
CA LEU B 594 -23.42 -6.71 -22.27
C LEU B 594 -24.31 -7.87 -22.72
N LEU B 595 -25.32 -7.59 -23.58
CA LEU B 595 -26.41 -8.55 -23.89
C LEU B 595 -26.18 -9.23 -25.24
N LYS B 596 -26.47 -10.52 -25.33
CA LYS B 596 -26.46 -11.29 -26.60
C LYS B 596 -27.44 -10.66 -27.59
N ASN B 597 -28.67 -10.38 -27.14
CA ASN B 597 -29.81 -9.90 -27.97
C ASN B 597 -30.50 -8.71 -27.31
N PRO B 598 -29.98 -7.48 -27.50
CA PRO B 598 -30.62 -6.29 -26.96
C PRO B 598 -32.09 -6.24 -27.40
N VAL B 599 -33.00 -5.81 -26.53
CA VAL B 599 -34.47 -5.76 -26.82
C VAL B 599 -34.89 -4.32 -27.07
N TYR B 600 -34.14 -3.35 -26.58
CA TYR B 600 -34.40 -1.89 -26.76
C TYR B 600 -33.29 -1.31 -27.65
N THR B 601 -33.67 -0.76 -28.80
CA THR B 601 -32.79 0.05 -29.68
C THR B 601 -32.98 1.52 -29.34
N PRO B 602 -31.97 2.19 -28.78
CA PRO B 602 -32.11 3.60 -28.43
C PRO B 602 -32.06 4.46 -29.70
N LYS B 603 -32.72 5.62 -29.66
CA LYS B 603 -32.68 6.64 -30.74
C LYS B 603 -32.24 7.96 -30.12
N HIS B 604 -31.45 8.75 -30.85
CA HIS B 604 -31.10 10.14 -30.47
C HIS B 604 -32.39 10.90 -30.21
N PRO B 605 -32.49 11.70 -29.12
CA PRO B 605 -33.70 12.48 -28.84
C PRO B 605 -33.92 13.56 -29.92
N LYS B 606 -35.19 13.76 -30.33
CA LYS B 606 -35.59 14.61 -31.47
C LYS B 606 -35.75 16.06 -31.01
N GLU B 607 -35.09 17.00 -31.69
CA GLU B 607 -35.07 18.44 -31.35
C GLU B 607 -36.49 19.00 -31.54
N VAL B 608 -37.01 19.73 -30.56
CA VAL B 608 -38.34 20.42 -30.67
C VAL B 608 -38.07 21.81 -31.25
N HIS B 609 -39.03 22.35 -32.01
CA HIS B 609 -39.01 23.72 -32.60
C HIS B 609 -37.82 23.88 -33.53
N PRO B 610 -37.69 23.07 -34.61
CA PRO B 610 -36.49 23.05 -35.46
C PRO B 610 -35.86 24.42 -35.76
N LEU B 611 -34.88 24.82 -34.94
CA LEU B 611 -34.10 26.09 -35.03
C LEU B 611 -35.04 27.31 -35.08
N VAL B 612 -34.74 28.31 -35.92
CA VAL B 612 -35.55 29.55 -36.07
C VAL B 612 -35.15 30.27 -37.37
N ASN B 619 -30.07 49.28 -38.37
CA ASN B 619 -28.66 48.97 -38.00
C ASN B 619 -28.03 50.18 -37.31
N PRO B 620 -28.46 50.54 -36.08
CA PRO B 620 -27.82 51.63 -35.33
C PRO B 620 -26.44 51.19 -34.77
N ARG B 621 -25.43 52.07 -34.86
CA ARG B 621 -24.05 51.81 -34.38
C ARG B 621 -23.71 52.78 -33.23
N ASP B 622 -23.86 52.33 -31.98
CA ASP B 622 -23.80 53.14 -30.73
C ASP B 622 -22.47 52.90 -30.01
N ASN B 623 -22.17 53.73 -29.01
CA ASN B 623 -20.96 53.65 -28.14
C ASN B 623 -21.23 52.61 -27.04
N LEU B 624 -20.40 51.57 -26.97
CA LEU B 624 -20.52 50.44 -26.00
C LEU B 624 -19.67 50.74 -24.75
N GLY B 625 -18.83 51.78 -24.80
CA GLY B 625 -17.97 52.21 -23.68
C GLY B 625 -16.56 51.64 -23.80
N CYS B 626 -16.18 51.16 -24.98
CA CYS B 626 -14.92 50.41 -25.24
C CYS B 626 -13.68 51.29 -25.02
N SER B 627 -12.80 50.87 -24.10
CA SER B 627 -11.44 51.44 -23.87
C SER B 627 -10.39 50.50 -24.45
N CYS B 628 -10.56 50.10 -25.72
CA CYS B 628 -9.86 48.93 -26.33
C CYS B 628 -8.36 49.17 -26.36
N ASN B 629 -7.57 48.13 -26.09
CA ASN B 629 -6.11 48.08 -26.30
C ASN B 629 -5.84 48.31 -27.79
N PRO B 630 -4.90 49.20 -28.15
CA PRO B 630 -4.73 49.63 -29.55
C PRO B 630 -4.54 48.48 -30.56
N SER B 631 -3.82 47.42 -30.17
CA SER B 631 -3.40 46.29 -31.03
C SER B 631 -4.59 45.67 -31.77
N ILE B 632 -5.77 45.60 -31.13
CA ILE B 632 -6.99 44.94 -31.67
C ILE B 632 -7.45 45.64 -32.95
N LEU B 633 -7.46 44.93 -34.08
CA LEU B 633 -7.99 45.42 -35.38
C LEU B 633 -9.52 45.31 -35.35
N PRO B 634 -10.25 46.45 -35.27
CA PRO B 634 -11.71 46.40 -35.10
C PRO B 634 -12.49 45.77 -36.27
N ILE B 635 -13.80 45.61 -36.09
CA ILE B 635 -14.71 44.83 -36.97
C ILE B 635 -15.59 45.81 -37.77
N GLU B 636 -15.22 46.10 -39.02
CA GLU B 636 -15.98 47.00 -39.94
C GLU B 636 -16.75 46.16 -40.96
N ASP B 637 -17.16 44.93 -40.61
CA ASP B 637 -17.66 43.91 -41.57
C ASP B 637 -18.84 44.47 -42.37
N LEU B 644 -20.69 35.56 -44.85
CA LEU B 644 -20.03 34.32 -45.33
C LEU B 644 -20.85 33.68 -46.47
N THR B 645 -20.16 33.22 -47.52
CA THR B 645 -20.74 32.50 -48.68
C THR B 645 -21.14 31.08 -48.25
N VAL B 646 -22.26 30.55 -48.77
CA VAL B 646 -22.78 29.18 -48.48
C VAL B 646 -21.61 28.18 -48.49
N ALA B 647 -20.78 28.22 -49.54
CA ALA B 647 -19.57 27.38 -49.71
C ALA B 647 -18.63 27.55 -48.50
N GLU B 648 -18.31 28.79 -48.15
CA GLU B 648 -17.43 29.16 -47.00
C GLU B 648 -18.00 28.61 -45.68
N GLU B 649 -19.33 28.62 -45.52
CA GLU B 649 -20.04 28.16 -44.30
C GLU B 649 -19.89 26.65 -44.11
N LYS B 650 -20.05 25.85 -45.18
CA LYS B 650 -19.84 24.37 -45.16
C LYS B 650 -18.46 24.06 -44.58
N ILE B 651 -17.40 24.74 -45.06
CA ILE B 651 -16.01 24.63 -44.53
C ILE B 651 -16.01 24.96 -43.03
N ILE B 652 -16.60 26.08 -42.64
CA ILE B 652 -16.66 26.57 -41.22
C ILE B 652 -17.39 25.53 -40.35
N LYS B 653 -18.59 25.11 -40.75
CA LYS B 653 -19.44 24.12 -40.01
C LYS B 653 -18.65 22.82 -39.81
N HIS B 654 -18.00 22.30 -40.85
CA HIS B 654 -17.17 21.07 -40.82
C HIS B 654 -16.03 21.20 -39.80
N GLU B 655 -15.51 22.40 -39.56
CA GLU B 655 -14.31 22.66 -38.71
C GLU B 655 -14.73 22.89 -37.24
N THR B 656 -15.96 23.35 -37.01
CA THR B 656 -16.47 23.87 -35.70
C THR B 656 -17.50 22.91 -35.08
N LEU B 657 -18.27 22.19 -35.90
CA LEU B 657 -19.32 21.24 -35.45
C LEU B 657 -19.10 19.89 -36.11
N PRO B 658 -17.90 19.28 -35.95
CA PRO B 658 -17.57 18.03 -36.65
C PRO B 658 -18.47 16.86 -36.24
N TYR B 659 -19.16 16.98 -35.11
CA TYR B 659 -20.00 15.92 -34.51
C TYR B 659 -21.49 16.29 -34.64
N GLY B 660 -21.78 17.40 -35.31
CA GLY B 660 -23.13 18.00 -35.36
C GLY B 660 -23.29 19.09 -34.32
N ARG B 661 -24.24 19.99 -34.56
CA ARG B 661 -24.56 21.09 -33.62
C ARG B 661 -25.30 20.48 -32.44
N PRO B 662 -25.02 20.95 -31.21
CA PRO B 662 -25.87 20.65 -30.06
C PRO B 662 -27.34 20.96 -30.38
N ARG B 663 -28.25 20.06 -30.03
CA ARG B 663 -29.70 20.23 -30.26
C ARG B 663 -30.37 20.57 -28.94
N VAL B 664 -31.34 21.47 -28.97
CA VAL B 664 -32.11 21.93 -27.77
C VAL B 664 -33.36 21.06 -27.64
N LEU B 665 -33.55 20.47 -26.46
CA LEU B 665 -34.70 19.58 -26.14
C LEU B 665 -35.69 20.29 -25.21
N GLN B 666 -35.41 21.55 -24.83
CA GLN B 666 -36.27 22.35 -23.92
C GLN B 666 -37.58 22.70 -24.64
N LYS B 667 -38.70 22.70 -23.91
CA LYS B 667 -40.09 22.79 -24.44
C LYS B 667 -40.36 24.19 -25.02
N GLU B 668 -40.44 25.21 -24.17
CA GLU B 668 -40.56 26.65 -24.55
C GLU B 668 -39.16 27.28 -24.56
N ASN B 669 -38.37 27.03 -25.61
CA ASN B 669 -36.99 27.58 -25.77
C ASN B 669 -36.73 27.91 -27.24
N THR B 670 -36.22 29.12 -27.52
CA THR B 670 -35.91 29.63 -28.88
C THR B 670 -34.42 29.99 -28.96
N ILE B 671 -33.63 29.16 -29.63
CA ILE B 671 -32.17 29.39 -29.92
C ILE B 671 -32.01 29.65 -31.42
N CYS B 672 -30.92 30.32 -31.82
CA CYS B 672 -30.59 30.61 -33.25
C CYS B 672 -29.08 30.47 -33.47
N LEU B 673 -28.68 29.93 -34.62
CA LEU B 673 -27.28 29.66 -35.03
C LEU B 673 -26.61 30.98 -35.45
N LEU B 674 -25.52 31.35 -34.79
CA LEU B 674 -24.68 32.51 -35.18
C LEU B 674 -23.37 31.95 -35.74
N SER B 675 -22.96 32.38 -36.93
CA SER B 675 -21.67 32.03 -37.58
C SER B 675 -20.61 33.07 -37.24
N GLN B 676 -19.37 32.61 -37.08
CA GLN B 676 -18.14 33.43 -36.94
C GLN B 676 -17.02 32.63 -37.63
N HIS B 677 -15.84 33.22 -37.81
CA HIS B 677 -14.73 32.62 -38.61
C HIS B 677 -14.14 31.42 -37.85
N GLN B 678 -14.00 31.52 -36.52
CA GLN B 678 -13.25 30.56 -35.67
C GLN B 678 -14.19 29.73 -34.78
N PHE B 679 -15.49 30.06 -34.69
CA PHE B 679 -16.45 29.39 -33.77
C PHE B 679 -17.90 29.61 -34.22
N MET B 680 -18.81 28.72 -33.80
CA MET B 680 -20.28 28.88 -33.96
C MET B 680 -20.93 28.83 -32.58
N SER B 681 -22.20 29.21 -32.48
CA SER B 681 -22.91 29.39 -31.20
C SER B 681 -24.41 29.28 -31.39
N GLY B 682 -25.11 28.91 -30.31
CA GLY B 682 -26.57 28.95 -30.19
C GLY B 682 -26.96 30.04 -29.21
N TYR B 683 -27.61 31.10 -29.70
CA TYR B 683 -27.96 32.29 -28.90
C TYR B 683 -29.43 32.21 -28.46
N SER B 684 -29.69 32.50 -27.18
CA SER B 684 -31.04 32.60 -26.57
C SER B 684 -31.46 34.07 -26.46
N GLN B 685 -32.51 34.46 -27.19
CA GLN B 685 -33.15 35.80 -27.11
C GLN B 685 -33.84 35.92 -25.75
N ASP B 686 -34.39 34.82 -25.24
CA ASP B 686 -35.21 34.74 -24.00
C ASP B 686 -34.35 35.02 -22.76
N ILE B 687 -33.05 34.69 -22.78
CA ILE B 687 -32.13 34.86 -21.63
C ILE B 687 -30.99 35.83 -21.98
N LEU B 688 -30.94 36.36 -23.21
CA LEU B 688 -29.95 37.39 -23.66
C LEU B 688 -28.54 36.87 -23.38
N MET B 689 -28.21 35.72 -23.95
CA MET B 689 -27.00 34.91 -23.63
C MET B 689 -26.93 33.74 -24.60
N PRO B 690 -25.72 33.25 -24.95
CA PRO B 690 -25.58 31.99 -25.69
C PRO B 690 -25.75 30.80 -24.75
N LEU B 691 -26.50 29.78 -25.17
CA LEU B 691 -26.64 28.48 -24.45
C LEU B 691 -25.38 27.64 -24.66
N TRP B 692 -24.69 27.80 -25.80
CA TRP B 692 -23.48 27.00 -26.15
C TRP B 692 -22.65 27.68 -27.24
N THR B 693 -21.32 27.60 -27.13
CA THR B 693 -20.33 27.87 -28.21
C THR B 693 -19.65 26.56 -28.59
N SER B 694 -19.20 26.43 -29.84
CA SER B 694 -18.37 25.29 -30.32
C SER B 694 -17.20 25.82 -31.15
N TYR B 695 -15.98 25.43 -30.81
CA TYR B 695 -14.75 25.74 -31.60
C TYR B 695 -13.79 24.56 -31.55
N THR B 696 -12.65 24.68 -32.22
CA THR B 696 -11.62 23.61 -32.34
C THR B 696 -10.22 24.21 -32.24
N VAL B 697 -9.47 23.85 -31.20
CA VAL B 697 -8.04 24.22 -30.99
C VAL B 697 -7.19 23.16 -31.68
N ASP B 698 -6.38 23.52 -32.68
CA ASP B 698 -5.46 22.58 -33.39
C ASP B 698 -4.08 22.64 -32.72
N ARG B 699 -3.28 21.59 -32.92
CA ARG B 699 -1.94 21.39 -32.30
C ARG B 699 -1.12 22.70 -32.33
N ASN B 700 -0.97 23.34 -33.50
CA ASN B 700 0.05 24.39 -33.75
C ASN B 700 -0.52 25.81 -33.58
N ASP B 701 -1.77 25.96 -33.14
CA ASP B 701 -2.41 27.28 -32.87
C ASP B 701 -1.82 27.87 -31.59
N SER B 702 -1.85 29.20 -31.43
CA SER B 702 -1.20 29.93 -30.30
C SER B 702 -2.17 30.93 -29.66
N PHE B 703 -1.94 31.22 -28.38
CA PHE B 703 -2.84 31.99 -27.48
C PHE B 703 -2.12 33.29 -27.07
N SER B 704 -2.75 34.45 -27.29
CA SER B 704 -2.12 35.79 -27.12
C SER B 704 -2.32 36.32 -25.69
N THR B 705 -1.30 37.02 -25.20
CA THR B 705 -1.14 37.47 -23.80
C THR B 705 -1.73 38.87 -23.62
N GLU B 706 -2.00 39.59 -24.73
CA GLU B 706 -2.40 41.03 -24.74
C GLU B 706 -3.75 41.21 -24.03
N ASP B 707 -3.79 42.06 -22.99
CA ASP B 707 -5.00 42.31 -22.15
C ASP B 707 -6.10 42.93 -23.03
N PHE B 708 -7.35 42.50 -22.82
CA PHE B 708 -8.53 42.89 -23.67
C PHE B 708 -9.72 43.25 -22.78
N SER B 709 -9.44 43.81 -21.59
CA SER B 709 -10.46 44.27 -20.61
C SER B 709 -11.26 45.44 -21.20
N ASN B 710 -12.55 45.54 -20.86
CA ASN B 710 -13.46 46.64 -21.25
C ASN B 710 -13.37 46.90 -22.77
N CYS B 711 -13.22 45.85 -23.59
CA CYS B 711 -13.34 45.94 -25.08
C CYS B 711 -14.38 44.94 -25.58
N LEU B 712 -15.54 45.47 -25.99
CA LEU B 712 -16.68 44.73 -26.61
C LEU B 712 -17.09 45.43 -27.90
N TYR B 713 -17.59 44.68 -28.88
CA TYR B 713 -18.21 45.21 -30.12
C TYR B 713 -19.69 44.82 -30.15
N GLN B 714 -20.57 45.71 -30.63
CA GLN B 714 -22.02 45.46 -30.78
C GLN B 714 -22.24 44.43 -31.90
N ASP B 715 -23.10 43.44 -31.68
CA ASP B 715 -23.54 42.47 -32.71
C ASP B 715 -24.92 42.92 -33.22
N PHE B 716 -25.00 43.33 -34.48
CA PHE B 716 -26.21 43.89 -35.13
C PHE B 716 -27.20 42.77 -35.48
N ARG B 717 -26.82 41.51 -35.26
CA ARG B 717 -27.64 40.30 -35.53
C ARG B 717 -28.71 40.12 -34.44
N ILE B 718 -28.50 40.67 -33.23
CA ILE B 718 -29.50 40.65 -32.11
C ILE B 718 -29.65 42.07 -31.57
N PRO B 719 -30.83 42.44 -31.01
CA PRO B 719 -30.99 43.74 -30.36
C PRO B 719 -29.95 43.97 -29.25
N LEU B 720 -29.28 45.12 -29.25
CA LEU B 720 -28.42 45.57 -28.11
C LEU B 720 -29.31 45.76 -26.88
N SER B 721 -28.84 45.36 -25.70
CA SER B 721 -29.58 45.46 -24.41
C SER B 721 -28.68 46.07 -23.34
N PRO B 722 -29.22 46.69 -22.27
CA PRO B 722 -28.39 47.29 -21.21
C PRO B 722 -27.29 46.35 -20.68
N VAL B 723 -27.63 45.07 -20.45
CA VAL B 723 -26.74 44.05 -19.82
C VAL B 723 -25.65 43.61 -20.79
N HIS B 724 -25.74 43.97 -22.09
CA HIS B 724 -24.73 43.69 -23.14
C HIS B 724 -23.72 44.85 -23.25
N LYS B 725 -23.82 45.89 -22.41
CA LYS B 725 -23.04 47.15 -22.52
C LYS B 725 -21.92 47.18 -21.49
N CYS B 726 -20.71 47.57 -21.90
CA CYS B 726 -19.49 47.60 -21.06
C CYS B 726 -19.76 48.41 -19.78
N SER B 727 -20.68 49.38 -19.85
CA SER B 727 -21.06 50.31 -18.76
C SER B 727 -21.72 49.55 -17.61
N PHE B 728 -22.54 48.53 -17.92
CA PHE B 728 -23.23 47.68 -16.91
C PHE B 728 -22.18 46.98 -16.03
N TYR B 729 -21.01 46.66 -16.59
CA TYR B 729 -19.90 45.95 -15.90
C TYR B 729 -18.80 46.92 -15.45
N LYS B 730 -18.73 48.11 -16.07
CA LYS B 730 -17.68 49.14 -15.80
C LYS B 730 -17.77 49.55 -14.32
N ASN B 731 -16.68 49.32 -13.57
CA ASN B 731 -16.60 49.59 -12.10
C ASN B 731 -17.83 48.99 -11.40
N ASN B 732 -18.18 47.76 -11.74
CA ASN B 732 -19.29 47.01 -11.09
C ASN B 732 -18.72 46.17 -9.95
N THR B 733 -19.34 46.25 -8.76
CA THR B 733 -18.87 45.60 -7.52
C THR B 733 -19.70 44.34 -7.22
N LYS B 734 -20.71 44.03 -8.05
CA LYS B 734 -21.66 42.90 -7.83
C LYS B 734 -21.31 41.75 -8.80
N VAL B 735 -21.01 42.07 -10.06
CA VAL B 735 -20.95 41.10 -11.20
C VAL B 735 -19.76 41.47 -12.12
N SER B 736 -19.39 40.60 -13.06
CA SER B 736 -18.54 40.96 -14.23
C SER B 736 -18.96 40.08 -15.42
N TYR B 737 -18.20 40.06 -16.52
CA TYR B 737 -18.50 39.21 -17.70
C TYR B 737 -17.26 38.40 -18.09
N GLY B 738 -17.47 37.35 -18.90
CA GLY B 738 -16.43 36.55 -19.56
C GLY B 738 -16.88 36.11 -20.95
N PHE B 739 -15.94 35.62 -21.77
CA PHE B 739 -16.17 35.17 -23.16
C PHE B 739 -16.28 33.64 -23.21
N LEU B 740 -17.23 33.09 -23.97
CA LEU B 740 -17.40 31.61 -24.14
C LEU B 740 -16.32 31.10 -25.09
N SER B 741 -16.35 31.54 -26.34
CA SER B 741 -15.27 31.31 -27.34
C SER B 741 -14.16 32.30 -27.05
N PRO B 742 -12.90 31.83 -26.82
CA PRO B 742 -11.86 32.69 -26.25
C PRO B 742 -11.25 33.62 -27.30
N PRO B 743 -11.22 34.95 -27.05
CA PRO B 743 -10.55 35.89 -27.95
C PRO B 743 -9.05 35.63 -28.15
N GLN B 744 -8.39 34.92 -27.21
CA GLN B 744 -6.93 34.65 -27.22
C GLN B 744 -6.55 33.70 -28.35
N LEU B 745 -7.51 32.98 -28.96
CA LEU B 745 -7.26 31.91 -29.97
C LEU B 745 -7.19 32.52 -31.38
N ASN B 746 -5.96 32.61 -31.92
CA ASN B 746 -5.59 33.07 -33.30
C ASN B 746 -6.79 32.96 -34.25
N SER B 750 -2.54 34.70 -35.26
CA SER B 750 -1.88 36.04 -35.28
C SER B 750 -2.60 36.98 -34.29
N GLY B 751 -1.83 37.72 -33.48
CA GLY B 751 -2.36 38.73 -32.53
C GLY B 751 -3.55 38.21 -31.74
N ILE B 752 -4.69 38.91 -31.82
CA ILE B 752 -5.96 38.57 -31.12
C ILE B 752 -7.09 38.47 -32.16
N TYR B 753 -7.87 37.38 -32.13
CA TYR B 753 -9.08 37.21 -32.98
C TYR B 753 -10.16 38.17 -32.46
N SER B 754 -10.38 39.28 -33.17
CA SER B 754 -11.28 40.41 -32.76
C SER B 754 -12.73 39.94 -32.72
N GLU B 755 -13.13 39.10 -33.68
CA GLU B 755 -14.52 38.61 -33.89
C GLU B 755 -15.10 38.02 -32.60
N ALA B 756 -14.25 37.44 -31.73
CA ALA B 756 -14.64 36.83 -30.44
C ALA B 756 -15.12 37.88 -29.45
N LEU B 757 -14.89 39.17 -29.72
CA LEU B 757 -15.32 40.30 -28.84
C LEU B 757 -16.76 40.73 -29.15
N LEU B 758 -17.46 40.05 -30.08
CA LEU B 758 -18.89 40.30 -30.39
C LEU B 758 -19.73 40.22 -29.11
N THR B 759 -20.81 41.00 -29.03
CA THR B 759 -21.70 41.15 -27.83
C THR B 759 -22.38 39.81 -27.53
N THR B 760 -22.51 38.93 -28.53
CA THR B 760 -23.24 37.64 -28.45
C THR B 760 -22.42 36.57 -27.70
N ASN B 761 -21.10 36.74 -27.60
CA ASN B 761 -20.15 35.74 -27.05
C ASN B 761 -19.69 36.16 -25.65
N ILE B 762 -20.56 36.79 -24.85
CA ILE B 762 -20.26 37.17 -23.44
C ILE B 762 -21.32 36.55 -22.51
N VAL B 763 -20.92 36.19 -21.29
CA VAL B 763 -21.77 35.59 -20.23
C VAL B 763 -21.45 36.27 -18.91
N PRO B 764 -22.48 36.53 -18.06
CA PRO B 764 -22.25 37.03 -16.71
C PRO B 764 -21.23 36.14 -15.97
N MET B 765 -20.30 36.74 -15.22
CA MET B 765 -19.20 35.99 -14.54
C MET B 765 -18.70 36.76 -13.33
N TYR B 766 -18.79 36.17 -12.13
CA TYR B 766 -18.14 36.67 -10.88
C TYR B 766 -16.63 36.66 -11.10
N GLN B 767 -15.93 37.73 -10.68
CA GLN B 767 -14.51 37.97 -11.07
C GLN B 767 -13.58 37.04 -10.28
N SER B 768 -14.05 36.41 -9.20
CA SER B 768 -13.32 35.32 -8.50
C SER B 768 -13.23 34.08 -9.43
N PHE B 769 -14.30 33.80 -10.17
CA PHE B 769 -14.36 32.69 -11.16
C PHE B 769 -13.48 33.05 -12.37
N GLN B 770 -13.27 34.33 -12.63
CA GLN B 770 -12.48 34.81 -13.80
C GLN B 770 -11.06 34.21 -13.73
N VAL B 771 -10.52 34.02 -12.52
CA VAL B 771 -9.17 33.41 -12.30
C VAL B 771 -9.17 32.01 -12.93
N ILE B 772 -10.19 31.20 -12.61
CA ILE B 772 -10.37 29.79 -13.10
C ILE B 772 -10.48 29.84 -14.62
N TRP B 773 -11.36 30.70 -15.12
CA TRP B 773 -11.69 30.84 -16.56
C TRP B 773 -10.45 31.27 -17.34
N ARG B 774 -9.72 32.28 -16.84
CA ARG B 774 -8.50 32.83 -17.47
C ARG B 774 -7.42 31.74 -17.49
N TYR B 775 -7.21 31.03 -16.37
CA TYR B 775 -6.17 29.98 -16.24
C TYR B 775 -6.47 28.81 -17.19
N PHE B 776 -7.75 28.44 -17.33
CA PHE B 776 -8.19 27.32 -18.20
C PHE B 776 -7.79 27.64 -19.64
N HIS B 777 -8.16 28.83 -20.13
CA HIS B 777 -8.04 29.23 -21.56
C HIS B 777 -6.59 29.57 -21.91
N ASP B 778 -5.82 30.15 -20.98
CA ASP B 778 -4.41 30.59 -21.21
C ASP B 778 -3.45 29.38 -21.15
N THR B 779 -3.52 28.57 -20.09
CA THR B 779 -2.54 27.49 -19.78
C THR B 779 -3.11 26.12 -20.14
N LEU B 780 -4.19 25.69 -19.48
CA LEU B 780 -4.68 24.29 -19.54
C LEU B 780 -5.04 23.92 -20.99
N LEU B 781 -5.90 24.73 -21.64
CA LEU B 781 -6.43 24.43 -23.00
C LEU B 781 -5.27 24.22 -23.98
N ARG B 782 -4.18 24.98 -23.83
CA ARG B 782 -2.94 24.87 -24.64
C ARG B 782 -2.31 23.48 -24.42
N LYS B 783 -2.12 23.08 -23.15
CA LYS B 783 -1.52 21.76 -22.76
C LYS B 783 -2.39 20.62 -23.30
N TYR B 784 -3.72 20.71 -23.13
CA TYR B 784 -4.70 19.71 -23.61
C TYR B 784 -4.59 19.57 -25.13
N ALA B 785 -4.54 20.70 -25.84
CA ALA B 785 -4.48 20.76 -27.32
C ALA B 785 -3.24 20.04 -27.85
N GLU B 786 -2.10 20.20 -27.16
CA GLU B 786 -0.78 19.60 -27.52
C GLU B 786 -0.81 18.10 -27.21
N GLU B 787 -1.24 17.74 -25.99
CA GLU B 787 -1.29 16.35 -25.47
C GLU B 787 -2.14 15.44 -26.38
N ARG B 788 -3.24 15.97 -26.94
CA ARG B 788 -4.27 15.16 -27.65
C ARG B 788 -4.27 15.46 -29.16
N ASN B 789 -3.33 16.28 -29.65
CA ASN B 789 -3.20 16.64 -31.09
C ASN B 789 -4.51 17.24 -31.59
N GLY B 790 -5.00 18.27 -30.91
CA GLY B 790 -6.23 19.00 -31.27
C GLY B 790 -7.38 18.66 -30.34
N VAL B 791 -8.25 19.64 -30.05
CA VAL B 791 -9.40 19.50 -29.12
C VAL B 791 -10.59 20.29 -29.66
N ASN B 792 -11.70 19.63 -29.96
CA ASN B 792 -13.02 20.30 -30.12
C ASN B 792 -13.48 20.74 -28.73
N VAL B 793 -13.91 21.98 -28.57
CA VAL B 793 -14.43 22.51 -27.28
C VAL B 793 -15.89 22.95 -27.48
N VAL B 794 -16.75 22.58 -26.54
CA VAL B 794 -18.13 23.14 -26.40
C VAL B 794 -18.26 23.60 -24.94
N SER B 795 -18.53 24.87 -24.72
CA SER B 795 -18.71 25.47 -23.37
C SER B 795 -20.03 26.24 -23.34
N GLY B 796 -20.53 26.53 -22.14
CA GLY B 796 -21.83 27.19 -21.96
C GLY B 796 -22.22 27.33 -20.49
N PRO B 797 -23.30 28.09 -20.20
CA PRO B 797 -23.75 28.29 -18.83
C PRO B 797 -24.69 27.15 -18.40
N VAL B 798 -24.92 27.04 -17.09
CA VAL B 798 -25.86 26.08 -16.47
C VAL B 798 -26.71 26.83 -15.44
N PHE B 799 -28.03 26.68 -15.52
CA PHE B 799 -28.99 27.27 -14.56
C PHE B 799 -29.72 26.15 -13.82
N ASP B 800 -29.21 25.78 -12.63
CA ASP B 800 -29.85 24.77 -11.75
C ASP B 800 -30.08 25.41 -10.38
N PHE B 801 -31.11 26.25 -10.28
CA PHE B 801 -31.53 26.93 -9.03
C PHE B 801 -32.27 25.93 -8.13
N ASP B 802 -32.82 24.85 -8.71
CA ASP B 802 -33.52 23.76 -8.00
C ASP B 802 -32.55 22.72 -7.43
N TYR B 803 -31.26 22.81 -7.81
CA TYR B 803 -30.16 21.87 -7.42
C TYR B 803 -30.65 20.42 -7.55
N ASP B 804 -31.27 20.10 -8.69
CA ASP B 804 -31.88 18.77 -8.97
C ASP B 804 -31.17 18.11 -10.15
N GLY B 805 -30.07 18.69 -10.63
CA GLY B 805 -29.25 18.19 -11.75
C GLY B 805 -29.92 18.37 -13.11
N ARG B 806 -30.99 19.18 -13.15
CA ARG B 806 -31.83 19.41 -14.36
C ARG B 806 -31.87 20.90 -14.70
N CYS B 807 -31.73 21.23 -15.99
CA CYS B 807 -31.99 22.60 -16.55
C CYS B 807 -33.39 23.04 -16.12
N ASP B 808 -33.51 24.23 -15.53
CA ASP B 808 -34.82 24.80 -15.10
C ASP B 808 -35.54 25.34 -16.34
N SER B 809 -36.88 25.37 -16.30
CA SER B 809 -37.76 25.92 -17.37
C SER B 809 -37.50 27.42 -17.52
N LEU B 810 -37.78 27.98 -18.71
CA LEU B 810 -37.80 29.45 -18.94
C LEU B 810 -38.72 30.10 -17.91
N GLU B 811 -39.90 29.51 -17.67
CA GLU B 811 -40.92 30.01 -16.70
C GLU B 811 -40.26 30.20 -15.32
N ASN B 812 -39.65 29.15 -14.77
CA ASN B 812 -38.98 29.16 -13.44
C ASN B 812 -37.76 30.10 -13.47
N LEU B 813 -37.11 30.25 -14.62
CA LEU B 813 -35.90 31.10 -14.79
C LEU B 813 -36.26 32.59 -14.63
N ARG B 814 -37.41 33.01 -15.17
CA ARG B 814 -37.93 34.40 -15.06
C ARG B 814 -37.86 34.88 -13.61
N GLN B 815 -38.21 34.00 -12.65
CA GLN B 815 -38.42 34.31 -11.22
C GLN B 815 -37.12 34.22 -10.42
N LYS B 816 -36.00 33.83 -11.05
CA LYS B 816 -34.67 33.66 -10.40
C LYS B 816 -33.70 34.77 -10.85
N ARG B 817 -34.14 35.67 -11.74
CA ARG B 817 -33.30 36.76 -12.29
C ARG B 817 -33.02 37.77 -11.16
N ARG B 818 -31.77 38.26 -11.09
CA ARG B 818 -31.37 39.46 -10.31
C ARG B 818 -31.23 40.62 -11.29
N VAL B 819 -31.49 41.85 -10.85
CA VAL B 819 -31.21 43.08 -11.64
C VAL B 819 -30.33 43.98 -10.77
N ILE B 820 -29.14 44.32 -11.26
CA ILE B 820 -28.11 45.15 -10.57
C ILE B 820 -27.83 46.38 -11.46
N ARG B 821 -27.89 47.57 -10.87
CA ARG B 821 -27.87 48.89 -11.59
C ARG B 821 -28.87 48.83 -12.74
N ASN B 822 -30.09 48.35 -12.49
CA ASN B 822 -31.19 48.27 -13.49
C ASN B 822 -30.75 47.36 -14.64
N ILE B 825 -30.90 40.51 -15.08
CA ILE B 825 -29.77 39.58 -15.39
C ILE B 825 -30.07 38.21 -14.76
N LEU B 826 -29.73 37.12 -15.46
CA LEU B 826 -29.64 35.73 -14.93
C LEU B 826 -28.16 35.43 -14.71
N ILE B 827 -27.74 35.16 -13.47
CA ILE B 827 -26.33 34.76 -13.15
C ILE B 827 -26.26 33.23 -13.07
N PRO B 828 -25.50 32.58 -14.00
CA PRO B 828 -25.34 31.13 -14.03
C PRO B 828 -24.92 30.48 -12.70
N THR B 829 -25.51 29.32 -12.38
CA THR B 829 -25.16 28.48 -11.21
C THR B 829 -23.84 27.75 -11.49
N HIS B 830 -23.63 27.34 -12.75
CA HIS B 830 -22.41 26.61 -13.18
C HIS B 830 -22.05 26.97 -14.64
N PHE B 831 -20.85 26.60 -15.05
CA PHE B 831 -20.40 26.59 -16.47
C PHE B 831 -19.95 25.18 -16.83
N PHE B 832 -20.42 24.68 -17.98
CA PHE B 832 -20.03 23.36 -18.52
C PHE B 832 -18.96 23.54 -19.60
N ILE B 833 -18.02 22.60 -19.64
CA ILE B 833 -17.01 22.44 -20.74
C ILE B 833 -17.03 20.99 -21.19
N VAL B 834 -16.98 20.74 -22.50
CA VAL B 834 -16.87 19.38 -23.10
C VAL B 834 -15.71 19.39 -24.11
N LEU B 835 -14.60 18.75 -23.75
CA LEU B 835 -13.40 18.55 -24.61
C LEU B 835 -13.58 17.23 -25.37
N THR B 836 -13.28 17.22 -26.68
CA THR B 836 -13.39 16.03 -27.55
C THR B 836 -12.17 15.93 -28.47
N SER B 837 -11.40 14.85 -28.36
CA SER B 837 -10.28 14.47 -29.26
C SER B 837 -10.57 13.07 -29.82
N CYS B 838 -9.61 12.44 -30.50
CA CYS B 838 -9.69 11.00 -30.89
C CYS B 838 -8.93 10.16 -29.88
N LYS B 839 -9.35 8.90 -29.71
CA LYS B 839 -8.64 7.85 -28.91
C LYS B 839 -7.22 7.73 -29.46
N ASP B 840 -7.08 7.72 -30.79
CA ASP B 840 -5.77 7.70 -31.50
C ASP B 840 -5.33 9.15 -31.76
N THR B 841 -4.32 9.62 -31.02
CA THR B 841 -3.76 11.00 -31.12
C THR B 841 -3.26 11.26 -32.56
N SER B 842 -2.81 10.22 -33.28
CA SER B 842 -2.32 10.28 -34.69
C SER B 842 -3.30 11.07 -35.56
N GLN B 843 -4.59 10.77 -35.45
CA GLN B 843 -5.68 11.46 -36.20
C GLN B 843 -6.13 12.71 -35.41
N THR B 844 -6.76 13.67 -36.09
CA THR B 844 -7.18 14.97 -35.50
C THR B 844 -8.65 14.87 -35.10
N PRO B 845 -9.15 15.75 -34.20
CA PRO B 845 -10.58 15.81 -33.87
C PRO B 845 -11.63 15.75 -35.00
N LEU B 846 -11.24 16.14 -36.23
CA LEU B 846 -12.16 16.20 -37.41
C LEU B 846 -12.31 14.81 -38.04
N HIS B 847 -11.36 13.89 -37.79
CA HIS B 847 -11.31 12.53 -38.41
C HIS B 847 -11.02 11.46 -37.36
N CYS B 848 -11.93 11.29 -36.37
CA CYS B 848 -11.80 10.27 -35.29
C CYS B 848 -12.63 9.04 -35.65
N GLU B 849 -12.04 7.85 -35.54
CA GLU B 849 -12.77 6.56 -35.60
C GLU B 849 -13.44 6.32 -34.24
N ASN B 850 -12.80 6.77 -33.15
CA ASN B 850 -13.32 6.65 -31.76
C ASN B 850 -13.04 7.95 -31.00
N LEU B 851 -14.09 8.55 -30.41
CA LEU B 851 -14.01 9.80 -29.62
C LEU B 851 -13.48 9.49 -28.22
N ASP B 852 -12.55 10.32 -27.73
CA ASP B 852 -12.15 10.43 -26.30
C ASP B 852 -12.68 11.77 -25.78
N THR B 853 -13.54 11.75 -24.77
CA THR B 853 -14.22 12.94 -24.23
C THR B 853 -13.80 13.20 -22.78
N LEU B 854 -14.02 14.42 -22.32
CA LEU B 854 -13.74 14.91 -20.96
C LEU B 854 -14.67 16.10 -20.72
N ALA B 855 -15.53 16.04 -19.71
CA ALA B 855 -16.53 17.09 -19.41
C ALA B 855 -16.38 17.57 -17.98
N PHE B 856 -16.74 18.82 -17.73
CA PHE B 856 -16.72 19.48 -16.41
C PHE B 856 -18.02 20.27 -16.24
N ILE B 857 -18.49 20.34 -15.00
CA ILE B 857 -19.60 21.23 -14.55
C ILE B 857 -19.05 22.04 -13.40
N LEU B 858 -18.43 23.19 -13.72
CA LEU B 858 -17.67 24.04 -12.78
C LEU B 858 -18.64 24.94 -12.01
N PRO B 859 -18.54 24.99 -10.67
CA PRO B 859 -19.44 25.83 -9.88
C PRO B 859 -19.08 27.31 -10.04
N HIS B 860 -20.10 28.15 -10.23
CA HIS B 860 -19.97 29.62 -10.42
C HIS B 860 -20.19 30.34 -9.08
N ARG B 861 -19.12 30.60 -8.34
CA ARG B 861 -19.22 31.10 -6.93
C ARG B 861 -18.51 32.47 -6.80
N THR B 862 -18.90 33.24 -5.78
CA THR B 862 -18.46 34.65 -5.56
C THR B 862 -17.02 34.70 -5.05
N ASP B 863 -16.56 33.65 -4.36
CA ASP B 863 -15.15 33.52 -3.87
C ASP B 863 -14.61 32.14 -4.28
N ASN B 864 -13.31 31.92 -4.08
CA ASN B 864 -12.65 30.61 -4.33
C ASN B 864 -12.24 29.99 -2.99
N SER B 865 -13.14 30.02 -2.00
CA SER B 865 -12.94 29.39 -0.66
C SER B 865 -12.84 27.87 -0.82
N GLU B 866 -13.57 27.29 -1.78
CA GLU B 866 -13.60 25.83 -2.08
C GLU B 866 -12.18 25.31 -2.31
N SER B 867 -11.33 26.10 -2.98
CA SER B 867 -9.99 25.68 -3.45
C SER B 867 -8.89 26.05 -2.43
N CYS B 868 -9.21 26.80 -1.38
CA CYS B 868 -8.27 27.27 -0.33
C CYS B 868 -6.97 27.79 -0.96
N VAL B 869 -7.07 28.88 -1.73
CA VAL B 869 -5.91 29.49 -2.44
C VAL B 869 -5.50 30.76 -1.66
N HIS B 870 -4.22 30.85 -1.27
CA HIS B 870 -3.70 31.86 -0.29
C HIS B 870 -3.69 33.25 -0.92
N SER B 875 -1.03 28.10 -9.64
CA SER B 875 -2.47 27.78 -9.82
C SER B 875 -2.64 26.29 -10.17
N SER B 876 -2.02 25.41 -9.37
CA SER B 876 -2.15 23.93 -9.48
C SER B 876 -3.50 23.47 -8.89
N TRP B 877 -4.13 24.31 -8.07
CA TRP B 877 -5.46 24.10 -7.45
C TRP B 877 -6.58 24.13 -8.49
N VAL B 878 -6.37 24.83 -9.61
CA VAL B 878 -7.39 24.93 -10.70
C VAL B 878 -7.58 23.54 -11.31
N GLU B 879 -6.48 22.80 -11.53
CA GLU B 879 -6.51 21.42 -12.07
C GLU B 879 -7.32 20.54 -11.11
N GLU B 880 -7.03 20.62 -9.82
CA GLU B 880 -7.69 19.79 -8.77
C GLU B 880 -9.20 20.07 -8.78
N LEU B 881 -9.60 21.35 -8.89
CA LEU B 881 -11.03 21.75 -8.88
C LEU B 881 -11.72 21.22 -10.15
N LEU B 882 -11.05 21.29 -11.30
CA LEU B 882 -11.62 20.77 -12.57
C LEU B 882 -11.87 19.27 -12.38
N MET B 883 -10.86 18.54 -11.91
CA MET B 883 -10.96 17.05 -11.72
C MET B 883 -12.13 16.74 -10.79
N LEU B 884 -12.23 17.40 -9.64
CA LEU B 884 -13.29 17.13 -8.63
C LEU B 884 -14.66 17.32 -9.27
N HIS B 885 -14.78 18.27 -10.21
CA HIS B 885 -16.07 18.69 -10.82
C HIS B 885 -16.19 18.11 -12.23
N ARG B 886 -15.49 17.01 -12.51
CA ARG B 886 -15.63 16.29 -13.80
C ARG B 886 -17.05 15.70 -13.84
N ALA B 887 -17.59 15.47 -15.03
CA ALA B 887 -18.95 14.91 -15.20
C ALA B 887 -19.02 14.05 -16.47
N ARG B 888 -20.01 13.16 -16.49
CA ARG B 888 -20.41 12.41 -17.71
C ARG B 888 -21.05 13.43 -18.65
N ILE B 889 -20.87 13.26 -19.96
CA ILE B 889 -21.59 14.07 -20.98
C ILE B 889 -23.08 14.01 -20.67
N THR B 890 -23.61 12.84 -20.27
CA THR B 890 -25.02 12.65 -19.88
C THR B 890 -25.41 13.66 -18.78
N ASP B 891 -24.52 13.91 -17.82
CA ASP B 891 -24.78 14.85 -16.69
C ASP B 891 -24.98 16.26 -17.27
N VAL B 892 -24.07 16.67 -18.16
CA VAL B 892 -24.12 17.97 -18.89
C VAL B 892 -25.44 18.05 -19.67
N GLU B 893 -25.78 17.01 -20.43
CA GLU B 893 -27.02 16.95 -21.26
C GLU B 893 -28.23 17.23 -20.36
N HIS B 894 -28.32 16.54 -19.24
CA HIS B 894 -29.48 16.63 -18.31
C HIS B 894 -29.59 18.05 -17.74
N ILE B 895 -28.47 18.71 -17.45
CA ILE B 895 -28.45 19.98 -16.67
C ILE B 895 -28.51 21.19 -17.61
N THR B 896 -28.31 21.01 -18.92
CA THR B 896 -28.34 22.09 -19.95
C THR B 896 -29.55 21.95 -20.89
N GLY B 897 -30.13 20.76 -21.03
CA GLY B 897 -31.21 20.47 -22.00
C GLY B 897 -30.68 20.30 -23.42
N LEU B 898 -29.36 20.13 -23.56
CA LEU B 898 -28.68 19.94 -24.87
C LEU B 898 -28.38 18.45 -25.10
N SER B 899 -28.12 18.07 -26.34
CA SER B 899 -27.83 16.68 -26.78
C SER B 899 -26.77 16.71 -27.89
N PHE B 900 -25.63 16.06 -27.64
CA PHE B 900 -24.39 16.19 -28.45
C PHE B 900 -24.22 14.96 -29.37
N TYR B 901 -23.32 15.10 -30.35
CA TYR B 901 -22.75 14.01 -31.18
C TYR B 901 -23.83 13.32 -32.03
N GLN B 902 -24.95 14.00 -32.31
CA GLN B 902 -26.10 13.39 -33.05
C GLN B 902 -25.72 13.08 -34.51
N GLN B 903 -24.57 13.55 -35.00
CA GLN B 903 -24.14 13.36 -36.42
C GLN B 903 -23.03 12.31 -36.53
N ARG B 904 -22.56 11.72 -35.43
CA ARG B 904 -21.54 10.64 -35.49
C ARG B 904 -22.20 9.40 -36.10
N LYS B 905 -21.46 8.64 -36.91
CA LYS B 905 -21.99 7.53 -37.75
C LYS B 905 -22.12 6.24 -36.92
N GLU B 906 -21.56 6.20 -35.70
CA GLU B 906 -21.67 5.07 -34.74
C GLU B 906 -23.13 4.78 -34.43
N PRO B 907 -23.50 3.52 -34.07
CA PRO B 907 -24.83 3.23 -33.54
C PRO B 907 -25.09 4.01 -32.24
N VAL B 908 -26.36 4.27 -31.94
CA VAL B 908 -26.81 5.13 -30.81
C VAL B 908 -26.33 4.51 -29.48
N SER B 909 -26.48 3.19 -29.33
CA SER B 909 -26.05 2.44 -28.11
C SER B 909 -24.55 2.71 -27.83
N ASP B 910 -23.70 2.75 -28.85
CA ASP B 910 -22.25 3.03 -28.67
C ASP B 910 -22.07 4.48 -28.19
N ILE B 911 -22.85 5.43 -28.72
CA ILE B 911 -22.77 6.87 -28.34
C ILE B 911 -23.23 7.00 -26.88
N LEU B 912 -24.34 6.34 -26.51
CA LEU B 912 -24.83 6.32 -25.11
C LEU B 912 -23.71 5.83 -24.17
N LYS B 913 -23.01 4.76 -24.56
CA LYS B 913 -21.90 4.19 -23.76
C LYS B 913 -20.90 5.30 -23.48
N LEU B 914 -20.53 6.04 -24.54
CA LEU B 914 -19.57 7.17 -24.49
C LEU B 914 -20.10 8.29 -23.58
N LYS B 915 -21.38 8.62 -23.69
CA LYS B 915 -21.97 9.77 -22.96
C LYS B 915 -22.05 9.47 -21.46
N THR B 916 -22.26 8.20 -21.07
CA THR B 916 -22.40 7.76 -19.65
C THR B 916 -21.02 7.53 -19.02
N HIS B 917 -19.94 7.57 -19.79
CA HIS B 917 -18.56 7.39 -19.27
C HIS B 917 -18.20 8.53 -18.32
N LEU B 918 -17.64 8.20 -17.16
CA LEU B 918 -16.93 9.19 -16.30
C LEU B 918 -15.43 8.96 -16.47
N PRO B 919 -14.63 10.02 -16.70
CA PRO B 919 -13.19 9.85 -16.90
C PRO B 919 -12.46 9.53 -15.58
N THR B 920 -11.31 8.84 -15.68
CA THR B 920 -10.23 8.82 -14.65
C THR B 920 -8.90 9.19 -15.33
#